data_5IX9
#
_entry.id   5IX9
#
_entity_poly.entity_id   1
_entity_poly.type   'polypeptide(L)'
_entity_poly.pdbx_seq_one_letter_code
;MSDNQFPFATLGNAIGFITKLDGSVTVQSINGQERVLKLGDPIFFGETVLTGGSGSVTIAFVDGTDVVIGGDSIVEMTDE
IYNTGDNEDLVADSSSEIDALQNAILAGDDPTLIQDAPAAGNTLADQQRVDVSIERNDNSAQAGFGVDTQSSLPTYGYDT
DNGNGGQATEREYSAPSLSRTLNQSPLLEHHHHHH
;
_entity_poly.pdbx_strand_id   A
#
# COMPACT_ATOMS: atom_id res chain seq x y z
N GLY A 12 8.72 -11.54 -3.79
CA GLY A 12 8.57 -10.07 -3.76
C GLY A 12 9.19 -9.46 -2.53
N ASN A 13 9.76 -8.28 -2.67
CA ASN A 13 10.40 -7.61 -1.55
C ASN A 13 9.48 -6.53 -1.00
N ALA A 14 9.53 -6.35 0.30
CA ALA A 14 8.68 -5.37 0.96
C ALA A 14 9.22 -3.97 0.74
N ILE A 15 8.46 -3.17 0.02
CA ILE A 15 8.89 -1.87 -0.42
C ILE A 15 8.45 -0.77 0.56
N GLY A 16 7.54 -1.12 1.45
CA GLY A 16 7.06 -0.15 2.43
C GLY A 16 6.23 -0.81 3.49
N PHE A 17 5.79 -0.02 4.46
CA PHE A 17 5.07 -0.54 5.61
C PHE A 17 3.97 0.41 6.04
N ILE A 18 2.92 -0.14 6.63
CA ILE A 18 1.77 0.66 7.05
C ILE A 18 2.04 1.37 8.35
N THR A 19 1.87 2.69 8.34
CA THR A 19 2.05 3.50 9.53
C THR A 19 0.74 4.11 9.99
N LYS A 20 -0.17 4.29 9.03
CA LYS A 20 -1.52 4.75 9.29
C LYS A 20 -2.49 3.95 8.45
N LEU A 21 -3.62 3.58 9.03
CA LEU A 21 -4.62 2.83 8.30
C LEU A 21 -5.99 3.11 8.88
N ASP A 22 -6.98 3.14 8.02
CA ASP A 22 -8.35 3.37 8.44
C ASP A 22 -9.33 2.78 7.44
N GLY A 23 -10.54 2.48 7.91
CA GLY A 23 -11.59 1.99 7.04
C GLY A 23 -11.37 0.56 6.61
N SER A 24 -11.95 0.19 5.49
CA SER A 24 -11.82 -1.15 4.96
C SER A 24 -10.75 -1.17 3.87
N VAL A 25 -9.78 -2.05 4.02
CA VAL A 25 -8.67 -2.10 3.08
C VAL A 25 -8.28 -3.55 2.77
N THR A 26 -7.73 -3.72 1.58
CA THR A 26 -7.25 -5.00 1.10
C THR A 26 -6.11 -4.77 0.12
N VAL A 27 -5.27 -5.77 -0.11
CA VAL A 27 -4.24 -5.65 -1.11
C VAL A 27 -4.21 -6.90 -1.99
N GLN A 28 -4.18 -6.69 -3.29
CA GLN A 28 -4.12 -7.78 -4.24
C GLN A 28 -2.69 -8.01 -4.66
N SER A 29 -2.06 -8.99 -4.05
CA SER A 29 -0.68 -9.31 -4.36
C SER A 29 -0.55 -9.74 -5.82
N ILE A 30 0.67 -9.90 -6.30
CA ILE A 30 0.93 -10.11 -7.73
C ILE A 30 0.37 -11.42 -8.28
N ASN A 31 -0.24 -12.22 -7.42
CA ASN A 31 -0.94 -13.43 -7.86
C ASN A 31 -2.42 -13.15 -7.97
N GLY A 32 -2.80 -11.93 -7.62
CA GLY A 32 -4.19 -11.54 -7.61
C GLY A 32 -4.86 -11.97 -6.33
N GLN A 33 -4.02 -12.32 -5.37
CA GLN A 33 -4.48 -12.76 -4.06
C GLN A 33 -4.73 -11.57 -3.17
N GLU A 34 -5.98 -11.41 -2.74
CA GLU A 34 -6.36 -10.28 -1.91
C GLU A 34 -6.09 -10.59 -0.45
N ARG A 35 -5.16 -9.85 0.11
CA ARG A 35 -4.79 -9.96 1.51
C ARG A 35 -5.33 -8.76 2.26
N VAL A 36 -5.86 -8.99 3.46
CA VAL A 36 -6.35 -7.89 4.27
C VAL A 36 -5.17 -7.15 4.88
N LEU A 37 -5.27 -5.84 4.94
CA LEU A 37 -4.17 -5.06 5.49
C LEU A 37 -4.52 -4.51 6.85
N LYS A 38 -3.49 -4.45 7.69
CA LYS A 38 -3.58 -3.90 9.02
C LYS A 38 -2.36 -3.04 9.25
N LEU A 39 -2.33 -2.27 10.34
CA LEU A 39 -1.17 -1.43 10.59
C LEU A 39 0.07 -2.29 10.76
N GLY A 40 1.17 -1.84 10.21
CA GLY A 40 2.40 -2.56 10.37
C GLY A 40 2.56 -3.70 9.38
N ASP A 41 1.66 -3.78 8.39
CA ASP A 41 1.80 -4.79 7.36
C ASP A 41 2.79 -4.32 6.30
N PRO A 42 3.52 -5.25 5.70
CA PRO A 42 4.46 -4.95 4.65
C PRO A 42 3.82 -4.84 3.26
N ILE A 43 4.14 -3.77 2.57
CA ILE A 43 3.71 -3.57 1.21
C ILE A 43 4.81 -4.04 0.27
N PHE A 44 4.42 -4.73 -0.77
CA PHE A 44 5.36 -5.28 -1.72
C PHE A 44 5.10 -4.69 -3.10
N PHE A 45 6.12 -4.72 -3.95
CA PHE A 45 6.05 -4.08 -5.25
C PHE A 45 5.17 -4.89 -6.20
N GLY A 46 4.06 -4.30 -6.62
CA GLY A 46 3.19 -4.96 -7.58
C GLY A 46 1.81 -5.27 -7.04
N GLU A 47 1.55 -4.99 -5.77
CA GLU A 47 0.25 -5.32 -5.19
C GLU A 47 -0.76 -4.22 -5.45
N THR A 48 -2.01 -4.63 -5.58
CA THR A 48 -3.10 -3.72 -5.88
C THR A 48 -3.93 -3.44 -4.63
N VAL A 49 -3.82 -2.24 -4.09
CA VAL A 49 -4.52 -1.93 -2.85
C VAL A 49 -5.97 -1.57 -3.13
N LEU A 50 -6.86 -2.15 -2.35
CA LEU A 50 -8.30 -1.97 -2.50
C LEU A 50 -8.89 -1.42 -1.22
N THR A 51 -9.28 -0.16 -1.24
CA THR A 51 -9.90 0.45 -0.08
C THR A 51 -11.39 0.58 -0.29
N GLY A 52 -12.13 0.56 0.80
CA GLY A 52 -13.56 0.69 0.72
C GLY A 52 -14.10 1.74 1.66
N GLY A 53 -15.01 2.56 1.15
CA GLY A 53 -15.66 3.58 1.95
C GLY A 53 -14.68 4.54 2.61
N SER A 54 -14.54 4.42 3.92
CA SER A 54 -13.74 5.35 4.71
C SER A 54 -12.30 4.86 4.82
N GLY A 55 -11.84 4.13 3.81
CA GLY A 55 -10.47 3.66 3.79
C GLY A 55 -9.46 4.79 3.67
N SER A 56 -8.42 4.74 4.49
CA SER A 56 -7.31 5.68 4.38
C SER A 56 -6.05 5.02 4.92
N VAL A 57 -5.02 4.93 4.10
CA VAL A 57 -3.83 4.19 4.46
C VAL A 57 -2.57 4.98 4.16
N THR A 58 -1.61 4.92 5.06
CA THR A 58 -0.31 5.54 4.87
C THR A 58 0.76 4.46 4.78
N ILE A 59 1.31 4.31 3.59
CA ILE A 59 2.38 3.36 3.36
C ILE A 59 3.72 4.05 3.35
N ALA A 60 4.42 3.93 4.45
CA ALA A 60 5.74 4.51 4.56
C ALA A 60 6.75 3.62 3.85
N PHE A 61 7.22 4.09 2.71
CA PHE A 61 8.14 3.32 1.89
C PHE A 61 9.51 3.22 2.54
N VAL A 62 10.17 2.11 2.26
CA VAL A 62 11.41 1.76 2.92
C VAL A 62 12.58 2.56 2.35
N ASP A 63 12.29 3.45 1.40
CA ASP A 63 13.29 4.35 0.83
C ASP A 63 13.33 5.66 1.61
N GLY A 64 12.25 5.95 2.31
CA GLY A 64 12.19 7.19 3.08
C GLY A 64 10.93 8.00 2.78
N THR A 65 10.29 7.70 1.66
CA THR A 65 9.06 8.38 1.29
C THR A 65 7.85 7.74 1.94
N ASP A 66 6.68 8.37 1.82
CA ASP A 66 5.44 7.80 2.31
C ASP A 66 4.39 7.86 1.22
N VAL A 67 3.18 7.41 1.53
CA VAL A 67 2.09 7.43 0.57
C VAL A 67 0.77 7.34 1.30
N VAL A 68 -0.27 7.91 0.72
CA VAL A 68 -1.59 7.86 1.31
C VAL A 68 -2.63 7.37 0.30
N ILE A 69 -3.44 6.41 0.72
CA ILE A 69 -4.46 5.83 -0.13
C ILE A 69 -5.83 6.32 0.32
N GLY A 70 -6.66 6.68 -0.65
CA GLY A 70 -8.00 7.17 -0.35
C GLY A 70 -8.97 6.05 -0.04
N GLY A 71 -10.25 6.37 -0.05
CA GLY A 71 -11.27 5.41 0.34
C GLY A 71 -12.14 5.02 -0.82
N ASP A 72 -12.53 3.74 -0.85
CA ASP A 72 -13.24 3.17 -1.99
C ASP A 72 -12.41 3.38 -3.26
N SER A 73 -11.10 3.40 -3.07
CA SER A 73 -10.16 3.61 -4.15
C SER A 73 -9.34 2.34 -4.40
N ILE A 74 -8.70 2.30 -5.56
CA ILE A 74 -7.87 1.17 -5.94
C ILE A 74 -6.61 1.66 -6.65
N VAL A 75 -5.45 1.21 -6.18
CA VAL A 75 -4.19 1.66 -6.74
C VAL A 75 -3.16 0.54 -6.64
N GLU A 76 -2.29 0.43 -7.63
CA GLU A 76 -1.30 -0.63 -7.64
C GLU A 76 0.06 -0.08 -7.25
N MET A 77 0.74 -0.78 -6.36
CA MET A 77 2.04 -0.35 -5.86
C MET A 77 3.09 -0.46 -6.94
N THR A 78 3.24 0.61 -7.71
CA THR A 78 4.14 0.63 -8.84
C THR A 78 5.28 1.65 -8.63
N ASP A 79 5.98 1.98 -9.71
CA ASP A 79 7.11 2.91 -9.64
C ASP A 79 6.63 4.32 -9.32
N GLU A 80 5.54 4.73 -9.95
CA GLU A 80 4.96 6.04 -9.67
C GLU A 80 4.55 6.15 -8.22
N ILE A 81 4.18 5.02 -7.67
CA ILE A 81 3.83 4.89 -6.27
C ILE A 81 5.08 4.98 -5.40
N TYR A 82 6.06 4.15 -5.71
CA TYR A 82 7.27 4.06 -4.93
C TYR A 82 8.42 4.76 -5.64
N ASN A 83 8.44 6.08 -5.53
CA ASN A 83 9.52 6.88 -6.08
C ASN A 83 10.74 6.79 -5.19
N THR A 84 11.75 6.06 -5.63
CA THR A 84 12.96 5.86 -4.86
C THR A 84 13.90 7.05 -5.00
N GLY A 85 14.40 7.54 -3.87
CA GLY A 85 15.28 8.69 -3.86
C GLY A 85 16.72 8.30 -4.09
N ASP A 86 17.14 7.20 -3.47
CA ASP A 86 18.52 6.74 -3.62
C ASP A 86 18.66 5.94 -4.91
N ASN A 87 18.23 4.68 -4.87
CA ASN A 87 18.28 3.82 -6.04
C ASN A 87 17.49 2.55 -5.79
N GLY A 12 9.91 -8.74 -6.12
CA GLY A 12 8.91 -8.48 -5.06
C GLY A 12 9.48 -7.64 -3.93
N ASN A 13 9.70 -8.28 -2.79
CA ASN A 13 10.26 -7.63 -1.59
C ASN A 13 9.27 -6.65 -0.98
N ALA A 14 9.31 -6.51 0.34
CA ALA A 14 8.47 -5.56 1.03
C ALA A 14 9.06 -4.16 0.89
N ILE A 15 8.36 -3.35 0.12
CA ILE A 15 8.85 -2.04 -0.29
C ILE A 15 8.43 -0.93 0.65
N GLY A 16 7.47 -1.23 1.52
CA GLY A 16 6.99 -0.25 2.46
C GLY A 16 6.13 -0.87 3.52
N PHE A 17 5.70 -0.06 4.48
CA PHE A 17 4.95 -0.57 5.61
C PHE A 17 3.86 0.40 6.04
N ILE A 18 2.80 -0.15 6.59
CA ILE A 18 1.65 0.66 7.00
C ILE A 18 1.93 1.37 8.33
N THR A 19 1.82 2.69 8.34
CA THR A 19 2.04 3.45 9.56
C THR A 19 0.75 4.15 9.99
N LYS A 20 -0.15 4.33 9.04
CA LYS A 20 -1.49 4.83 9.33
C LYS A 20 -2.47 4.06 8.46
N LEU A 21 -3.61 3.71 9.02
CA LEU A 21 -4.60 2.96 8.27
C LEU A 21 -5.98 3.24 8.83
N ASP A 22 -6.98 3.25 7.96
CA ASP A 22 -8.35 3.49 8.38
C ASP A 22 -9.32 2.69 7.52
N GLY A 23 -10.48 2.38 8.09
CA GLY A 23 -11.55 1.80 7.32
C GLY A 23 -11.28 0.38 6.84
N SER A 24 -11.85 0.04 5.69
CA SER A 24 -11.72 -1.28 5.13
C SER A 24 -10.67 -1.28 4.04
N VAL A 25 -9.67 -2.13 4.16
CA VAL A 25 -8.61 -2.19 3.17
C VAL A 25 -8.26 -3.64 2.80
N THR A 26 -7.77 -3.80 1.59
CA THR A 26 -7.37 -5.08 1.05
C THR A 26 -6.27 -4.86 0.04
N VAL A 27 -5.46 -5.88 -0.23
CA VAL A 27 -4.46 -5.74 -1.26
C VAL A 27 -4.41 -6.99 -2.15
N GLN A 28 -4.36 -6.77 -3.44
CA GLN A 28 -4.26 -7.82 -4.43
C GLN A 28 -2.83 -7.96 -4.88
N SER A 29 -2.14 -8.97 -4.39
CA SER A 29 -0.72 -9.14 -4.68
C SER A 29 -0.46 -9.32 -6.18
N ILE A 30 0.79 -9.45 -6.58
CA ILE A 30 1.11 -9.68 -7.99
C ILE A 30 0.45 -10.95 -8.50
N ASN A 31 0.16 -11.87 -7.59
CA ASN A 31 -0.52 -13.11 -7.93
C ASN A 31 -2.00 -12.86 -8.12
N GLY A 32 -2.46 -11.72 -7.64
CA GLY A 32 -3.87 -11.40 -7.70
C GLY A 32 -4.58 -11.81 -6.44
N GLN A 33 -3.79 -12.24 -5.46
CA GLN A 33 -4.31 -12.69 -4.19
C GLN A 33 -4.68 -11.51 -3.31
N GLU A 34 -5.96 -11.39 -3.01
CA GLU A 34 -6.43 -10.35 -2.12
C GLU A 34 -6.23 -10.76 -0.68
N ARG A 35 -5.43 -9.98 0.04
CA ARG A 35 -5.23 -10.19 1.45
C ARG A 35 -5.66 -8.94 2.20
N VAL A 36 -5.74 -9.04 3.51
CA VAL A 36 -6.17 -7.91 4.31
C VAL A 36 -4.96 -7.19 4.85
N LEU A 37 -5.07 -5.87 4.94
CA LEU A 37 -3.98 -5.08 5.44
C LEU A 37 -4.34 -4.46 6.77
N LYS A 38 -3.30 -4.04 7.49
CA LYS A 38 -3.46 -3.43 8.80
C LYS A 38 -2.22 -2.65 9.14
N LEU A 39 -2.20 -1.96 10.26
CA LEU A 39 -1.04 -1.18 10.62
C LEU A 39 0.17 -2.09 10.78
N GLY A 40 1.32 -1.60 10.37
CA GLY A 40 2.52 -2.38 10.53
C GLY A 40 2.62 -3.50 9.51
N ASP A 41 1.69 -3.53 8.56
CA ASP A 41 1.71 -4.54 7.52
C ASP A 41 2.61 -4.11 6.36
N PRO A 42 3.32 -5.08 5.79
CA PRO A 42 4.25 -4.86 4.69
C PRO A 42 3.57 -4.74 3.34
N ILE A 43 3.99 -3.75 2.58
CA ILE A 43 3.56 -3.58 1.20
C ILE A 43 4.64 -4.10 0.27
N PHE A 44 4.22 -4.82 -0.74
CA PHE A 44 5.15 -5.41 -1.69
C PHE A 44 4.93 -4.81 -3.08
N PHE A 45 5.98 -4.82 -3.88
CA PHE A 45 5.95 -4.16 -5.19
C PHE A 45 5.09 -4.94 -6.16
N GLY A 46 3.99 -4.32 -6.58
CA GLY A 46 3.11 -4.95 -7.53
C GLY A 46 1.75 -5.28 -6.96
N GLU A 47 1.52 -4.97 -5.69
CA GLU A 47 0.23 -5.27 -5.09
C GLU A 47 -0.78 -4.18 -5.41
N THR A 48 -2.03 -4.58 -5.52
CA THR A 48 -3.11 -3.69 -5.87
C THR A 48 -3.99 -3.41 -4.66
N VAL A 49 -3.88 -2.22 -4.11
CA VAL A 49 -4.59 -1.92 -2.87
C VAL A 49 -6.04 -1.55 -3.15
N LEU A 50 -6.93 -2.26 -2.48
CA LEU A 50 -8.36 -2.06 -2.59
C LEU A 50 -8.90 -1.52 -1.28
N THR A 51 -9.23 -0.25 -1.25
CA THR A 51 -9.79 0.33 -0.04
C THR A 51 -11.30 0.47 -0.18
N GLY A 52 -11.97 0.53 0.94
CA GLY A 52 -13.41 0.70 0.94
C GLY A 52 -13.84 1.65 2.03
N GLY A 53 -14.81 2.49 1.71
CA GLY A 53 -15.32 3.46 2.65
C GLY A 53 -14.27 4.45 3.09
N SER A 54 -14.00 4.51 4.38
CA SER A 54 -13.03 5.46 4.91
C SER A 54 -11.62 4.87 4.88
N GLY A 55 -11.40 3.93 3.96
CA GLY A 55 -10.11 3.29 3.83
C GLY A 55 -8.98 4.28 3.55
N SER A 56 -8.30 4.72 4.60
CA SER A 56 -7.25 5.73 4.48
C SER A 56 -5.95 5.15 4.98
N VAL A 57 -5.01 4.97 4.08
CA VAL A 57 -3.80 4.22 4.41
C VAL A 57 -2.54 5.00 4.09
N THR A 58 -1.65 5.05 5.06
CA THR A 58 -0.35 5.67 4.88
C THR A 58 0.72 4.59 4.81
N ILE A 59 1.26 4.42 3.63
CA ILE A 59 2.33 3.46 3.42
C ILE A 59 3.67 4.15 3.45
N ALA A 60 4.39 3.97 4.54
CA ALA A 60 5.72 4.52 4.66
C ALA A 60 6.69 3.61 3.93
N PHE A 61 7.14 4.06 2.78
CA PHE A 61 8.03 3.27 1.96
C PHE A 61 9.41 3.18 2.59
N VAL A 62 10.04 2.04 2.38
CA VAL A 62 11.29 1.69 3.03
C VAL A 62 12.46 2.51 2.49
N ASP A 63 12.16 3.42 1.56
CA ASP A 63 13.18 4.31 0.98
C ASP A 63 13.20 5.64 1.74
N GLY A 64 12.09 5.94 2.41
CA GLY A 64 11.99 7.20 3.13
C GLY A 64 10.77 8.00 2.73
N THR A 65 10.19 7.65 1.58
CA THR A 65 8.99 8.32 1.09
C THR A 65 7.74 7.73 1.74
N ASP A 66 6.66 8.50 1.80
CA ASP A 66 5.40 8.03 2.38
C ASP A 66 4.25 8.36 1.45
N VAL A 67 3.27 7.46 1.36
CA VAL A 67 2.11 7.69 0.54
C VAL A 67 0.83 7.57 1.34
N VAL A 68 -0.25 7.99 0.72
CA VAL A 68 -1.57 7.89 1.35
C VAL A 68 -2.61 7.45 0.32
N ILE A 69 -3.42 6.48 0.71
CA ILE A 69 -4.45 5.95 -0.16
C ILE A 69 -5.82 6.45 0.29
N GLY A 70 -6.64 6.86 -0.67
CA GLY A 70 -7.98 7.31 -0.35
C GLY A 70 -8.93 6.14 -0.18
N GLY A 71 -10.18 6.44 0.13
CA GLY A 71 -11.13 5.41 0.48
C GLY A 71 -11.94 5.00 -0.71
N ASP A 72 -12.39 3.75 -0.71
CA ASP A 72 -13.03 3.14 -1.88
C ASP A 72 -12.17 3.34 -3.13
N SER A 73 -10.87 3.43 -2.93
CA SER A 73 -9.93 3.61 -4.02
C SER A 73 -9.19 2.31 -4.32
N ILE A 74 -8.61 2.23 -5.51
CA ILE A 74 -7.83 1.08 -5.92
C ILE A 74 -6.59 1.55 -6.66
N VAL A 75 -5.42 1.14 -6.19
CA VAL A 75 -4.16 1.56 -6.80
C VAL A 75 -3.11 0.46 -6.68
N GLU A 76 -2.37 0.24 -7.75
CA GLU A 76 -1.33 -0.76 -7.77
C GLU A 76 0.01 -0.16 -7.37
N MET A 77 0.69 -0.83 -6.45
CA MET A 77 1.98 -0.35 -5.93
C MET A 77 3.07 -0.50 -6.99
N THR A 78 3.24 0.52 -7.81
CA THR A 78 4.21 0.50 -8.88
C THR A 78 5.35 1.47 -8.59
N ASP A 79 6.17 1.75 -9.60
CA ASP A 79 7.28 2.68 -9.44
C ASP A 79 6.75 4.12 -9.36
N GLU A 80 5.59 4.35 -9.99
CA GLU A 80 4.92 5.64 -9.88
C GLU A 80 4.47 5.87 -8.44
N ILE A 81 4.18 4.78 -7.77
CA ILE A 81 3.81 4.79 -6.38
C ILE A 81 5.04 4.89 -5.48
N TYR A 82 5.97 3.98 -5.70
CA TYR A 82 7.19 3.91 -4.91
C TYR A 82 8.32 4.61 -5.64
N ASN A 83 8.33 5.92 -5.56
CA ASN A 83 9.39 6.72 -6.18
C ASN A 83 10.62 6.72 -5.29
N THR A 84 11.58 5.87 -5.62
CA THR A 84 12.79 5.74 -4.85
C THR A 84 13.69 6.96 -5.03
N GLY A 85 14.22 7.46 -3.92
CA GLY A 85 15.12 8.59 -3.98
C GLY A 85 14.76 9.67 -2.99
N ASP A 86 14.41 9.28 -1.76
CA ASP A 86 14.15 10.24 -0.70
C ASP A 86 15.42 10.98 -0.33
N ASN A 87 16.53 10.26 -0.36
CA ASN A 87 17.83 10.86 -0.13
C ASN A 87 18.44 11.28 -1.46
N GLY A 12 9.69 -7.96 -6.48
CA GLY A 12 8.90 -8.10 -5.23
C GLY A 12 9.50 -7.33 -4.09
N ASN A 13 9.78 -8.01 -2.98
CA ASN A 13 10.39 -7.40 -1.78
C ASN A 13 9.41 -6.46 -1.11
N ALA A 14 9.57 -6.29 0.19
CA ALA A 14 8.74 -5.36 0.94
C ALA A 14 9.28 -3.95 0.78
N ILE A 15 8.52 -3.16 0.05
CA ILE A 15 8.96 -1.84 -0.36
C ILE A 15 8.47 -0.75 0.59
N GLY A 16 7.55 -1.11 1.47
CA GLY A 16 7.06 -0.18 2.45
C GLY A 16 6.25 -0.85 3.52
N PHE A 17 5.76 -0.08 4.48
CA PHE A 17 5.04 -0.64 5.60
C PHE A 17 3.91 0.30 6.02
N ILE A 18 2.87 -0.27 6.59
CA ILE A 18 1.72 0.53 7.05
C ILE A 18 2.02 1.19 8.38
N THR A 19 1.92 2.51 8.42
CA THR A 19 2.16 3.25 9.65
C THR A 19 0.90 3.96 10.11
N LYS A 20 -0.01 4.17 9.18
CA LYS A 20 -1.33 4.70 9.49
C LYS A 20 -2.34 3.99 8.61
N LEU A 21 -3.53 3.75 9.14
CA LEU A 21 -4.54 3.04 8.39
C LEU A 21 -5.93 3.33 8.95
N ASP A 22 -6.92 3.34 8.06
CA ASP A 22 -8.30 3.59 8.46
C ASP A 22 -9.27 2.94 7.48
N GLY A 23 -10.46 2.59 7.97
CA GLY A 23 -11.51 2.10 7.11
C GLY A 23 -11.29 0.66 6.67
N SER A 24 -11.87 0.31 5.53
CA SER A 24 -11.80 -1.03 5.02
C SER A 24 -10.79 -1.11 3.90
N VAL A 25 -9.78 -1.96 4.07
CA VAL A 25 -8.71 -2.05 3.08
C VAL A 25 -8.31 -3.51 2.83
N THR A 26 -7.83 -3.73 1.63
CA THR A 26 -7.35 -5.04 1.20
C THR A 26 -6.25 -4.82 0.16
N VAL A 27 -5.40 -5.81 -0.07
CA VAL A 27 -4.42 -5.69 -1.13
C VAL A 27 -4.38 -6.94 -1.99
N GLN A 28 -4.33 -6.75 -3.28
CA GLN A 28 -4.25 -7.83 -4.25
C GLN A 28 -2.83 -7.98 -4.72
N SER A 29 -2.13 -8.97 -4.21
CA SER A 29 -0.73 -9.17 -4.59
C SER A 29 -0.62 -9.49 -6.09
N ILE A 30 0.59 -9.54 -6.62
CA ILE A 30 0.77 -9.70 -8.07
C ILE A 30 0.04 -10.92 -8.63
N ASN A 31 -0.06 -11.98 -7.84
CA ASN A 31 -0.74 -13.20 -8.26
C ASN A 31 -2.26 -13.08 -8.13
N GLY A 32 -2.71 -11.96 -7.57
CA GLY A 32 -4.13 -11.66 -7.49
C GLY A 32 -4.73 -12.07 -6.17
N GLN A 33 -3.88 -12.32 -5.20
CA GLN A 33 -4.31 -12.75 -3.89
C GLN A 33 -4.64 -11.55 -3.00
N GLU A 34 -5.90 -11.45 -2.62
CA GLU A 34 -6.36 -10.37 -1.77
C GLU A 34 -6.10 -10.70 -0.30
N ARG A 35 -5.27 -9.90 0.35
CA ARG A 35 -4.99 -10.07 1.76
C ARG A 35 -5.42 -8.83 2.53
N VAL A 36 -5.45 -8.95 3.84
CA VAL A 36 -5.90 -7.86 4.68
C VAL A 36 -4.73 -7.02 5.14
N LEU A 37 -4.89 -5.71 5.07
CA LEU A 37 -3.85 -4.82 5.53
C LEU A 37 -4.22 -4.24 6.87
N LYS A 38 -3.38 -4.53 7.83
CA LYS A 38 -3.47 -3.98 9.16
C LYS A 38 -2.25 -3.11 9.39
N LEU A 39 -2.17 -2.45 10.52
CA LEU A 39 -1.00 -1.62 10.76
C LEU A 39 0.22 -2.51 10.91
N GLY A 40 1.30 -2.13 10.27
CA GLY A 40 2.50 -2.88 10.40
C GLY A 40 2.70 -3.88 9.29
N ASP A 41 1.65 -4.11 8.50
CA ASP A 41 1.78 -4.99 7.34
C ASP A 41 2.67 -4.35 6.31
N PRO A 42 3.52 -5.16 5.68
CA PRO A 42 4.46 -4.70 4.67
C PRO A 42 3.83 -4.65 3.29
N ILE A 43 4.22 -3.67 2.50
CA ILE A 43 3.75 -3.56 1.13
C ILE A 43 4.82 -4.07 0.18
N PHE A 44 4.41 -4.80 -0.83
CA PHE A 44 5.33 -5.37 -1.79
C PHE A 44 5.10 -4.75 -3.15
N PHE A 45 6.15 -4.65 -3.95
CA PHE A 45 6.09 -4.00 -5.25
C PHE A 45 5.22 -4.81 -6.22
N GLY A 46 4.06 -4.28 -6.53
CA GLY A 46 3.19 -4.95 -7.49
C GLY A 46 1.80 -5.25 -6.94
N GLU A 47 1.56 -4.96 -5.67
CA GLU A 47 0.26 -5.27 -5.09
C GLU A 47 -0.77 -4.20 -5.42
N THR A 48 -2.02 -4.61 -5.50
CA THR A 48 -3.11 -3.74 -5.86
C THR A 48 -4.00 -3.45 -4.64
N VAL A 49 -3.92 -2.25 -4.12
CA VAL A 49 -4.66 -1.93 -2.91
C VAL A 49 -6.12 -1.66 -3.21
N LEU A 50 -6.97 -2.19 -2.38
CA LEU A 50 -8.42 -2.09 -2.53
C LEU A 50 -9.02 -1.48 -1.29
N THR A 51 -9.31 -0.19 -1.33
CA THR A 51 -9.90 0.48 -0.19
C THR A 51 -11.40 0.65 -0.40
N GLY A 52 -12.12 0.72 0.69
CA GLY A 52 -13.54 0.92 0.64
C GLY A 52 -13.95 2.22 1.29
N GLY A 53 -15.18 2.27 1.79
CA GLY A 53 -15.68 3.48 2.41
C GLY A 53 -14.86 3.89 3.61
N SER A 54 -14.49 5.17 3.64
CA SER A 54 -13.68 5.73 4.73
C SER A 54 -12.29 5.08 4.76
N GLY A 55 -11.89 4.46 3.66
CA GLY A 55 -10.59 3.86 3.57
C GLY A 55 -9.49 4.91 3.53
N SER A 56 -8.46 4.73 4.34
CA SER A 56 -7.30 5.60 4.32
C SER A 56 -6.08 4.82 4.80
N VAL A 57 -4.97 4.95 4.11
CA VAL A 57 -3.77 4.17 4.46
C VAL A 57 -2.51 4.97 4.21
N THR A 58 -1.63 4.98 5.19
CA THR A 58 -0.33 5.60 5.04
C THR A 58 0.74 4.52 4.93
N ILE A 59 1.25 4.35 3.72
CA ILE A 59 2.31 3.40 3.48
C ILE A 59 3.65 4.11 3.49
N ALA A 60 4.36 3.94 4.58
CA ALA A 60 5.68 4.50 4.72
C ALA A 60 6.67 3.63 3.95
N PHE A 61 7.12 4.10 2.82
CA PHE A 61 8.02 3.36 1.98
C PHE A 61 9.40 3.27 2.60
N VAL A 62 10.04 2.14 2.35
CA VAL A 62 11.28 1.78 3.03
C VAL A 62 12.45 2.66 2.55
N ASP A 63 12.23 3.38 1.46
CA ASP A 63 13.25 4.28 0.92
C ASP A 63 13.30 5.59 1.72
N GLY A 64 12.21 5.89 2.42
CA GLY A 64 12.15 7.12 3.19
C GLY A 64 10.94 7.95 2.85
N THR A 65 10.22 7.56 1.81
CA THR A 65 9.00 8.28 1.41
C THR A 65 7.78 7.68 2.10
N ASP A 66 6.62 8.30 1.90
CA ASP A 66 5.37 7.80 2.44
C ASP A 66 4.21 8.22 1.55
N VAL A 67 3.19 7.38 1.50
CA VAL A 67 2.03 7.65 0.68
C VAL A 67 0.75 7.51 1.47
N VAL A 68 -0.33 8.02 0.91
CA VAL A 68 -1.62 7.92 1.53
C VAL A 68 -2.68 7.53 0.52
N ILE A 69 -3.43 6.49 0.84
CA ILE A 69 -4.45 5.98 -0.04
C ILE A 69 -5.82 6.47 0.42
N GLY A 70 -6.67 6.83 -0.54
CA GLY A 70 -8.00 7.29 -0.22
C GLY A 70 -8.97 6.12 -0.08
N GLY A 71 -10.25 6.40 -0.25
CA GLY A 71 -11.26 5.40 0.01
C GLY A 71 -12.00 5.01 -1.25
N ASP A 72 -12.44 3.77 -1.30
CA ASP A 72 -13.07 3.22 -2.49
C ASP A 72 -12.10 3.35 -3.69
N SER A 73 -10.82 3.36 -3.38
CA SER A 73 -9.79 3.47 -4.41
C SER A 73 -9.11 2.13 -4.63
N ILE A 74 -8.51 1.98 -5.80
CA ILE A 74 -7.82 0.75 -6.17
C ILE A 74 -6.58 1.11 -6.98
N VAL A 75 -5.42 0.97 -6.36
CA VAL A 75 -4.18 1.37 -6.99
C VAL A 75 -3.12 0.30 -6.84
N GLU A 76 -2.28 0.18 -7.84
CA GLU A 76 -1.22 -0.81 -7.82
C GLU A 76 0.10 -0.18 -7.41
N MET A 77 0.76 -0.83 -6.47
CA MET A 77 2.04 -0.34 -5.93
C MET A 77 3.12 -0.43 -7.00
N THR A 78 3.25 0.63 -7.78
CA THR A 78 4.16 0.66 -8.90
C THR A 78 5.26 1.72 -8.70
N ASP A 79 5.99 2.03 -9.76
CA ASP A 79 7.05 3.03 -9.70
C ASP A 79 6.47 4.40 -9.39
N GLU A 80 5.31 4.68 -9.97
CA GLU A 80 4.60 5.94 -9.73
C GLU A 80 4.22 6.06 -8.27
N ILE A 81 4.01 4.92 -7.65
CA ILE A 81 3.66 4.85 -6.25
C ILE A 81 4.90 4.95 -5.37
N TYR A 82 5.88 4.14 -5.68
CA TYR A 82 7.11 4.07 -4.90
C TYR A 82 8.21 4.82 -5.63
N ASN A 83 8.24 6.13 -5.44
CA ASN A 83 9.30 6.96 -6.00
C ASN A 83 10.60 6.72 -5.25
N THR A 84 11.45 5.88 -5.81
CA THR A 84 12.72 5.54 -5.18
C THR A 84 13.75 6.63 -5.45
N GLY A 85 14.37 7.10 -4.38
CA GLY A 85 15.36 8.14 -4.52
C GLY A 85 16.51 7.96 -3.54
N ASP A 86 17.35 6.97 -3.82
CA ASP A 86 18.50 6.68 -2.96
C ASP A 86 19.68 7.56 -3.34
N ASN A 87 19.82 8.68 -2.66
CA ASN A 87 20.91 9.61 -2.90
C ASN A 87 22.21 9.05 -2.35
N GLY A 12 9.61 -9.39 -5.91
CA GLY A 12 9.20 -8.16 -5.21
C GLY A 12 9.41 -8.25 -3.72
N ASN A 13 10.20 -7.33 -3.19
CA ASN A 13 10.44 -7.26 -1.75
C ASN A 13 9.49 -6.27 -1.11
N ALA A 14 9.54 -6.20 0.21
CA ALA A 14 8.70 -5.27 0.94
C ALA A 14 9.20 -3.85 0.76
N ILE A 15 8.44 -3.08 0.02
CA ILE A 15 8.85 -1.76 -0.42
C ILE A 15 8.41 -0.69 0.57
N GLY A 16 7.52 -1.05 1.47
CA GLY A 16 7.05 -0.11 2.45
C GLY A 16 6.22 -0.80 3.50
N PHE A 17 5.75 -0.04 4.47
CA PHE A 17 5.05 -0.61 5.60
C PHE A 17 3.95 0.34 6.06
N ILE A 18 2.88 -0.22 6.61
CA ILE A 18 1.72 0.55 7.02
C ILE A 18 1.97 1.30 8.32
N THR A 19 1.79 2.62 8.30
CA THR A 19 1.93 3.41 9.50
C THR A 19 0.60 4.07 9.86
N LYS A 20 -0.27 4.21 8.88
CA LYS A 20 -1.65 4.63 9.11
C LYS A 20 -2.59 3.74 8.33
N LEU A 21 -3.73 3.47 8.90
CA LEU A 21 -4.72 2.67 8.23
C LEU A 21 -6.09 2.96 8.80
N ASP A 22 -7.08 2.98 7.91
CA ASP A 22 -8.44 3.31 8.32
C ASP A 22 -9.44 2.69 7.35
N GLY A 23 -10.68 2.52 7.82
CA GLY A 23 -11.75 2.04 6.99
C GLY A 23 -11.58 0.60 6.58
N SER A 24 -11.91 0.31 5.34
CA SER A 24 -11.83 -1.05 4.82
C SER A 24 -10.74 -1.11 3.76
N VAL A 25 -9.76 -1.99 3.96
CA VAL A 25 -8.64 -2.09 3.04
C VAL A 25 -8.30 -3.54 2.71
N THR A 26 -7.75 -3.73 1.53
CA THR A 26 -7.36 -5.04 1.03
C THR A 26 -6.19 -4.84 0.06
N VAL A 27 -5.41 -5.89 -0.16
CA VAL A 27 -4.37 -5.80 -1.18
C VAL A 27 -4.33 -7.06 -2.02
N GLN A 28 -4.23 -6.86 -3.33
CA GLN A 28 -4.12 -7.93 -4.29
C GLN A 28 -2.69 -8.06 -4.75
N SER A 29 -1.97 -9.02 -4.20
CA SER A 29 -0.56 -9.22 -4.54
C SER A 29 -0.42 -9.54 -6.03
N ILE A 30 0.80 -9.64 -6.54
CA ILE A 30 1.00 -9.84 -7.97
C ILE A 30 0.34 -11.13 -8.48
N ASN A 31 0.21 -12.10 -7.58
CA ASN A 31 -0.45 -13.36 -7.91
C ASN A 31 -1.97 -13.20 -7.91
N GLY A 32 -2.44 -12.05 -7.44
CA GLY A 32 -3.86 -11.74 -7.48
C GLY A 32 -4.55 -12.05 -6.17
N GLN A 33 -3.77 -12.48 -5.21
CA GLN A 33 -4.30 -12.82 -3.90
C GLN A 33 -4.65 -11.58 -3.10
N GLU A 34 -5.91 -11.48 -2.70
CA GLU A 34 -6.38 -10.37 -1.88
C GLU A 34 -6.30 -10.73 -0.41
N ARG A 35 -5.57 -9.92 0.35
CA ARG A 35 -5.50 -10.11 1.78
C ARG A 35 -5.95 -8.84 2.49
N VAL A 36 -6.20 -8.94 3.77
CA VAL A 36 -6.59 -7.79 4.56
C VAL A 36 -5.34 -7.12 5.10
N LEU A 37 -5.28 -5.82 4.99
CA LEU A 37 -4.12 -5.08 5.46
C LEU A 37 -4.35 -4.53 6.84
N LYS A 38 -3.26 -4.35 7.55
CA LYS A 38 -3.31 -3.89 8.93
C LYS A 38 -2.17 -2.93 9.15
N LEU A 39 -2.07 -2.37 10.34
CA LEU A 39 -0.96 -1.48 10.62
C LEU A 39 0.31 -2.29 10.72
N GLY A 40 1.42 -1.75 10.26
CA GLY A 40 2.67 -2.44 10.36
C GLY A 40 2.84 -3.50 9.29
N ASP A 41 1.78 -3.73 8.51
CA ASP A 41 1.83 -4.70 7.44
C ASP A 41 2.72 -4.22 6.30
N PRO A 42 3.45 -5.14 5.70
CA PRO A 42 4.44 -4.84 4.68
C PRO A 42 3.86 -4.79 3.27
N ILE A 43 4.14 -3.72 2.56
CA ILE A 43 3.70 -3.57 1.18
C ILE A 43 4.80 -4.06 0.25
N PHE A 44 4.41 -4.78 -0.77
CA PHE A 44 5.34 -5.32 -1.74
C PHE A 44 5.10 -4.70 -3.11
N PHE A 45 6.15 -4.61 -3.91
CA PHE A 45 6.06 -3.97 -5.22
C PHE A 45 5.21 -4.80 -6.16
N GLY A 46 4.07 -4.25 -6.55
CA GLY A 46 3.21 -4.95 -7.49
C GLY A 46 1.86 -5.30 -6.93
N GLU A 47 1.59 -4.95 -5.68
CA GLU A 47 0.31 -5.32 -5.08
C GLU A 47 -0.74 -4.25 -5.34
N THR A 48 -1.97 -4.68 -5.50
CA THR A 48 -3.08 -3.81 -5.83
C THR A 48 -3.94 -3.54 -4.60
N VAL A 49 -3.87 -2.34 -4.08
CA VAL A 49 -4.59 -2.01 -2.86
C VAL A 49 -6.03 -1.63 -3.16
N LEU A 50 -6.94 -2.25 -2.43
CA LEU A 50 -8.37 -2.02 -2.59
C LEU A 50 -8.91 -1.41 -1.31
N THR A 51 -9.29 -0.14 -1.36
CA THR A 51 -9.85 0.52 -0.19
C THR A 51 -11.33 0.74 -0.40
N GLY A 52 -12.09 0.67 0.68
CA GLY A 52 -13.51 0.88 0.60
C GLY A 52 -13.97 1.96 1.55
N GLY A 53 -15.00 2.68 1.16
CA GLY A 53 -15.58 3.71 2.00
C GLY A 53 -14.58 4.76 2.47
N SER A 54 -14.32 4.75 3.76
CA SER A 54 -13.46 5.75 4.38
C SER A 54 -12.04 5.21 4.56
N GLY A 55 -11.62 4.39 3.60
CA GLY A 55 -10.28 3.84 3.62
C GLY A 55 -9.22 4.93 3.60
N SER A 56 -8.21 4.81 4.45
CA SER A 56 -7.08 5.73 4.46
C SER A 56 -5.86 5.02 5.00
N VAL A 57 -4.78 5.01 4.24
CA VAL A 57 -3.61 4.23 4.61
C VAL A 57 -2.34 4.98 4.29
N THR A 58 -1.46 5.09 5.27
CA THR A 58 -0.15 5.67 5.06
C THR A 58 0.88 4.56 4.94
N ILE A 59 1.36 4.36 3.74
CA ILE A 59 2.40 3.39 3.49
C ILE A 59 3.76 4.07 3.50
N ALA A 60 4.46 3.92 4.60
CA ALA A 60 5.79 4.48 4.74
C ALA A 60 6.79 3.57 4.01
N PHE A 61 7.19 4.02 2.83
CA PHE A 61 8.10 3.25 2.01
C PHE A 61 9.47 3.12 2.66
N VAL A 62 10.14 2.04 2.31
CA VAL A 62 11.38 1.66 2.95
C VAL A 62 12.55 2.49 2.40
N ASP A 63 12.24 3.35 1.43
CA ASP A 63 13.23 4.25 0.84
C ASP A 63 13.34 5.53 1.66
N GLY A 64 12.29 5.81 2.43
CA GLY A 64 12.25 7.05 3.19
C GLY A 64 11.07 7.91 2.80
N THR A 65 10.42 7.56 1.70
CA THR A 65 9.23 8.27 1.24
C THR A 65 7.98 7.68 1.88
N ASP A 66 6.91 8.47 1.95
CA ASP A 66 5.64 7.97 2.49
C ASP A 66 4.54 8.16 1.47
N VAL A 67 3.45 7.43 1.63
CA VAL A 67 2.32 7.51 0.70
C VAL A 67 1.01 7.36 1.47
N VAL A 68 -0.05 7.92 0.91
CA VAL A 68 -1.36 7.79 1.55
C VAL A 68 -2.41 7.39 0.52
N ILE A 69 -3.22 6.41 0.87
CA ILE A 69 -4.27 5.91 -0.01
C ILE A 69 -5.62 6.48 0.41
N GLY A 70 -6.45 6.77 -0.58
CA GLY A 70 -7.79 7.25 -0.29
C GLY A 70 -8.77 6.12 -0.06
N GLY A 71 -10.06 6.43 -0.10
CA GLY A 71 -11.06 5.44 0.22
C GLY A 71 -11.92 5.14 -0.98
N ASP A 72 -12.49 3.94 -1.02
CA ASP A 72 -13.23 3.47 -2.19
C ASP A 72 -12.32 3.51 -3.42
N SER A 73 -11.02 3.46 -3.19
CA SER A 73 -10.04 3.57 -4.25
C SER A 73 -9.33 2.25 -4.49
N ILE A 74 -8.72 2.13 -5.66
CA ILE A 74 -7.95 0.96 -6.03
C ILE A 74 -6.70 1.39 -6.78
N VAL A 75 -5.54 0.96 -6.30
CA VAL A 75 -4.28 1.38 -6.89
C VAL A 75 -3.22 0.30 -6.77
N GLU A 76 -2.41 0.12 -7.81
CA GLU A 76 -1.35 -0.86 -7.80
C GLU A 76 -0.03 -0.20 -7.40
N MET A 77 0.67 -0.84 -6.47
CA MET A 77 1.93 -0.32 -5.95
C MET A 77 3.02 -0.42 -7.02
N THR A 78 3.15 0.62 -7.83
CA THR A 78 4.08 0.66 -8.93
C THR A 78 5.14 1.75 -8.73
N ASP A 79 5.86 2.08 -9.79
CA ASP A 79 6.88 3.13 -9.74
C ASP A 79 6.24 4.50 -9.46
N GLU A 80 5.05 4.70 -10.02
CA GLU A 80 4.31 5.95 -9.83
C GLU A 80 3.89 6.10 -8.38
N ILE A 81 3.83 4.96 -7.70
CA ILE A 81 3.51 4.92 -6.30
C ILE A 81 4.77 5.08 -5.45
N TYR A 82 5.74 4.22 -5.69
CA TYR A 82 6.93 4.15 -4.87
C TYR A 82 8.05 4.97 -5.51
N ASN A 83 8.04 6.26 -5.20
CA ASN A 83 9.13 7.14 -5.59
C ASN A 83 10.42 6.72 -4.86
N THR A 84 11.29 6.04 -5.59
CA THR A 84 12.52 5.53 -5.01
C THR A 84 13.69 6.48 -5.22
N GLY A 85 14.52 6.61 -4.21
CA GLY A 85 15.70 7.45 -4.31
C GLY A 85 16.94 6.65 -4.58
N ASP A 86 16.84 5.34 -4.42
CA ASP A 86 17.96 4.44 -4.66
C ASP A 86 18.16 4.23 -6.15
N ASN A 87 17.10 4.50 -6.93
CA ASN A 87 17.13 4.34 -8.38
C ASN A 87 17.38 2.89 -8.77
N GLY A 12 9.23 -10.12 -5.38
CA GLY A 12 8.44 -9.08 -4.71
C GLY A 12 8.90 -8.87 -3.28
N ASN A 13 9.71 -7.85 -3.06
CA ASN A 13 10.20 -7.54 -1.72
C ASN A 13 9.34 -6.47 -1.08
N ALA A 14 9.37 -6.39 0.25
CA ALA A 14 8.57 -5.43 0.97
C ALA A 14 9.13 -4.03 0.79
N ILE A 15 8.38 -3.20 0.10
CA ILE A 15 8.82 -1.88 -0.32
C ILE A 15 8.38 -0.79 0.65
N GLY A 16 7.42 -1.12 1.51
CA GLY A 16 6.89 -0.15 2.43
C GLY A 16 6.10 -0.80 3.52
N PHE A 17 5.64 0.01 4.47
CA PHE A 17 4.96 -0.51 5.64
C PHE A 17 3.87 0.45 6.08
N ILE A 18 2.80 -0.12 6.62
CA ILE A 18 1.65 0.67 7.04
C ILE A 18 1.92 1.37 8.36
N THR A 19 1.79 2.68 8.38
CA THR A 19 2.00 3.45 9.59
C THR A 19 0.68 4.06 10.06
N LYS A 20 -0.23 4.24 9.13
CA LYS A 20 -1.56 4.72 9.43
C LYS A 20 -2.57 3.98 8.56
N LEU A 21 -3.69 3.60 9.13
CA LEU A 21 -4.69 2.86 8.38
C LEU A 21 -6.08 3.16 8.90
N ASP A 22 -7.04 3.19 7.99
CA ASP A 22 -8.41 3.51 8.34
C ASP A 22 -9.38 2.85 7.35
N GLY A 23 -10.60 2.58 7.81
CA GLY A 23 -11.63 2.07 6.93
C GLY A 23 -11.43 0.62 6.57
N SER A 24 -11.88 0.25 5.37
CA SER A 24 -11.80 -1.12 4.91
C SER A 24 -10.74 -1.22 3.82
N VAL A 25 -9.77 -2.10 4.02
CA VAL A 25 -8.66 -2.20 3.07
C VAL A 25 -8.30 -3.65 2.77
N THR A 26 -7.76 -3.83 1.57
CA THR A 26 -7.33 -5.13 1.06
C THR A 26 -6.19 -4.93 0.08
N VAL A 27 -5.38 -5.94 -0.17
CA VAL A 27 -4.36 -5.83 -1.21
C VAL A 27 -4.33 -7.08 -2.07
N GLN A 28 -4.18 -6.87 -3.37
CA GLN A 28 -4.07 -7.94 -4.34
C GLN A 28 -2.64 -8.05 -4.85
N SER A 29 -1.90 -9.02 -4.35
CA SER A 29 -0.52 -9.20 -4.78
C SER A 29 -0.49 -9.54 -6.27
N ILE A 30 0.67 -9.60 -6.89
CA ILE A 30 0.73 -9.77 -8.36
C ILE A 30 0.03 -11.05 -8.82
N ASN A 31 0.02 -12.06 -7.97
CA ASN A 31 -0.70 -13.30 -8.27
C ASN A 31 -2.20 -13.05 -8.36
N GLY A 32 -2.65 -12.02 -7.65
CA GLY A 32 -4.06 -11.72 -7.55
C GLY A 32 -4.60 -12.08 -6.18
N GLN A 33 -3.70 -12.32 -5.24
CA GLN A 33 -4.08 -12.70 -3.88
C GLN A 33 -4.54 -11.49 -3.10
N GLU A 34 -5.80 -11.49 -2.68
CA GLU A 34 -6.34 -10.42 -1.85
C GLU A 34 -6.25 -10.79 -0.39
N ARG A 35 -5.49 -10.00 0.37
CA ARG A 35 -5.40 -10.19 1.80
C ARG A 35 -5.87 -8.93 2.51
N VAL A 36 -6.09 -9.03 3.80
CA VAL A 36 -6.51 -7.88 4.57
C VAL A 36 -5.29 -7.19 5.13
N LEU A 37 -5.24 -5.88 4.97
CA LEU A 37 -4.10 -5.12 5.43
C LEU A 37 -4.35 -4.57 6.81
N LYS A 38 -3.25 -4.30 7.49
CA LYS A 38 -3.32 -3.91 8.89
C LYS A 38 -2.24 -2.87 9.13
N LEU A 39 -2.17 -2.36 10.34
CA LEU A 39 -1.08 -1.45 10.64
C LEU A 39 0.20 -2.24 10.77
N GLY A 40 1.29 -1.68 10.30
CA GLY A 40 2.55 -2.36 10.39
C GLY A 40 2.69 -3.46 9.37
N ASP A 41 1.72 -3.57 8.47
CA ASP A 41 1.77 -4.57 7.43
C ASP A 41 2.66 -4.11 6.28
N PRO A 42 3.45 -5.06 5.76
CA PRO A 42 4.38 -4.82 4.67
C PRO A 42 3.71 -4.73 3.31
N ILE A 43 4.05 -3.70 2.58
CA ILE A 43 3.59 -3.54 1.21
C ILE A 43 4.68 -4.02 0.28
N PHE A 44 4.29 -4.76 -0.73
CA PHE A 44 5.24 -5.31 -1.67
C PHE A 44 5.00 -4.72 -3.06
N PHE A 45 6.06 -4.65 -3.85
CA PHE A 45 5.99 -4.02 -5.16
C PHE A 45 5.12 -4.85 -6.11
N GLY A 46 4.05 -4.25 -6.59
CA GLY A 46 3.19 -4.93 -7.53
C GLY A 46 1.85 -5.30 -6.94
N GLU A 47 1.60 -4.96 -5.68
CA GLU A 47 0.34 -5.34 -5.07
C GLU A 47 -0.71 -4.26 -5.31
N THR A 48 -1.94 -4.69 -5.45
CA THR A 48 -3.05 -3.82 -5.80
C THR A 48 -3.92 -3.54 -4.57
N VAL A 49 -3.83 -2.35 -4.04
CA VAL A 49 -4.53 -2.02 -2.81
C VAL A 49 -5.99 -1.67 -3.10
N LEU A 50 -6.87 -2.41 -2.47
CA LEU A 50 -8.30 -2.18 -2.59
C LEU A 50 -8.82 -1.54 -1.32
N THR A 51 -9.19 -0.27 -1.40
CA THR A 51 -9.72 0.42 -0.24
C THR A 51 -11.21 0.64 -0.41
N GLY A 52 -11.94 0.66 0.69
CA GLY A 52 -13.35 0.91 0.64
C GLY A 52 -13.81 1.82 1.76
N GLY A 53 -14.68 2.75 1.42
CA GLY A 53 -15.22 3.68 2.39
C GLY A 53 -14.15 4.46 3.12
N SER A 54 -13.52 5.38 2.40
CA SER A 54 -12.47 6.23 2.97
C SER A 54 -11.37 5.40 3.63
N GLY A 55 -11.02 4.28 3.00
CA GLY A 55 -9.88 3.50 3.44
C GLY A 55 -8.60 4.32 3.39
N SER A 56 -8.21 4.89 4.53
CA SER A 56 -7.12 5.84 4.57
C SER A 56 -5.88 5.16 5.09
N VAL A 57 -4.91 4.97 4.21
CA VAL A 57 -3.77 4.14 4.54
C VAL A 57 -2.47 4.84 4.19
N THR A 58 -1.66 5.05 5.20
CA THR A 58 -0.35 5.65 5.03
C THR A 58 0.69 4.55 4.91
N ILE A 59 1.15 4.35 3.70
CA ILE A 59 2.18 3.39 3.41
C ILE A 59 3.53 4.08 3.39
N ALA A 60 4.25 3.96 4.48
CA ALA A 60 5.56 4.54 4.59
C ALA A 60 6.57 3.63 3.93
N PHE A 61 7.10 4.07 2.81
CA PHE A 61 8.02 3.26 2.02
C PHE A 61 9.37 3.17 2.69
N VAL A 62 10.03 2.07 2.42
CA VAL A 62 11.29 1.72 3.06
C VAL A 62 12.42 2.62 2.55
N ASP A 63 12.09 3.43 1.55
CA ASP A 63 13.00 4.42 0.97
C ASP A 63 13.09 5.66 1.86
N GLY A 64 12.07 5.85 2.68
CA GLY A 64 11.96 7.06 3.45
C GLY A 64 10.85 7.95 2.95
N THR A 65 10.34 7.59 1.78
CA THR A 65 9.20 8.27 1.18
C THR A 65 7.90 7.70 1.76
N ASP A 66 6.83 8.49 1.76
CA ASP A 66 5.57 8.02 2.31
C ASP A 66 4.45 8.20 1.30
N VAL A 67 3.39 7.41 1.46
CA VAL A 67 2.24 7.49 0.59
C VAL A 67 0.97 7.34 1.41
N VAL A 68 -0.11 7.93 0.95
CA VAL A 68 -1.38 7.85 1.65
C VAL A 68 -2.52 7.58 0.69
N ILE A 69 -3.36 6.63 1.06
CA ILE A 69 -4.52 6.29 0.26
C ILE A 69 -5.77 6.93 0.87
N GLY A 70 -6.62 7.46 0.00
CA GLY A 70 -7.83 8.13 0.46
C GLY A 70 -8.91 7.15 0.85
N GLY A 71 -9.19 6.22 -0.04
CA GLY A 71 -10.16 5.18 0.24
C GLY A 71 -11.11 5.00 -0.90
N ASP A 72 -11.97 3.95 -0.83
CA ASP A 72 -12.82 3.55 -1.96
C ASP A 72 -12.08 3.71 -3.29
N SER A 73 -10.85 3.20 -3.29
CA SER A 73 -9.96 3.32 -4.43
C SER A 73 -9.22 2.01 -4.63
N ILE A 74 -8.64 1.84 -5.81
CA ILE A 74 -7.88 0.66 -6.14
C ILE A 74 -6.64 1.05 -6.93
N VAL A 75 -5.47 0.84 -6.34
CA VAL A 75 -4.22 1.27 -6.96
C VAL A 75 -3.13 0.22 -6.80
N GLU A 76 -2.32 0.05 -7.83
CA GLU A 76 -1.25 -0.93 -7.80
C GLU A 76 0.06 -0.26 -7.39
N MET A 77 0.75 -0.89 -6.44
CA MET A 77 2.00 -0.37 -5.92
C MET A 77 3.11 -0.50 -6.96
N THR A 78 3.26 0.52 -7.79
CA THR A 78 4.28 0.53 -8.84
C THR A 78 5.26 1.67 -8.60
N ASP A 79 6.02 2.04 -9.63
CA ASP A 79 6.99 3.13 -9.50
C ASP A 79 6.26 4.47 -9.39
N GLU A 80 5.08 4.54 -9.99
CA GLU A 80 4.25 5.74 -9.90
C GLU A 80 3.81 5.95 -8.46
N ILE A 81 3.81 4.87 -7.73
CA ILE A 81 3.51 4.87 -6.31
C ILE A 81 4.80 5.02 -5.49
N TYR A 82 5.75 4.15 -5.78
CA TYR A 82 6.99 4.08 -5.02
C TYR A 82 8.16 4.53 -5.89
N ASN A 83 8.24 5.83 -6.14
CA ASN A 83 9.39 6.41 -6.78
C ASN A 83 10.43 6.76 -5.73
N THR A 84 11.45 5.93 -5.63
CA THR A 84 12.46 6.06 -4.59
C THR A 84 13.19 7.39 -4.65
N GLY A 85 13.41 7.98 -3.49
CA GLY A 85 14.12 9.24 -3.40
C GLY A 85 15.55 9.06 -2.98
N ASP A 86 15.85 7.92 -2.37
CA ASP A 86 17.20 7.62 -1.91
C ASP A 86 17.81 6.50 -2.75
N ASN A 87 18.29 6.86 -3.92
CA ASN A 87 18.97 5.91 -4.79
C ASN A 87 20.29 5.48 -4.17
N GLY A 12 7.69 -10.33 -4.54
CA GLY A 12 8.91 -9.49 -4.54
C GLY A 12 9.32 -9.12 -3.13
N ASN A 13 10.03 -8.00 -3.00
CA ASN A 13 10.50 -7.54 -1.70
C ASN A 13 9.53 -6.53 -1.10
N ALA A 14 9.54 -6.42 0.22
CA ALA A 14 8.71 -5.47 0.91
C ALA A 14 9.26 -4.06 0.72
N ILE A 15 8.49 -3.25 0.02
CA ILE A 15 8.95 -1.93 -0.41
C ILE A 15 8.50 -0.84 0.56
N GLY A 16 7.55 -1.17 1.41
CA GLY A 16 7.05 -0.21 2.37
C GLY A 16 6.21 -0.87 3.42
N PHE A 17 5.77 -0.10 4.40
CA PHE A 17 5.05 -0.65 5.53
C PHE A 17 3.95 0.29 5.98
N ILE A 18 2.88 -0.28 6.50
CA ILE A 18 1.73 0.49 6.97
C ILE A 18 2.03 1.16 8.30
N THR A 19 1.89 2.48 8.34
CA THR A 19 2.11 3.22 9.56
C THR A 19 0.81 3.87 10.02
N LYS A 20 -0.06 4.12 9.07
CA LYS A 20 -1.40 4.58 9.37
C LYS A 20 -2.38 3.82 8.50
N LEU A 21 -3.56 3.55 9.04
CA LEU A 21 -4.55 2.78 8.32
C LEU A 21 -5.93 3.05 8.88
N ASP A 22 -6.90 3.12 7.99
CA ASP A 22 -8.28 3.36 8.38
C ASP A 22 -9.25 2.77 7.40
N GLY A 23 -10.36 2.31 7.92
CA GLY A 23 -11.45 1.95 7.09
C GLY A 23 -11.34 0.54 6.54
N SER A 24 -11.94 0.31 5.38
CA SER A 24 -11.91 -0.98 4.75
C SER A 24 -10.78 -1.04 3.74
N VAL A 25 -9.83 -1.95 3.96
CA VAL A 25 -8.68 -2.05 3.09
C VAL A 25 -8.35 -3.51 2.74
N THR A 26 -7.78 -3.68 1.57
CA THR A 26 -7.37 -4.97 1.06
C THR A 26 -6.20 -4.79 0.12
N VAL A 27 -5.42 -5.81 -0.12
CA VAL A 27 -4.36 -5.71 -1.12
C VAL A 27 -4.31 -6.96 -2.00
N GLN A 28 -4.22 -6.72 -3.30
CA GLN A 28 -4.12 -7.77 -4.30
C GLN A 28 -2.68 -7.91 -4.78
N SER A 29 -1.98 -8.89 -4.26
CA SER A 29 -0.56 -9.07 -4.59
C SER A 29 -0.37 -9.35 -6.09
N ILE A 30 0.88 -9.51 -6.53
CA ILE A 30 1.14 -9.78 -7.93
C ILE A 30 0.44 -11.05 -8.41
N ASN A 31 0.23 -11.98 -7.49
CA ASN A 31 -0.46 -13.23 -7.82
C ASN A 31 -1.95 -12.99 -7.99
N GLY A 32 -2.41 -11.82 -7.59
CA GLY A 32 -3.83 -11.49 -7.66
C GLY A 32 -4.54 -11.94 -6.42
N GLN A 33 -3.76 -12.12 -5.36
CA GLN A 33 -4.29 -12.58 -4.09
C GLN A 33 -4.65 -11.40 -3.21
N GLU A 34 -5.91 -11.32 -2.82
CA GLU A 34 -6.39 -10.22 -1.98
C GLU A 34 -6.33 -10.61 -0.50
N ARG A 35 -5.52 -9.89 0.25
CA ARG A 35 -5.41 -10.10 1.69
C ARG A 35 -5.82 -8.84 2.43
N VAL A 36 -5.99 -8.97 3.72
CA VAL A 36 -6.33 -7.83 4.55
C VAL A 36 -5.06 -7.14 5.04
N LEU A 37 -5.10 -5.82 5.11
CA LEU A 37 -3.97 -5.06 5.59
C LEU A 37 -4.25 -4.49 6.98
N LYS A 38 -3.34 -4.76 7.89
CA LYS A 38 -3.37 -4.16 9.20
C LYS A 38 -2.21 -3.17 9.31
N LEU A 39 -2.09 -2.51 10.45
CA LEU A 39 -0.95 -1.64 10.67
C LEU A 39 0.31 -2.47 10.81
N GLY A 40 1.42 -1.94 10.33
CA GLY A 40 2.68 -2.65 10.45
C GLY A 40 2.83 -3.74 9.40
N ASP A 41 1.85 -3.87 8.52
CA ASP A 41 1.92 -4.86 7.46
C ASP A 41 2.81 -4.38 6.32
N PRO A 42 3.56 -5.30 5.74
CA PRO A 42 4.45 -5.00 4.62
C PRO A 42 3.73 -4.84 3.29
N ILE A 43 4.15 -3.85 2.53
CA ILE A 43 3.70 -3.67 1.17
C ILE A 43 4.80 -4.14 0.23
N PHE A 44 4.42 -4.88 -0.78
CA PHE A 44 5.36 -5.41 -1.73
C PHE A 44 5.12 -4.81 -3.10
N PHE A 45 6.16 -4.79 -3.93
CA PHE A 45 6.10 -4.16 -5.23
C PHE A 45 5.21 -4.97 -6.17
N GLY A 46 4.05 -4.43 -6.50
CA GLY A 46 3.16 -5.11 -7.41
C GLY A 46 1.79 -5.39 -6.82
N GLU A 47 1.56 -4.99 -5.57
CA GLU A 47 0.27 -5.27 -4.94
C GLU A 47 -0.73 -4.17 -5.27
N THR A 48 -1.99 -4.56 -5.36
CA THR A 48 -3.06 -3.65 -5.69
C THR A 48 -3.92 -3.37 -4.47
N VAL A 49 -3.83 -2.16 -3.94
CA VAL A 49 -4.54 -1.85 -2.71
C VAL A 49 -5.98 -1.45 -3.01
N LEU A 50 -6.90 -2.07 -2.29
CA LEU A 50 -8.32 -1.85 -2.45
C LEU A 50 -8.91 -1.27 -1.18
N THR A 51 -9.26 0.01 -1.21
CA THR A 51 -9.92 0.62 -0.07
C THR A 51 -11.41 0.73 -0.34
N GLY A 52 -12.20 0.74 0.72
CA GLY A 52 -13.63 0.78 0.56
C GLY A 52 -14.27 1.85 1.42
N GLY A 53 -15.09 2.67 0.78
CA GLY A 53 -15.75 3.75 1.47
C GLY A 53 -14.78 4.67 2.19
N SER A 54 -14.79 4.59 3.52
CA SER A 54 -13.95 5.43 4.33
C SER A 54 -12.62 4.72 4.64
N GLY A 55 -11.82 4.52 3.59
CA GLY A 55 -10.50 3.93 3.75
C GLY A 55 -9.40 4.98 3.70
N SER A 56 -8.46 4.95 4.65
CA SER A 56 -7.33 5.87 4.61
C SER A 56 -6.07 5.17 5.08
N VAL A 57 -5.15 4.93 4.17
CA VAL A 57 -3.96 4.15 4.49
C VAL A 57 -2.70 4.97 4.23
N THR A 58 -1.70 4.78 5.08
CA THR A 58 -0.41 5.43 4.91
C THR A 58 0.67 4.38 4.79
N ILE A 59 1.24 4.27 3.60
CA ILE A 59 2.30 3.32 3.36
C ILE A 59 3.64 4.03 3.41
N ALA A 60 4.34 3.83 4.50
CA ALA A 60 5.66 4.39 4.66
C ALA A 60 6.68 3.54 3.92
N PHE A 61 7.07 4.02 2.75
CA PHE A 61 8.00 3.29 1.92
C PHE A 61 9.37 3.26 2.55
N VAL A 62 10.06 2.15 2.33
CA VAL A 62 11.33 1.89 2.96
C VAL A 62 12.43 2.80 2.39
N ASP A 63 12.03 3.67 1.48
CA ASP A 63 12.90 4.67 0.89
C ASP A 63 12.95 5.92 1.76
N GLY A 64 11.93 6.08 2.59
CA GLY A 64 11.80 7.27 3.40
C GLY A 64 10.63 8.12 2.96
N THR A 65 10.07 7.76 1.81
CA THR A 65 8.89 8.41 1.28
C THR A 65 7.63 7.77 1.87
N ASP A 66 6.56 8.53 1.97
CA ASP A 66 5.32 8.02 2.53
C ASP A 66 4.15 8.40 1.64
N VAL A 67 3.23 7.47 1.45
CA VAL A 67 2.06 7.71 0.63
C VAL A 67 0.78 7.58 1.44
N VAL A 68 -0.29 8.09 0.87
CA VAL A 68 -1.59 7.99 1.49
C VAL A 68 -2.63 7.55 0.46
N ILE A 69 -3.47 6.61 0.87
CA ILE A 69 -4.50 6.08 -0.01
C ILE A 69 -5.87 6.56 0.44
N GLY A 70 -6.67 7.02 -0.50
CA GLY A 70 -8.03 7.43 -0.21
C GLY A 70 -8.96 6.24 -0.07
N GLY A 71 -10.26 6.50 0.00
CA GLY A 71 -11.21 5.46 0.28
C GLY A 71 -12.03 5.11 -0.93
N ASP A 72 -12.46 3.85 -1.02
CA ASP A 72 -13.16 3.36 -2.21
C ASP A 72 -12.25 3.47 -3.43
N SER A 73 -10.95 3.56 -3.16
CA SER A 73 -9.96 3.73 -4.21
C SER A 73 -9.18 2.44 -4.42
N ILE A 74 -8.57 2.31 -5.59
CA ILE A 74 -7.78 1.14 -5.95
C ILE A 74 -6.53 1.56 -6.71
N VAL A 75 -5.37 1.17 -6.22
CA VAL A 75 -4.11 1.54 -6.85
C VAL A 75 -3.08 0.43 -6.69
N GLU A 76 -2.26 0.25 -7.72
CA GLU A 76 -1.24 -0.78 -7.71
C GLU A 76 0.12 -0.19 -7.34
N MET A 77 0.82 -0.86 -6.43
CA MET A 77 2.11 -0.40 -5.94
C MET A 77 3.20 -0.61 -6.98
N THR A 78 3.39 0.39 -7.83
CA THR A 78 4.40 0.33 -8.87
C THR A 78 5.42 1.46 -8.67
N ASP A 79 6.22 1.74 -9.69
CA ASP A 79 7.18 2.84 -9.63
C ASP A 79 6.44 4.16 -9.59
N GLU A 80 5.24 4.16 -10.16
CA GLU A 80 4.37 5.33 -10.18
C GLU A 80 3.99 5.70 -8.75
N ILE A 81 4.02 4.71 -7.90
CA ILE A 81 3.73 4.87 -6.48
C ILE A 81 5.02 5.02 -5.70
N TYR A 82 5.90 4.05 -5.85
CA TYR A 82 7.12 3.98 -5.08
C TYR A 82 8.28 4.57 -5.88
N ASN A 83 8.38 5.88 -5.83
CA ASN A 83 9.47 6.59 -6.46
C ASN A 83 10.67 6.66 -5.52
N THR A 84 11.63 5.76 -5.73
CA THR A 84 12.82 5.71 -4.89
C THR A 84 13.71 6.93 -5.14
N GLY A 85 14.01 7.64 -4.06
CA GLY A 85 14.80 8.85 -4.19
C GLY A 85 16.24 8.64 -3.77
N ASP A 86 16.42 7.92 -2.67
CA ASP A 86 17.75 7.65 -2.15
C ASP A 86 17.91 6.19 -1.76
N ASN A 87 16.83 5.43 -1.92
CA ASN A 87 16.86 4.00 -1.63
C ASN A 87 17.80 3.28 -2.59
N GLY A 12 10.34 -10.68 -4.51
CA GLY A 12 9.23 -9.97 -3.82
C GLY A 12 9.69 -9.27 -2.56
N ASN A 13 10.12 -8.03 -2.68
CA ASN A 13 10.59 -7.27 -1.53
C ASN A 13 9.49 -6.37 -1.00
N ALA A 14 9.46 -6.21 0.30
CA ALA A 14 8.53 -5.29 0.92
C ALA A 14 9.05 -3.87 0.78
N ILE A 15 8.37 -3.11 -0.06
CA ILE A 15 8.82 -1.79 -0.46
C ILE A 15 8.31 -0.71 0.49
N GLY A 16 7.37 -1.08 1.35
CA GLY A 16 6.82 -0.14 2.29
C GLY A 16 6.07 -0.84 3.39
N PHE A 17 5.63 -0.08 4.37
CA PHE A 17 4.95 -0.64 5.52
C PHE A 17 3.87 0.30 6.01
N ILE A 18 2.82 -0.27 6.57
CA ILE A 18 1.69 0.52 7.04
C ILE A 18 2.01 1.18 8.37
N THR A 19 1.86 2.50 8.43
CA THR A 19 2.11 3.24 9.66
C THR A 19 0.84 3.93 10.15
N LYS A 20 -0.13 4.04 9.25
CA LYS A 20 -1.46 4.53 9.60
C LYS A 20 -2.47 3.82 8.72
N LEU A 21 -3.58 3.42 9.29
CA LEU A 21 -4.59 2.70 8.53
C LEU A 21 -5.98 2.97 9.08
N ASP A 22 -6.97 2.96 8.19
CA ASP A 22 -8.34 3.22 8.58
C ASP A 22 -9.29 2.63 7.55
N GLY A 23 -10.50 2.31 7.98
CA GLY A 23 -11.54 1.89 7.06
C GLY A 23 -11.37 0.47 6.58
N SER A 24 -11.97 0.18 5.43
CA SER A 24 -11.93 -1.13 4.85
C SER A 24 -10.89 -1.19 3.74
N VAL A 25 -9.85 -1.98 3.95
CA VAL A 25 -8.75 -2.05 3.01
C VAL A 25 -8.36 -3.49 2.69
N THR A 26 -7.81 -3.67 1.51
CA THR A 26 -7.40 -4.97 1.00
C THR A 26 -6.24 -4.77 0.02
N VAL A 27 -5.45 -5.80 -0.21
CA VAL A 27 -4.43 -5.72 -1.24
C VAL A 27 -4.42 -6.98 -2.10
N GLN A 28 -4.26 -6.79 -3.39
CA GLN A 28 -4.14 -7.86 -4.36
C GLN A 28 -2.69 -7.99 -4.77
N SER A 29 -1.99 -8.95 -4.19
CA SER A 29 -0.56 -9.12 -4.45
C SER A 29 -0.31 -9.48 -5.91
N ILE A 30 0.95 -9.67 -6.28
CA ILE A 30 1.28 -10.05 -7.66
C ILE A 30 0.81 -11.47 -7.98
N ASN A 31 0.27 -12.14 -6.99
CA ASN A 31 -0.35 -13.45 -7.21
C ASN A 31 -1.84 -13.27 -7.44
N GLY A 32 -2.30 -12.04 -7.25
CA GLY A 32 -3.72 -11.74 -7.42
C GLY A 32 -4.49 -12.12 -6.19
N GLN A 33 -3.77 -12.24 -5.09
CA GLN A 33 -4.34 -12.65 -3.84
C GLN A 33 -4.76 -11.45 -3.00
N GLU A 34 -6.03 -11.40 -2.64
CA GLU A 34 -6.56 -10.33 -1.81
C GLU A 34 -6.41 -10.68 -0.33
N ARG A 35 -5.66 -9.88 0.39
CA ARG A 35 -5.55 -10.04 1.83
C ARG A 35 -5.98 -8.76 2.51
N VAL A 36 -6.20 -8.85 3.81
CA VAL A 36 -6.58 -7.68 4.57
C VAL A 36 -5.33 -7.00 5.08
N LEU A 37 -5.29 -5.69 4.97
CA LEU A 37 -4.14 -4.95 5.41
C LEU A 37 -4.36 -4.41 6.81
N LYS A 38 -3.27 -4.35 7.55
CA LYS A 38 -3.31 -3.92 8.94
C LYS A 38 -2.14 -3.01 9.21
N LEU A 39 -2.09 -2.37 10.37
CA LEU A 39 -0.95 -1.53 10.67
C LEU A 39 0.29 -2.39 10.77
N GLY A 40 1.39 -1.90 10.23
CA GLY A 40 2.62 -2.65 10.32
C GLY A 40 2.71 -3.72 9.24
N ASP A 41 1.69 -3.82 8.39
CA ASP A 41 1.70 -4.79 7.31
C ASP A 41 2.60 -4.31 6.17
N PRO A 42 3.33 -5.25 5.59
CA PRO A 42 4.29 -4.98 4.52
C PRO A 42 3.66 -4.81 3.15
N ILE A 43 4.01 -3.73 2.50
CA ILE A 43 3.60 -3.50 1.13
C ILE A 43 4.71 -3.93 0.20
N PHE A 44 4.35 -4.67 -0.82
CA PHE A 44 5.32 -5.19 -1.78
C PHE A 44 5.10 -4.56 -3.14
N PHE A 45 6.11 -4.60 -3.98
CA PHE A 45 6.04 -3.95 -5.28
C PHE A 45 5.15 -4.73 -6.21
N GLY A 46 4.04 -4.12 -6.63
CA GLY A 46 3.15 -4.77 -7.56
C GLY A 46 1.86 -5.23 -6.92
N GLU A 47 1.58 -4.82 -5.69
CA GLU A 47 0.33 -5.21 -5.06
C GLU A 47 -0.74 -4.15 -5.33
N THR A 48 -1.93 -4.61 -5.60
CA THR A 48 -3.05 -3.76 -5.95
C THR A 48 -3.92 -3.48 -4.73
N VAL A 49 -3.84 -2.28 -4.19
CA VAL A 49 -4.55 -1.97 -2.97
C VAL A 49 -6.00 -1.61 -3.25
N LEU A 50 -6.90 -2.32 -2.59
CA LEU A 50 -8.32 -2.11 -2.73
C LEU A 50 -8.88 -1.49 -1.45
N THR A 51 -9.19 -0.20 -1.51
CA THR A 51 -9.77 0.46 -0.35
C THR A 51 -11.22 0.80 -0.61
N GLY A 52 -12.04 0.70 0.42
CA GLY A 52 -13.43 1.05 0.27
C GLY A 52 -13.84 2.14 1.22
N GLY A 53 -14.84 2.92 0.84
CA GLY A 53 -15.32 4.01 1.67
C GLY A 53 -14.22 4.96 2.09
N SER A 54 -13.93 4.98 3.38
CA SER A 54 -12.92 5.87 3.93
C SER A 54 -11.63 5.10 4.23
N GLY A 55 -11.33 4.11 3.39
CA GLY A 55 -10.11 3.33 3.54
C GLY A 55 -8.86 4.17 3.41
N SER A 56 -8.34 4.63 4.54
CA SER A 56 -7.20 5.54 4.56
C SER A 56 -5.99 4.82 5.10
N VAL A 57 -4.92 4.82 4.34
CA VAL A 57 -3.76 4.01 4.67
C VAL A 57 -2.47 4.73 4.34
N THR A 58 -1.66 4.93 5.35
CA THR A 58 -0.35 5.52 5.19
C THR A 58 0.69 4.43 5.01
N ILE A 59 1.11 4.27 3.78
CA ILE A 59 2.14 3.32 3.43
C ILE A 59 3.48 4.01 3.39
N ALA A 60 4.22 3.86 4.46
CA ALA A 60 5.54 4.44 4.57
C ALA A 60 6.54 3.57 3.82
N PHE A 61 6.99 4.06 2.67
CA PHE A 61 7.91 3.29 1.84
C PHE A 61 9.27 3.20 2.48
N VAL A 62 9.91 2.07 2.25
CA VAL A 62 11.15 1.71 2.91
C VAL A 62 12.32 2.55 2.40
N ASP A 63 12.04 3.48 1.49
CA ASP A 63 13.08 4.34 0.89
C ASP A 63 13.09 5.71 1.57
N GLY A 64 12.03 6.02 2.29
CA GLY A 64 11.94 7.32 2.92
C GLY A 64 10.72 8.11 2.48
N THR A 65 10.10 7.67 1.39
CA THR A 65 8.88 8.28 0.89
C THR A 65 7.66 7.71 1.61
N ASP A 66 6.58 8.47 1.67
CA ASP A 66 5.38 8.02 2.35
C ASP A 66 4.15 8.29 1.49
N VAL A 67 3.25 7.32 1.45
CA VAL A 67 2.03 7.44 0.66
C VAL A 67 0.81 7.25 1.55
N VAL A 68 -0.29 7.90 1.19
CA VAL A 68 -1.51 7.77 1.94
C VAL A 68 -2.70 7.57 1.01
N ILE A 69 -3.49 6.55 1.30
CA ILE A 69 -4.67 6.25 0.52
C ILE A 69 -5.88 6.91 1.15
N GLY A 70 -6.76 7.47 0.32
CA GLY A 70 -7.93 8.17 0.80
C GLY A 70 -9.07 7.23 1.10
N GLY A 71 -9.49 6.47 0.09
CA GLY A 71 -10.56 5.51 0.28
C GLY A 71 -11.34 5.30 -0.99
N ASP A 72 -12.04 4.16 -1.08
CA ASP A 72 -12.77 3.79 -2.29
C ASP A 72 -11.87 3.87 -3.52
N SER A 73 -10.64 3.38 -3.38
CA SER A 73 -9.66 3.46 -4.43
C SER A 73 -9.05 2.09 -4.69
N ILE A 74 -8.50 1.93 -5.88
CA ILE A 74 -7.82 0.70 -6.25
C ILE A 74 -6.58 1.05 -7.07
N VAL A 75 -5.41 0.90 -6.46
CA VAL A 75 -4.17 1.31 -7.09
C VAL A 75 -3.10 0.25 -6.92
N GLU A 76 -2.31 0.04 -7.97
CA GLU A 76 -1.23 -0.92 -7.93
C GLU A 76 0.05 -0.24 -7.49
N MET A 77 0.72 -0.80 -6.50
CA MET A 77 1.97 -0.25 -5.98
C MET A 77 3.07 -0.35 -7.03
N THR A 78 3.17 0.68 -7.86
CA THR A 78 4.09 0.67 -8.99
C THR A 78 5.24 1.65 -8.79
N ASP A 79 5.95 1.92 -9.86
CA ASP A 79 7.07 2.86 -9.83
C ASP A 79 6.56 4.28 -9.60
N GLU A 80 5.39 4.57 -10.13
CA GLU A 80 4.76 5.88 -9.96
C GLU A 80 4.31 6.06 -8.52
N ILE A 81 4.06 4.95 -7.88
CA ILE A 81 3.68 4.91 -6.49
C ILE A 81 4.91 5.04 -5.59
N TYR A 82 5.87 4.17 -5.82
CA TYR A 82 7.05 4.11 -5.00
C TYR A 82 8.24 4.78 -5.70
N ASN A 83 8.29 6.09 -5.60
CA ASN A 83 9.43 6.84 -6.13
C ASN A 83 10.64 6.63 -5.23
N THR A 84 11.65 5.97 -5.77
CA THR A 84 12.87 5.67 -5.03
C THR A 84 13.92 6.75 -5.27
N GLY A 85 14.64 7.11 -4.23
CA GLY A 85 15.70 8.10 -4.35
C GLY A 85 15.18 9.51 -4.41
N ASP A 86 14.06 9.75 -3.72
CA ASP A 86 13.44 11.07 -3.69
C ASP A 86 14.17 12.01 -2.73
N ASN A 87 14.50 11.49 -1.55
CA ASN A 87 15.18 12.25 -0.51
C ASN A 87 14.26 13.32 0.07
N GLY A 12 8.18 -10.77 -5.10
CA GLY A 12 8.34 -9.33 -4.78
C GLY A 12 8.87 -9.12 -3.39
N ASN A 13 9.60 -8.02 -3.21
CA ASN A 13 10.17 -7.68 -1.90
C ASN A 13 9.34 -6.60 -1.24
N ALA A 14 9.49 -6.48 0.08
CA ALA A 14 8.73 -5.50 0.84
C ALA A 14 9.31 -4.11 0.63
N ILE A 15 8.51 -3.25 0.05
CA ILE A 15 8.96 -1.94 -0.37
C ILE A 15 8.52 -0.84 0.59
N GLY A 16 7.59 -1.19 1.46
CA GLY A 16 7.10 -0.23 2.43
C GLY A 16 6.27 -0.89 3.49
N PHE A 17 5.79 -0.10 4.44
CA PHE A 17 5.06 -0.66 5.57
C PHE A 17 3.93 0.28 5.98
N ILE A 18 2.88 -0.29 6.55
CA ILE A 18 1.74 0.50 6.99
C ILE A 18 2.02 1.18 8.32
N THR A 19 1.96 2.50 8.34
CA THR A 19 2.20 3.26 9.55
C THR A 19 0.93 3.95 10.01
N LYS A 20 -0.01 4.09 9.09
CA LYS A 20 -1.33 4.59 9.40
C LYS A 20 -2.34 3.86 8.53
N LEU A 21 -3.51 3.60 9.05
CA LEU A 21 -4.52 2.87 8.32
C LEU A 21 -5.90 3.11 8.88
N ASP A 22 -6.87 3.20 7.99
CA ASP A 22 -8.25 3.44 8.41
C ASP A 22 -9.24 2.83 7.44
N GLY A 23 -10.42 2.50 7.94
CA GLY A 23 -11.49 2.00 7.09
C GLY A 23 -11.27 0.58 6.62
N SER A 24 -11.87 0.24 5.50
CA SER A 24 -11.77 -1.10 4.94
C SER A 24 -10.71 -1.11 3.85
N VAL A 25 -9.69 -1.93 4.04
CA VAL A 25 -8.62 -2.03 3.07
C VAL A 25 -8.30 -3.49 2.76
N THR A 26 -7.80 -3.70 1.56
CA THR A 26 -7.40 -5.01 1.09
C THR A 26 -6.27 -4.82 0.10
N VAL A 27 -5.48 -5.84 -0.15
CA VAL A 27 -4.48 -5.74 -1.19
C VAL A 27 -4.46 -6.99 -2.05
N GLN A 28 -4.49 -6.77 -3.35
CA GLN A 28 -4.39 -7.84 -4.33
C GLN A 28 -2.96 -7.96 -4.79
N SER A 29 -2.24 -8.90 -4.21
CA SER A 29 -0.83 -9.08 -4.51
C SER A 29 -0.63 -9.47 -5.98
N ILE A 30 0.60 -9.60 -6.43
CA ILE A 30 0.87 -9.84 -7.85
C ILE A 30 0.17 -11.10 -8.39
N ASN A 31 -0.08 -12.07 -7.52
CA ASN A 31 -0.76 -13.30 -7.92
C ASN A 31 -2.28 -13.11 -7.94
N GLY A 32 -2.72 -11.91 -7.58
CA GLY A 32 -4.14 -11.61 -7.57
C GLY A 32 -4.75 -11.95 -6.24
N GLN A 33 -3.89 -12.29 -5.30
CA GLN A 33 -4.31 -12.71 -3.97
C GLN A 33 -4.68 -11.50 -3.11
N GLU A 34 -5.95 -11.41 -2.74
CA GLU A 34 -6.43 -10.33 -1.90
C GLU A 34 -6.28 -10.69 -0.42
N ARG A 35 -5.37 -9.99 0.24
CA ARG A 35 -5.17 -10.16 1.68
C ARG A 35 -5.61 -8.91 2.41
N VAL A 36 -5.68 -8.99 3.72
CA VAL A 36 -6.11 -7.85 4.51
C VAL A 36 -4.91 -7.11 5.06
N LEU A 37 -4.99 -5.80 5.08
CA LEU A 37 -3.91 -4.99 5.59
C LEU A 37 -4.29 -4.35 6.91
N LYS A 38 -3.43 -4.51 7.90
CA LYS A 38 -3.55 -3.82 9.16
C LYS A 38 -2.35 -2.91 9.31
N LEU A 39 -2.21 -2.29 10.46
CA LEU A 39 -1.03 -1.48 10.70
C LEU A 39 0.18 -2.37 10.83
N GLY A 40 1.31 -1.92 10.33
CA GLY A 40 2.52 -2.68 10.47
C GLY A 40 2.67 -3.76 9.43
N ASP A 41 1.66 -3.93 8.58
CA ASP A 41 1.76 -4.87 7.47
C ASP A 41 2.69 -4.31 6.41
N PRO A 42 3.47 -5.19 5.79
CA PRO A 42 4.42 -4.80 4.76
C PRO A 42 3.79 -4.76 3.37
N ILE A 43 4.20 -3.78 2.58
CA ILE A 43 3.74 -3.66 1.21
C ILE A 43 4.81 -4.17 0.27
N PHE A 44 4.38 -4.89 -0.74
CA PHE A 44 5.30 -5.46 -1.72
C PHE A 44 5.04 -4.82 -3.09
N PHE A 45 6.08 -4.72 -3.90
CA PHE A 45 6.00 -4.09 -5.20
C PHE A 45 5.13 -4.92 -6.13
N GLY A 46 3.98 -4.39 -6.51
CA GLY A 46 3.11 -5.08 -7.43
C GLY A 46 1.74 -5.39 -6.85
N GLU A 47 1.50 -5.02 -5.59
CA GLU A 47 0.21 -5.33 -4.98
C GLU A 47 -0.81 -4.25 -5.30
N THR A 48 -2.06 -4.65 -5.38
CA THR A 48 -3.14 -3.76 -5.74
C THR A 48 -4.00 -3.43 -4.54
N VAL A 49 -3.87 -2.23 -4.02
CA VAL A 49 -4.57 -1.88 -2.79
C VAL A 49 -6.01 -1.50 -3.08
N LEU A 50 -6.90 -2.16 -2.38
CA LEU A 50 -8.34 -1.98 -2.55
C LEU A 50 -8.94 -1.40 -1.28
N THR A 51 -9.19 -0.10 -1.30
CA THR A 51 -9.83 0.54 -0.16
C THR A 51 -11.31 0.70 -0.45
N GLY A 52 -12.11 0.74 0.59
CA GLY A 52 -13.54 0.88 0.42
C GLY A 52 -14.10 2.04 1.21
N GLY A 53 -14.99 2.80 0.57
CA GLY A 53 -15.66 3.91 1.22
C GLY A 53 -14.71 4.89 1.89
N SER A 54 -14.62 4.80 3.21
CA SER A 54 -13.82 5.74 3.99
C SER A 54 -12.43 5.17 4.28
N GLY A 55 -11.96 4.29 3.42
CA GLY A 55 -10.63 3.72 3.58
C GLY A 55 -9.52 4.77 3.54
N SER A 56 -8.48 4.57 4.32
CA SER A 56 -7.31 5.44 4.33
C SER A 56 -6.09 4.62 4.72
N VAL A 57 -4.95 4.84 4.08
CA VAL A 57 -3.76 4.07 4.41
C VAL A 57 -2.51 4.92 4.19
N THR A 58 -1.60 4.89 5.14
CA THR A 58 -0.31 5.52 5.01
C THR A 58 0.77 4.46 4.89
N ILE A 59 1.31 4.32 3.70
CA ILE A 59 2.37 3.39 3.45
C ILE A 59 3.70 4.10 3.46
N ALA A 60 4.44 3.93 4.55
CA ALA A 60 5.76 4.50 4.65
C ALA A 60 6.74 3.62 3.89
N PHE A 61 7.20 4.12 2.76
CA PHE A 61 8.10 3.37 1.91
C PHE A 61 9.48 3.32 2.51
N VAL A 62 10.15 2.21 2.28
CA VAL A 62 11.40 1.91 2.95
C VAL A 62 12.57 2.71 2.33
N ASP A 63 12.26 3.53 1.34
CA ASP A 63 13.24 4.45 0.76
C ASP A 63 13.28 5.75 1.55
N GLY A 64 12.20 6.02 2.27
CA GLY A 64 12.11 7.24 3.05
C GLY A 64 10.88 8.06 2.73
N THR A 65 10.20 7.71 1.64
CA THR A 65 8.98 8.41 1.23
C THR A 65 7.75 7.81 1.91
N ASP A 66 6.64 8.54 1.90
CA ASP A 66 5.39 8.04 2.45
C ASP A 66 4.24 8.33 1.49
N VAL A 67 3.26 7.45 1.45
CA VAL A 67 2.06 7.67 0.65
C VAL A 67 0.81 7.48 1.48
N VAL A 68 -0.27 8.01 0.96
CA VAL A 68 -1.56 7.91 1.61
C VAL A 68 -2.62 7.55 0.58
N ILE A 69 -3.32 6.45 0.85
CA ILE A 69 -4.34 5.96 -0.05
C ILE A 69 -5.71 6.43 0.40
N GLY A 70 -6.50 6.91 -0.56
CA GLY A 70 -7.84 7.35 -0.26
C GLY A 70 -8.80 6.19 -0.08
N GLY A 71 -10.10 6.47 -0.14
CA GLY A 71 -11.09 5.45 0.11
C GLY A 71 -11.84 5.10 -1.14
N ASP A 72 -12.30 3.85 -1.22
CA ASP A 72 -12.95 3.35 -2.42
C ASP A 72 -11.98 3.42 -3.61
N SER A 73 -10.70 3.48 -3.29
CA SER A 73 -9.66 3.60 -4.31
C SER A 73 -8.97 2.25 -4.53
N ILE A 74 -8.44 2.08 -5.72
CA ILE A 74 -7.77 0.85 -6.11
C ILE A 74 -6.55 1.18 -6.97
N VAL A 75 -5.36 0.96 -6.41
CA VAL A 75 -4.13 1.30 -7.12
C VAL A 75 -3.06 0.22 -6.89
N GLU A 76 -2.30 -0.07 -7.94
CA GLU A 76 -1.23 -1.05 -7.84
C GLU A 76 0.08 -0.37 -7.44
N MET A 77 0.76 -0.97 -6.47
CA MET A 77 1.99 -0.43 -5.93
C MET A 77 3.11 -0.49 -6.97
N THR A 78 3.22 0.57 -7.74
CA THR A 78 4.17 0.65 -8.85
C THR A 78 5.19 1.76 -8.63
N ASP A 79 5.88 2.18 -9.69
CA ASP A 79 6.95 3.17 -9.57
C ASP A 79 6.42 4.55 -9.17
N GLU A 80 5.28 4.93 -9.76
CA GLU A 80 4.64 6.20 -9.42
C GLU A 80 4.17 6.18 -7.97
N ILE A 81 3.93 4.99 -7.48
CA ILE A 81 3.59 4.77 -6.10
C ILE A 81 4.84 4.86 -5.22
N TYR A 82 5.86 4.12 -5.61
CA TYR A 82 7.10 4.05 -4.86
C TYR A 82 8.21 4.79 -5.60
N ASN A 83 8.16 6.11 -5.52
CA ASN A 83 9.20 6.94 -6.11
C ASN A 83 10.45 6.85 -5.26
N THR A 84 11.45 6.15 -5.76
CA THR A 84 12.67 5.92 -5.02
C THR A 84 13.59 7.13 -5.10
N GLY A 85 14.02 7.61 -3.93
CA GLY A 85 14.78 8.83 -3.86
C GLY A 85 16.28 8.62 -3.91
N ASP A 86 16.82 7.89 -2.94
CA ASP A 86 18.26 7.72 -2.86
C ASP A 86 18.67 6.30 -2.48
N ASN A 87 17.91 5.65 -1.59
CA ASN A 87 18.25 4.33 -1.11
C ASN A 87 17.15 3.77 -0.22
N GLY A 12 9.80 -10.65 -4.36
CA GLY A 12 8.80 -10.19 -3.38
C GLY A 12 9.45 -9.49 -2.20
N ASN A 13 9.89 -8.26 -2.41
CA ASN A 13 10.49 -7.48 -1.35
C ASN A 13 9.52 -6.45 -0.80
N ALA A 14 9.56 -6.27 0.50
CA ALA A 14 8.66 -5.34 1.15
C ALA A 14 9.17 -3.92 0.98
N ILE A 15 8.45 -3.16 0.18
CA ILE A 15 8.88 -1.84 -0.25
C ILE A 15 8.44 -0.75 0.70
N GLY A 16 7.50 -1.10 1.58
CA GLY A 16 7.00 -0.14 2.55
C GLY A 16 6.20 -0.82 3.62
N PHE A 17 5.74 -0.04 4.59
CA PHE A 17 5.03 -0.60 5.73
C PHE A 17 3.92 0.34 6.17
N ILE A 18 2.87 -0.22 6.73
CA ILE A 18 1.73 0.56 7.17
C ILE A 18 2.02 1.24 8.50
N THR A 19 1.91 2.56 8.53
CA THR A 19 2.16 3.31 9.75
C THR A 19 0.88 3.99 10.22
N LYS A 20 -0.04 4.18 9.29
CA LYS A 20 -1.37 4.67 9.60
C LYS A 20 -2.36 3.92 8.73
N LEU A 21 -3.54 3.67 9.25
CA LEU A 21 -4.54 2.93 8.52
C LEU A 21 -5.93 3.24 9.05
N ASP A 22 -6.89 3.26 8.15
CA ASP A 22 -8.26 3.60 8.50
C ASP A 22 -9.25 2.92 7.55
N GLY A 23 -10.42 2.57 8.07
CA GLY A 23 -11.48 2.06 7.24
C GLY A 23 -11.26 0.62 6.79
N SER A 24 -11.81 0.27 5.64
CA SER A 24 -11.72 -1.08 5.12
C SER A 24 -10.70 -1.13 3.98
N VAL A 25 -9.67 -1.94 4.15
CA VAL A 25 -8.58 -1.99 3.18
C VAL A 25 -8.17 -3.44 2.87
N THR A 26 -7.62 -3.61 1.68
CA THR A 26 -7.21 -4.91 1.17
C THR A 26 -6.04 -4.72 0.21
N VAL A 27 -5.27 -5.76 -0.05
CA VAL A 27 -4.23 -5.68 -1.07
C VAL A 27 -4.25 -6.92 -1.96
N GLN A 28 -4.12 -6.67 -3.25
CA GLN A 28 -4.09 -7.72 -4.26
C GLN A 28 -2.67 -7.94 -4.73
N SER A 29 -2.02 -9.00 -4.25
CA SER A 29 -0.63 -9.25 -4.63
C SER A 29 -0.52 -9.45 -6.14
N ILE A 30 0.69 -9.62 -6.63
CA ILE A 30 0.91 -9.68 -8.09
C ILE A 30 0.15 -10.84 -8.73
N ASN A 31 -0.03 -11.91 -7.97
CA ASN A 31 -0.78 -13.07 -8.43
C ASN A 31 -2.28 -12.78 -8.42
N GLY A 32 -2.67 -11.70 -7.76
CA GLY A 32 -4.06 -11.28 -7.74
C GLY A 32 -4.77 -11.69 -6.46
N GLN A 33 -3.99 -12.15 -5.49
CA GLN A 33 -4.54 -12.57 -4.22
C GLN A 33 -4.79 -11.38 -3.31
N GLU A 34 -6.04 -11.21 -2.92
CA GLU A 34 -6.46 -10.13 -2.04
C GLU A 34 -6.34 -10.56 -0.58
N ARG A 35 -5.52 -9.85 0.18
CA ARG A 35 -5.42 -10.10 1.61
C ARG A 35 -5.82 -8.85 2.36
N VAL A 36 -6.06 -9.00 3.66
CA VAL A 36 -6.43 -7.88 4.49
C VAL A 36 -5.18 -7.19 4.99
N LEU A 37 -5.19 -5.87 4.97
CA LEU A 37 -4.05 -5.12 5.45
C LEU A 37 -4.29 -4.58 6.83
N LYS A 38 -3.20 -4.40 7.56
CA LYS A 38 -3.27 -3.99 8.95
C LYS A 38 -2.16 -2.98 9.20
N LEU A 39 -2.11 -2.42 10.38
CA LEU A 39 -1.03 -1.51 10.69
C LEU A 39 0.24 -2.31 10.85
N GLY A 40 1.34 -1.77 10.37
CA GLY A 40 2.59 -2.47 10.49
C GLY A 40 2.73 -3.58 9.48
N ASP A 41 1.75 -3.68 8.56
CA ASP A 41 1.81 -4.69 7.53
C ASP A 41 2.69 -4.23 6.38
N PRO A 42 3.49 -5.16 5.86
CA PRO A 42 4.44 -4.91 4.79
C PRO A 42 3.79 -4.81 3.42
N ILE A 43 4.13 -3.76 2.71
CA ILE A 43 3.72 -3.58 1.34
C ILE A 43 4.80 -4.08 0.42
N PHE A 44 4.41 -4.80 -0.59
CA PHE A 44 5.36 -5.34 -1.55
C PHE A 44 5.09 -4.77 -2.93
N PHE A 45 6.13 -4.68 -3.74
CA PHE A 45 6.03 -4.07 -5.06
C PHE A 45 5.16 -4.93 -5.96
N GLY A 46 4.14 -4.32 -6.55
CA GLY A 46 3.28 -5.05 -7.45
C GLY A 46 1.89 -5.30 -6.89
N GLU A 47 1.71 -5.07 -5.58
CA GLU A 47 0.43 -5.35 -4.96
C GLU A 47 -0.54 -4.19 -5.18
N THR A 48 -1.78 -4.56 -5.45
CA THR A 48 -2.85 -3.62 -5.76
C THR A 48 -3.70 -3.36 -4.53
N VAL A 49 -3.62 -2.17 -3.97
CA VAL A 49 -4.33 -1.88 -2.74
C VAL A 49 -5.78 -1.51 -3.04
N LEU A 50 -6.68 -2.11 -2.29
CA LEU A 50 -8.12 -1.91 -2.47
C LEU A 50 -8.73 -1.34 -1.20
N THR A 51 -9.20 -0.11 -1.28
CA THR A 51 -9.95 0.48 -0.18
C THR A 51 -11.43 0.52 -0.52
N GLY A 52 -12.27 0.48 0.49
CA GLY A 52 -13.69 0.56 0.26
C GLY A 52 -14.26 1.85 0.82
N GLY A 53 -15.58 1.96 0.83
CA GLY A 53 -16.22 3.11 1.44
C GLY A 53 -15.69 3.33 2.83
N SER A 54 -15.05 4.48 3.04
CA SER A 54 -14.31 4.76 4.25
C SER A 54 -13.04 3.89 4.30
N GLY A 55 -12.02 4.34 3.59
CA GLY A 55 -10.73 3.69 3.63
C GLY A 55 -9.60 4.72 3.56
N SER A 56 -8.55 4.53 4.33
CA SER A 56 -7.37 5.39 4.28
C SER A 56 -6.17 4.62 4.80
N VAL A 57 -5.02 4.82 4.20
CA VAL A 57 -3.81 4.12 4.63
C VAL A 57 -2.58 4.98 4.41
N THR A 58 -1.62 4.86 5.31
CA THR A 58 -0.34 5.49 5.14
C THR A 58 0.75 4.44 5.03
N ILE A 59 1.25 4.28 3.82
CA ILE A 59 2.31 3.34 3.55
C ILE A 59 3.64 4.05 3.55
N ALA A 60 4.37 3.88 4.63
CA ALA A 60 5.69 4.46 4.74
C ALA A 60 6.67 3.61 3.96
N PHE A 61 7.06 4.09 2.80
CA PHE A 61 7.99 3.36 1.95
C PHE A 61 9.37 3.32 2.57
N VAL A 62 10.05 2.22 2.30
CA VAL A 62 11.32 1.92 2.94
C VAL A 62 12.46 2.79 2.35
N ASP A 63 12.10 3.67 1.42
CA ASP A 63 13.09 4.59 0.83
C ASP A 63 13.01 5.93 1.54
N GLY A 64 12.10 6.05 2.50
CA GLY A 64 11.97 7.26 3.27
C GLY A 64 10.76 8.08 2.87
N THR A 65 10.14 7.71 1.76
CA THR A 65 8.94 8.38 1.31
C THR A 65 7.69 7.75 1.93
N ASP A 66 6.57 8.44 1.87
CA ASP A 66 5.33 7.90 2.44
C ASP A 66 4.18 8.13 1.47
N VAL A 67 3.17 7.28 1.55
CA VAL A 67 2.01 7.39 0.67
C VAL A 67 0.72 7.21 1.45
N VAL A 68 -0.31 7.89 1.00
CA VAL A 68 -1.60 7.83 1.66
C VAL A 68 -2.68 7.44 0.66
N ILE A 69 -3.48 6.46 1.02
CA ILE A 69 -4.51 5.94 0.13
C ILE A 69 -5.88 6.47 0.53
N GLY A 70 -6.72 6.70 -0.47
CA GLY A 70 -8.07 7.19 -0.21
C GLY A 70 -9.05 6.05 -0.02
N GLY A 71 -10.33 6.34 -0.17
CA GLY A 71 -11.35 5.35 0.12
C GLY A 71 -12.09 4.95 -1.13
N ASP A 72 -12.53 3.70 -1.18
CA ASP A 72 -13.15 3.13 -2.38
C ASP A 72 -12.21 3.33 -3.59
N SER A 73 -10.92 3.36 -3.29
CA SER A 73 -9.90 3.56 -4.30
C SER A 73 -9.09 2.29 -4.51
N ILE A 74 -8.49 2.18 -5.68
CA ILE A 74 -7.68 1.02 -6.03
C ILE A 74 -6.45 1.47 -6.81
N VAL A 75 -5.27 1.12 -6.32
CA VAL A 75 -4.03 1.52 -6.96
C VAL A 75 -2.95 0.47 -6.74
N GLU A 76 -2.10 0.27 -7.73
CA GLU A 76 -1.05 -0.74 -7.66
C GLU A 76 0.27 -0.12 -7.26
N MET A 77 0.96 -0.79 -6.32
CA MET A 77 2.29 -0.38 -5.88
C MET A 77 3.28 -0.49 -7.02
N THR A 78 3.42 0.58 -7.79
CA THR A 78 4.33 0.64 -8.91
C THR A 78 5.32 1.77 -8.72
N ASP A 79 6.07 2.09 -9.77
CA ASP A 79 7.01 3.20 -9.71
C ASP A 79 6.25 4.51 -9.61
N GLU A 80 5.01 4.50 -10.09
CA GLU A 80 4.13 5.66 -10.02
C GLU A 80 3.80 5.96 -8.56
N ILE A 81 3.94 4.94 -7.74
CA ILE A 81 3.66 5.02 -6.33
C ILE A 81 4.95 5.13 -5.52
N TYR A 82 5.84 4.17 -5.76
CA TYR A 82 7.09 4.08 -5.02
C TYR A 82 8.26 4.35 -5.96
N ASN A 83 8.43 5.62 -6.31
CA ASN A 83 9.57 6.03 -7.12
C ASN A 83 10.80 6.15 -6.24
N THR A 84 11.63 5.13 -6.25
CA THR A 84 12.82 5.07 -5.40
C THR A 84 13.86 6.09 -5.84
N GLY A 85 14.54 6.70 -4.88
CA GLY A 85 15.58 7.65 -5.21
C GLY A 85 15.64 8.82 -4.24
N ASP A 86 15.01 8.67 -3.08
CA ASP A 86 15.06 9.71 -2.06
C ASP A 86 16.17 9.39 -1.06
N ASN A 87 16.14 8.17 -0.52
CA ASN A 87 17.13 7.68 0.43
C ASN A 87 17.10 8.51 1.72
N GLY A 12 8.96 -7.53 -6.75
CA GLY A 12 8.26 -7.81 -5.47
C GLY A 12 9.04 -7.32 -4.27
N ASN A 13 9.04 -8.12 -3.20
CA ASN A 13 9.74 -7.80 -1.95
C ASN A 13 9.07 -6.61 -1.26
N ALA A 14 9.37 -6.45 0.02
CA ALA A 14 8.71 -5.44 0.83
C ALA A 14 9.36 -4.08 0.61
N ILE A 15 8.58 -3.17 0.08
CA ILE A 15 9.05 -1.87 -0.33
C ILE A 15 8.61 -0.77 0.63
N GLY A 16 7.66 -1.10 1.48
CA GLY A 16 7.17 -0.14 2.45
C GLY A 16 6.32 -0.82 3.50
N PHE A 17 5.85 -0.05 4.45
CA PHE A 17 5.11 -0.62 5.57
C PHE A 17 3.99 0.31 6.01
N ILE A 18 2.95 -0.28 6.56
CA ILE A 18 1.79 0.47 7.02
C ILE A 18 2.07 1.12 8.37
N THR A 19 1.98 2.43 8.43
CA THR A 19 2.21 3.15 9.67
C THR A 19 0.92 3.79 10.15
N LYS A 20 0.02 4.03 9.22
CA LYS A 20 -1.32 4.48 9.54
C LYS A 20 -2.31 3.79 8.62
N LEU A 21 -3.48 3.49 9.15
CA LEU A 21 -4.50 2.81 8.38
C LEU A 21 -5.87 3.11 8.94
N ASP A 22 -6.86 3.20 8.08
CA ASP A 22 -8.21 3.52 8.49
C ASP A 22 -9.23 2.96 7.51
N GLY A 23 -10.42 2.67 8.03
CA GLY A 23 -11.50 2.22 7.18
C GLY A 23 -11.37 0.77 6.78
N SER A 24 -11.77 0.46 5.56
CA SER A 24 -11.72 -0.91 5.06
C SER A 24 -10.71 -0.99 3.93
N VAL A 25 -9.73 -1.87 4.07
CA VAL A 25 -8.66 -1.99 3.08
C VAL A 25 -8.31 -3.44 2.79
N THR A 26 -7.82 -3.67 1.59
CA THR A 26 -7.37 -4.98 1.14
C THR A 26 -6.24 -4.77 0.15
N VAL A 27 -5.42 -5.78 -0.08
CA VAL A 27 -4.39 -5.66 -1.08
C VAL A 27 -4.39 -6.90 -1.98
N GLN A 28 -4.33 -6.65 -3.27
CA GLN A 28 -4.27 -7.71 -4.25
C GLN A 28 -2.83 -7.95 -4.64
N SER A 29 -2.24 -8.97 -4.04
CA SER A 29 -0.84 -9.28 -4.28
C SER A 29 -0.63 -9.68 -5.73
N ILE A 30 0.63 -9.87 -6.12
CA ILE A 30 1.00 -10.00 -7.53
C ILE A 30 0.42 -11.25 -8.22
N ASN A 31 -0.28 -12.08 -7.47
CA ASN A 31 -0.97 -13.23 -8.07
C ASN A 31 -2.47 -12.97 -8.11
N GLY A 32 -2.84 -11.74 -7.75
CA GLY A 32 -4.23 -11.34 -7.75
C GLY A 32 -4.89 -11.70 -6.45
N GLN A 33 -4.06 -12.16 -5.52
CA GLN A 33 -4.53 -12.63 -4.24
C GLN A 33 -4.84 -11.46 -3.30
N GLU A 34 -6.10 -11.36 -2.90
CA GLU A 34 -6.54 -10.32 -2.00
C GLU A 34 -6.21 -10.69 -0.55
N ARG A 35 -5.53 -9.80 0.12
CA ARG A 35 -5.12 -9.99 1.51
C ARG A 35 -5.51 -8.75 2.32
N VAL A 36 -5.90 -8.95 3.56
CA VAL A 36 -6.28 -7.83 4.42
C VAL A 36 -5.03 -7.13 4.94
N LEU A 37 -5.09 -5.82 5.03
CA LEU A 37 -3.98 -5.04 5.56
C LEU A 37 -4.31 -4.51 6.93
N LYS A 38 -3.41 -4.74 7.87
CA LYS A 38 -3.49 -4.15 9.19
C LYS A 38 -2.36 -3.15 9.34
N LEU A 39 -2.24 -2.54 10.50
CA LEU A 39 -1.09 -1.66 10.73
C LEU A 39 0.16 -2.50 10.81
N GLY A 40 1.26 -1.97 10.31
CA GLY A 40 2.51 -2.68 10.40
C GLY A 40 2.64 -3.74 9.32
N ASP A 41 1.64 -3.82 8.44
CA ASP A 41 1.75 -4.73 7.30
C ASP A 41 2.76 -4.21 6.32
N PRO A 42 3.47 -5.11 5.67
CA PRO A 42 4.47 -4.78 4.68
C PRO A 42 3.87 -4.71 3.28
N ILE A 43 4.24 -3.70 2.53
CA ILE A 43 3.78 -3.54 1.17
C ILE A 43 4.83 -4.07 0.21
N PHE A 44 4.38 -4.82 -0.75
CA PHE A 44 5.27 -5.43 -1.72
C PHE A 44 5.05 -4.81 -3.09
N PHE A 45 6.13 -4.66 -3.85
CA PHE A 45 6.07 -4.02 -5.16
C PHE A 45 5.24 -4.87 -6.11
N GLY A 46 4.06 -4.39 -6.44
CA GLY A 46 3.22 -5.11 -7.38
C GLY A 46 1.82 -5.40 -6.85
N GLU A 47 1.54 -5.04 -5.60
CA GLU A 47 0.22 -5.35 -5.04
C GLU A 47 -0.77 -4.23 -5.36
N THR A 48 -2.03 -4.61 -5.46
CA THR A 48 -3.09 -3.69 -5.83
C THR A 48 -4.02 -3.44 -4.64
N VAL A 49 -3.94 -2.25 -4.07
CA VAL A 49 -4.68 -1.96 -2.85
C VAL A 49 -6.15 -1.67 -3.15
N LEU A 50 -7.02 -2.34 -2.44
CA LEU A 50 -8.45 -2.17 -2.58
C LEU A 50 -9.04 -1.55 -1.32
N THR A 51 -9.25 -0.24 -1.34
CA THR A 51 -9.85 0.42 -0.19
C THR A 51 -11.34 0.57 -0.41
N GLY A 52 -12.07 0.63 0.68
CA GLY A 52 -13.50 0.81 0.60
C GLY A 52 -13.94 2.10 1.24
N GLY A 53 -15.19 2.15 1.67
CA GLY A 53 -15.71 3.34 2.29
C GLY A 53 -14.89 3.77 3.49
N SER A 54 -14.49 5.04 3.51
CA SER A 54 -13.73 5.62 4.61
C SER A 54 -12.31 5.05 4.67
N GLY A 55 -11.85 4.47 3.57
CA GLY A 55 -10.52 3.89 3.51
C GLY A 55 -9.43 4.96 3.51
N SER A 56 -8.41 4.76 4.33
CA SER A 56 -7.23 5.60 4.32
C SER A 56 -6.03 4.79 4.81
N VAL A 57 -4.90 4.92 4.14
CA VAL A 57 -3.72 4.15 4.52
C VAL A 57 -2.46 4.97 4.28
N THR A 58 -1.54 4.89 5.22
CA THR A 58 -0.25 5.52 5.09
C THR A 58 0.84 4.46 4.95
N ILE A 59 1.35 4.32 3.75
CA ILE A 59 2.41 3.38 3.48
C ILE A 59 3.74 4.10 3.50
N ALA A 60 4.47 3.92 4.58
CA ALA A 60 5.79 4.50 4.71
C ALA A 60 6.78 3.65 3.94
N PHE A 61 7.21 4.14 2.80
CA PHE A 61 8.13 3.42 1.96
C PHE A 61 9.52 3.42 2.56
N VAL A 62 10.21 2.31 2.34
CA VAL A 62 11.45 2.04 3.03
C VAL A 62 12.60 2.91 2.48
N ASP A 63 12.33 3.62 1.39
CA ASP A 63 13.31 4.54 0.81
C ASP A 63 13.32 5.87 1.54
N GLY A 64 12.22 6.16 2.25
CA GLY A 64 12.12 7.40 2.99
C GLY A 64 10.85 8.18 2.67
N THR A 65 10.16 7.79 1.61
CA THR A 65 8.92 8.45 1.23
C THR A 65 7.72 7.83 1.93
N ASP A 66 6.60 8.54 1.95
CA ASP A 66 5.37 8.03 2.53
C ASP A 66 4.20 8.34 1.59
N VAL A 67 3.20 7.48 1.57
CA VAL A 67 2.04 7.69 0.74
C VAL A 67 0.75 7.54 1.51
N VAL A 68 -0.32 7.99 0.90
CA VAL A 68 -1.65 7.86 1.46
C VAL A 68 -2.62 7.34 0.42
N ILE A 69 -3.45 6.40 0.82
CA ILE A 69 -4.45 5.83 -0.07
C ILE A 69 -5.83 6.31 0.35
N GLY A 70 -6.63 6.72 -0.63
CA GLY A 70 -7.97 7.22 -0.36
C GLY A 70 -8.96 6.09 -0.16
N GLY A 71 -10.23 6.39 -0.33
CA GLY A 71 -11.27 5.44 -0.03
C GLY A 71 -12.00 5.00 -1.27
N ASP A 72 -12.42 3.74 -1.28
CA ASP A 72 -13.05 3.12 -2.45
C ASP A 72 -12.10 3.21 -3.65
N SER A 73 -10.81 3.28 -3.35
CA SER A 73 -9.79 3.39 -4.39
C SER A 73 -9.08 2.05 -4.59
N ILE A 74 -8.50 1.89 -5.77
CA ILE A 74 -7.82 0.65 -6.14
C ILE A 74 -6.58 1.01 -6.96
N VAL A 75 -5.42 0.91 -6.34
CA VAL A 75 -4.19 1.30 -6.99
C VAL A 75 -3.11 0.25 -6.83
N GLU A 76 -2.23 0.18 -7.82
CA GLU A 76 -1.19 -0.82 -7.83
C GLU A 76 0.15 -0.21 -7.42
N MET A 77 0.79 -0.85 -6.46
CA MET A 77 2.05 -0.37 -5.90
C MET A 77 3.17 -0.47 -6.93
N THR A 78 3.34 0.58 -7.71
CA THR A 78 4.32 0.62 -8.78
C THR A 78 5.32 1.76 -8.58
N ASP A 79 6.10 2.06 -9.61
CA ASP A 79 7.12 3.10 -9.51
C ASP A 79 6.48 4.47 -9.33
N GLU A 80 5.27 4.63 -9.87
CA GLU A 80 4.52 5.88 -9.73
C GLU A 80 4.05 6.05 -8.30
N ILE A 81 4.05 4.96 -7.56
CA ILE A 81 3.69 4.93 -6.17
C ILE A 81 4.93 5.04 -5.28
N TYR A 82 5.90 4.18 -5.57
CA TYR A 82 7.12 4.12 -4.80
C TYR A 82 8.21 4.91 -5.51
N ASN A 83 8.25 6.20 -5.22
CA ASN A 83 9.26 7.10 -5.75
C ASN A 83 10.63 6.79 -5.13
N THR A 84 11.35 5.88 -5.76
CA THR A 84 12.69 5.53 -5.33
C THR A 84 13.70 6.51 -5.91
N GLY A 85 14.40 7.24 -5.06
CA GLY A 85 15.36 8.21 -5.54
C GLY A 85 16.32 8.66 -4.47
N ASP A 86 16.72 7.73 -3.59
CA ASP A 86 17.69 7.99 -2.52
C ASP A 86 17.07 8.82 -1.39
N ASN A 87 16.16 9.71 -1.76
CA ASN A 87 15.44 10.56 -0.81
C ASN A 87 16.38 11.60 -0.21
N GLY A 12 8.56 -11.20 -4.36
CA GLY A 12 9.34 -9.95 -4.40
C GLY A 12 9.82 -9.53 -3.02
N ASN A 13 10.04 -8.24 -2.84
CA ASN A 13 10.53 -7.71 -1.58
C ASN A 13 9.56 -6.65 -1.06
N ALA A 14 9.56 -6.47 0.26
CA ALA A 14 8.69 -5.51 0.90
C ALA A 14 9.23 -4.11 0.72
N ILE A 15 8.50 -3.31 -0.03
CA ILE A 15 8.95 -2.00 -0.45
C ILE A 15 8.50 -0.92 0.52
N GLY A 16 7.52 -1.25 1.36
CA GLY A 16 7.03 -0.30 2.32
C GLY A 16 6.20 -0.98 3.38
N PHE A 17 5.74 -0.21 4.35
CA PHE A 17 5.02 -0.75 5.48
C PHE A 17 3.94 0.21 5.93
N ILE A 18 2.88 -0.34 6.52
CA ILE A 18 1.76 0.47 6.96
C ILE A 18 2.06 1.15 8.29
N THR A 19 1.96 2.47 8.33
CA THR A 19 2.19 3.20 9.56
C THR A 19 0.89 3.85 10.03
N LYS A 20 -0.02 4.06 9.11
CA LYS A 20 -1.34 4.54 9.44
C LYS A 20 -2.34 3.85 8.54
N LEU A 21 -3.51 3.57 9.05
CA LEU A 21 -4.52 2.84 8.32
C LEU A 21 -5.90 3.10 8.88
N ASP A 22 -6.88 3.14 8.01
CA ASP A 22 -8.26 3.41 8.43
C ASP A 22 -9.25 2.81 7.44
N GLY A 23 -10.42 2.47 7.94
CA GLY A 23 -11.50 2.01 7.08
C GLY A 23 -11.31 0.58 6.62
N SER A 24 -11.94 0.25 5.50
CA SER A 24 -11.88 -1.09 4.95
C SER A 24 -10.85 -1.15 3.85
N VAL A 25 -9.85 -2.00 4.02
CA VAL A 25 -8.74 -2.07 3.07
C VAL A 25 -8.34 -3.51 2.75
N THR A 26 -7.80 -3.69 1.58
CA THR A 26 -7.38 -4.97 1.05
C THR A 26 -6.22 -4.76 0.09
N VAL A 27 -5.42 -5.79 -0.17
CA VAL A 27 -4.41 -5.67 -1.21
C VAL A 27 -4.38 -6.94 -2.05
N GLN A 28 -4.37 -6.74 -3.36
CA GLN A 28 -4.23 -7.80 -4.33
C GLN A 28 -2.79 -7.90 -4.75
N SER A 29 -2.06 -8.83 -4.17
CA SER A 29 -0.64 -8.97 -4.46
C SER A 29 -0.41 -9.39 -5.91
N ILE A 30 0.84 -9.55 -6.34
CA ILE A 30 1.12 -9.87 -7.74
C ILE A 30 0.47 -11.20 -8.17
N ASN A 31 0.27 -12.09 -7.21
CA ASN A 31 -0.37 -13.37 -7.51
C ASN A 31 -1.89 -13.21 -7.60
N GLY A 32 -2.37 -12.03 -7.23
CA GLY A 32 -3.79 -11.72 -7.28
C GLY A 32 -4.46 -12.01 -5.96
N GLN A 33 -3.65 -12.34 -4.98
CA GLN A 33 -4.14 -12.66 -3.65
C GLN A 33 -4.57 -11.40 -2.91
N GLU A 34 -5.84 -11.31 -2.58
CA GLU A 34 -6.36 -10.17 -1.84
C GLU A 34 -6.38 -10.49 -0.35
N ARG A 35 -5.52 -9.81 0.40
CA ARG A 35 -5.43 -10.02 1.83
C ARG A 35 -5.92 -8.77 2.56
N VAL A 36 -6.14 -8.90 3.85
CA VAL A 36 -6.52 -7.76 4.66
C VAL A 36 -5.28 -7.04 5.12
N LEU A 37 -5.26 -5.73 4.92
CA LEU A 37 -4.11 -4.96 5.32
C LEU A 37 -4.26 -4.44 6.72
N LYS A 38 -3.15 -4.41 7.41
CA LYS A 38 -3.13 -4.09 8.82
C LYS A 38 -2.07 -3.05 9.08
N LEU A 39 -2.02 -2.50 10.28
CA LEU A 39 -0.94 -1.59 10.60
C LEU A 39 0.33 -2.39 10.74
N GLY A 40 1.40 -1.91 10.14
CA GLY A 40 2.64 -2.61 10.23
C GLY A 40 2.74 -3.70 9.19
N ASP A 41 1.70 -3.82 8.37
CA ASP A 41 1.70 -4.79 7.29
C ASP A 41 2.63 -4.33 6.17
N PRO A 42 3.36 -5.28 5.62
CA PRO A 42 4.39 -5.01 4.62
C PRO A 42 3.86 -4.99 3.19
N ILE A 43 4.11 -3.89 2.50
CA ILE A 43 3.70 -3.74 1.11
C ILE A 43 4.82 -4.20 0.20
N PHE A 44 4.45 -4.98 -0.80
CA PHE A 44 5.40 -5.48 -1.77
C PHE A 44 5.14 -4.83 -3.13
N PHE A 45 6.17 -4.77 -3.96
CA PHE A 45 6.05 -4.10 -5.26
C PHE A 45 5.14 -4.88 -6.19
N GLY A 46 4.02 -4.27 -6.58
CA GLY A 46 3.11 -4.92 -7.49
C GLY A 46 1.79 -5.30 -6.86
N GLU A 47 1.56 -4.88 -5.62
CA GLU A 47 0.28 -5.21 -4.97
C GLU A 47 -0.76 -4.13 -5.26
N THR A 48 -1.99 -4.55 -5.39
CA THR A 48 -3.09 -3.67 -5.74
C THR A 48 -3.96 -3.38 -4.54
N VAL A 49 -3.88 -2.19 -4.00
CA VAL A 49 -4.61 -1.87 -2.79
C VAL A 49 -6.06 -1.52 -3.10
N LEU A 50 -6.96 -2.13 -2.37
CA LEU A 50 -8.39 -1.94 -2.54
C LEU A 50 -8.98 -1.37 -1.26
N THR A 51 -9.37 -0.11 -1.30
CA THR A 51 -10.00 0.50 -0.14
C THR A 51 -11.49 0.68 -0.39
N GLY A 52 -12.24 0.74 0.68
CA GLY A 52 -13.67 0.96 0.58
C GLY A 52 -14.07 2.25 1.24
N GLY A 53 -15.33 2.33 1.65
CA GLY A 53 -15.82 3.53 2.33
C GLY A 53 -15.03 3.82 3.58
N SER A 54 -14.61 5.09 3.72
CA SER A 54 -13.84 5.53 4.88
C SER A 54 -12.44 4.91 4.89
N GLY A 55 -12.01 4.42 3.74
CA GLY A 55 -10.70 3.81 3.64
C GLY A 55 -9.59 4.84 3.55
N SER A 56 -8.51 4.62 4.29
CA SER A 56 -7.32 5.46 4.21
C SER A 56 -6.12 4.67 4.70
N VAL A 57 -4.97 4.84 4.06
CA VAL A 57 -3.78 4.09 4.44
C VAL A 57 -2.53 4.91 4.18
N THR A 58 -1.64 4.92 5.16
CA THR A 58 -0.35 5.55 5.02
C THR A 58 0.73 4.48 4.91
N ILE A 59 1.25 4.31 3.71
CA ILE A 59 2.30 3.35 3.46
C ILE A 59 3.64 4.05 3.47
N ALA A 60 4.39 3.81 4.52
CA ALA A 60 5.72 4.36 4.63
C ALA A 60 6.69 3.49 3.87
N PHE A 61 7.15 3.98 2.72
CA PHE A 61 8.05 3.24 1.88
C PHE A 61 9.44 3.20 2.49
N VAL A 62 10.10 2.07 2.29
CA VAL A 62 11.34 1.77 2.97
C VAL A 62 12.51 2.60 2.42
N ASP A 63 12.25 3.34 1.35
CA ASP A 63 13.28 4.21 0.76
C ASP A 63 13.31 5.55 1.47
N GLY A 64 12.22 5.89 2.14
CA GLY A 64 12.16 7.16 2.85
C GLY A 64 10.91 7.95 2.53
N THR A 65 10.24 7.60 1.43
CA THR A 65 9.02 8.28 1.03
C THR A 65 7.80 7.66 1.71
N ASP A 66 6.72 8.42 1.82
CA ASP A 66 5.48 7.92 2.40
C ASP A 66 4.31 8.24 1.48
N VAL A 67 3.28 7.41 1.49
CA VAL A 67 2.10 7.65 0.68
C VAL A 67 0.84 7.54 1.50
N VAL A 68 -0.26 7.96 0.89
CA VAL A 68 -1.57 7.84 1.51
C VAL A 68 -2.61 7.44 0.48
N ILE A 69 -3.42 6.45 0.82
CA ILE A 69 -4.45 5.95 -0.06
C ILE A 69 -5.82 6.49 0.37
N GLY A 70 -6.66 6.78 -0.60
CA GLY A 70 -7.99 7.29 -0.30
C GLY A 70 -8.98 6.18 -0.08
N GLY A 71 -10.27 6.51 -0.19
CA GLY A 71 -11.31 5.55 0.11
C GLY A 71 -12.07 5.17 -1.13
N ASP A 72 -12.51 3.91 -1.19
CA ASP A 72 -13.16 3.35 -2.37
C ASP A 72 -12.18 3.40 -3.55
N SER A 73 -10.90 3.48 -3.22
CA SER A 73 -9.87 3.62 -4.23
C SER A 73 -9.15 2.30 -4.46
N ILE A 74 -8.57 2.18 -5.65
CA ILE A 74 -7.83 0.99 -6.03
C ILE A 74 -6.59 1.41 -6.83
N VAL A 75 -5.42 1.01 -6.36
CA VAL A 75 -4.17 1.39 -7.01
C VAL A 75 -3.11 0.30 -6.83
N GLU A 76 -2.31 0.08 -7.86
CA GLU A 76 -1.25 -0.91 -7.81
C GLU A 76 0.06 -0.23 -7.42
N MET A 77 0.74 -0.83 -6.44
CA MET A 77 2.00 -0.30 -5.93
C MET A 77 3.08 -0.39 -7.00
N THR A 78 3.19 0.68 -7.79
CA THR A 78 4.10 0.73 -8.91
C THR A 78 5.16 1.81 -8.70
N ASP A 79 5.88 2.15 -9.76
CA ASP A 79 6.97 3.14 -9.68
C ASP A 79 6.45 4.52 -9.30
N GLU A 80 5.32 4.91 -9.89
CA GLU A 80 4.69 6.19 -9.57
C GLU A 80 4.23 6.23 -8.12
N ILE A 81 4.03 5.06 -7.56
CA ILE A 81 3.67 4.91 -6.17
C ILE A 81 4.89 4.96 -5.27
N TYR A 82 5.88 4.16 -5.62
CA TYR A 82 7.10 4.05 -4.83
C TYR A 82 8.23 4.82 -5.50
N ASN A 83 8.23 6.13 -5.28
CA ASN A 83 9.29 6.99 -5.82
C ASN A 83 10.53 6.88 -4.93
N THR A 84 11.56 6.26 -5.46
CA THR A 84 12.80 6.06 -4.74
C THR A 84 13.76 7.23 -4.97
N GLY A 85 14.66 7.45 -4.03
CA GLY A 85 15.64 8.50 -4.18
C GLY A 85 15.94 9.24 -2.89
N ASP A 86 15.59 8.64 -1.76
CA ASP A 86 15.89 9.23 -0.46
C ASP A 86 16.95 8.40 0.25
N ASN A 87 17.94 9.07 0.81
CA ASN A 87 19.02 8.40 1.49
C ASN A 87 18.60 8.01 2.91
N GLY A 12 10.31 -10.03 -5.63
CA GLY A 12 9.29 -9.81 -4.57
C GLY A 12 9.91 -9.35 -3.26
N ASN A 13 10.11 -8.05 -3.14
CA ASN A 13 10.68 -7.46 -1.93
C ASN A 13 9.70 -6.48 -1.32
N ALA A 14 9.72 -6.38 0.00
CA ALA A 14 8.87 -5.44 0.70
C ALA A 14 9.40 -4.03 0.51
N ILE A 15 8.56 -3.19 -0.08
CA ILE A 15 8.96 -1.86 -0.49
C ILE A 15 8.49 -0.80 0.50
N GLY A 16 7.55 -1.18 1.35
CA GLY A 16 7.02 -0.25 2.33
C GLY A 16 6.20 -0.96 3.37
N PHE A 17 5.73 -0.22 4.36
CA PHE A 17 5.01 -0.80 5.47
C PHE A 17 3.92 0.14 5.95
N ILE A 18 2.86 -0.43 6.50
CA ILE A 18 1.72 0.37 6.95
C ILE A 18 2.01 1.01 8.31
N THR A 19 1.93 2.33 8.36
CA THR A 19 2.17 3.05 9.61
C THR A 19 0.90 3.73 10.09
N LYS A 20 0.01 3.99 9.15
CA LYS A 20 -1.32 4.48 9.47
C LYS A 20 -2.32 3.80 8.56
N LEU A 21 -3.50 3.57 9.07
CA LEU A 21 -4.52 2.85 8.33
C LEU A 21 -5.89 3.13 8.92
N ASP A 22 -6.85 3.29 8.04
CA ASP A 22 -8.21 3.57 8.42
C ASP A 22 -9.19 2.92 7.46
N GLY A 23 -10.38 2.61 7.95
CA GLY A 23 -11.43 2.08 7.11
C GLY A 23 -11.20 0.65 6.68
N SER A 24 -11.87 0.25 5.62
CA SER A 24 -11.78 -1.10 5.11
C SER A 24 -10.81 -1.15 3.94
N VAL A 25 -9.77 -1.96 4.06
CA VAL A 25 -8.75 -2.03 3.03
C VAL A 25 -8.30 -3.48 2.76
N THR A 26 -7.83 -3.69 1.56
CA THR A 26 -7.32 -4.98 1.09
C THR A 26 -6.16 -4.74 0.12
N VAL A 27 -5.32 -5.72 -0.07
CA VAL A 27 -4.30 -5.60 -1.11
C VAL A 27 -4.27 -6.84 -1.98
N GLN A 28 -4.22 -6.61 -3.29
CA GLN A 28 -4.14 -7.67 -4.26
C GLN A 28 -2.70 -7.86 -4.69
N SER A 29 -2.04 -8.84 -4.10
CA SER A 29 -0.64 -9.07 -4.40
C SER A 29 -0.47 -9.51 -5.86
N ILE A 30 0.76 -9.69 -6.32
CA ILE A 30 1.00 -9.99 -7.73
C ILE A 30 0.29 -11.27 -8.19
N ASN A 31 0.05 -12.20 -7.27
CA ASN A 31 -0.66 -13.43 -7.60
C ASN A 31 -2.16 -13.19 -7.63
N GLY A 32 -2.58 -12.02 -7.15
CA GLY A 32 -3.98 -11.68 -7.10
C GLY A 32 -4.58 -11.99 -5.75
N GLN A 33 -3.74 -12.45 -4.83
CA GLN A 33 -4.16 -12.72 -3.47
C GLN A 33 -4.57 -11.43 -2.78
N GLU A 34 -5.82 -11.37 -2.33
CA GLU A 34 -6.34 -10.19 -1.67
C GLU A 34 -6.23 -10.37 -0.15
N ARG A 35 -5.32 -9.64 0.45
CA ARG A 35 -5.10 -9.72 1.88
C ARG A 35 -5.68 -8.48 2.56
N VAL A 36 -6.25 -8.66 3.74
CA VAL A 36 -6.66 -7.51 4.53
C VAL A 36 -5.42 -6.86 5.12
N LEU A 37 -5.33 -5.56 4.97
CA LEU A 37 -4.17 -4.86 5.51
C LEU A 37 -4.47 -4.34 6.90
N LYS A 38 -3.59 -4.67 7.82
CA LYS A 38 -3.62 -4.12 9.14
C LYS A 38 -2.43 -3.21 9.30
N LEU A 39 -2.27 -2.59 10.44
CA LEU A 39 -1.08 -1.79 10.65
C LEU A 39 0.14 -2.71 10.73
N GLY A 40 1.25 -2.24 10.20
CA GLY A 40 2.47 -3.01 10.29
C GLY A 40 2.63 -4.02 9.18
N ASP A 41 1.57 -4.23 8.39
CA ASP A 41 1.66 -5.12 7.24
C ASP A 41 2.60 -4.53 6.21
N PRO A 42 3.37 -5.38 5.55
CA PRO A 42 4.34 -4.97 4.56
C PRO A 42 3.74 -4.90 3.15
N ILE A 43 4.18 -3.91 2.40
CA ILE A 43 3.77 -3.77 1.02
C ILE A 43 4.90 -4.23 0.11
N PHE A 44 4.53 -4.97 -0.91
CA PHE A 44 5.49 -5.46 -1.89
C PHE A 44 5.21 -4.81 -3.24
N PHE A 45 6.25 -4.71 -4.07
CA PHE A 45 6.14 -4.04 -5.36
C PHE A 45 5.28 -4.86 -6.30
N GLY A 46 4.10 -4.34 -6.62
CA GLY A 46 3.22 -5.04 -7.54
C GLY A 46 1.85 -5.30 -6.96
N GLU A 47 1.65 -4.99 -5.68
CA GLU A 47 0.37 -5.26 -5.05
C GLU A 47 -0.63 -4.14 -5.34
N THR A 48 -1.84 -4.55 -5.64
CA THR A 48 -2.92 -3.65 -5.98
C THR A 48 -3.77 -3.36 -4.77
N VAL A 49 -3.66 -2.17 -4.22
CA VAL A 49 -4.32 -1.85 -2.97
C VAL A 49 -5.79 -1.48 -3.21
N LEU A 50 -6.65 -2.07 -2.40
CA LEU A 50 -8.07 -1.83 -2.46
C LEU A 50 -8.52 -1.15 -1.17
N THR A 51 -9.19 -0.03 -1.30
CA THR A 51 -9.82 0.60 -0.15
C THR A 51 -11.32 0.69 -0.38
N GLY A 52 -12.07 0.70 0.70
CA GLY A 52 -13.50 0.80 0.62
C GLY A 52 -14.06 1.84 1.55
N GLY A 53 -15.04 2.60 1.07
CA GLY A 53 -15.69 3.62 1.86
C GLY A 53 -14.72 4.65 2.43
N SER A 54 -14.59 4.65 3.75
CA SER A 54 -13.73 5.61 4.44
C SER A 54 -12.32 5.09 4.58
N GLY A 55 -11.94 4.17 3.69
CA GLY A 55 -10.60 3.64 3.69
C GLY A 55 -9.54 4.72 3.52
N SER A 56 -8.48 4.64 4.30
CA SER A 56 -7.33 5.53 4.16
C SER A 56 -6.10 4.82 4.71
N VAL A 57 -4.98 4.92 4.02
CA VAL A 57 -3.80 4.17 4.42
C VAL A 57 -2.54 4.98 4.22
N THR A 58 -1.63 4.92 5.17
CA THR A 58 -0.34 5.53 5.05
C THR A 58 0.72 4.45 4.90
N ILE A 59 1.23 4.31 3.69
CA ILE A 59 2.29 3.36 3.44
C ILE A 59 3.63 4.04 3.52
N ALA A 60 4.37 3.72 4.56
CA ALA A 60 5.68 4.24 4.75
C ALA A 60 6.67 3.43 3.94
N PHE A 61 7.04 3.95 2.78
CA PHE A 61 7.97 3.26 1.91
C PHE A 61 9.34 3.24 2.55
N VAL A 62 10.03 2.13 2.31
CA VAL A 62 11.31 1.85 2.93
C VAL A 62 12.40 2.79 2.39
N ASP A 63 11.99 3.69 1.51
CA ASP A 63 12.85 4.71 0.93
C ASP A 63 12.94 5.93 1.84
N GLY A 64 11.94 6.07 2.70
CA GLY A 64 11.86 7.24 3.56
C GLY A 64 10.64 8.06 3.25
N THR A 65 10.07 7.83 2.09
CA THR A 65 8.86 8.50 1.66
C THR A 65 7.62 7.78 2.15
N ASP A 66 6.54 8.53 2.37
CA ASP A 66 5.28 7.94 2.81
C ASP A 66 4.17 8.36 1.86
N VAL A 67 3.17 7.51 1.71
CA VAL A 67 2.04 7.82 0.85
C VAL A 67 0.74 7.71 1.60
N VAL A 68 -0.33 8.14 0.94
CA VAL A 68 -1.66 8.06 1.53
C VAL A 68 -2.67 7.60 0.49
N ILE A 69 -3.46 6.60 0.83
CA ILE A 69 -4.46 6.07 -0.07
C ILE A 69 -5.84 6.52 0.36
N GLY A 70 -6.65 6.92 -0.61
CA GLY A 70 -8.00 7.36 -0.33
C GLY A 70 -8.96 6.21 -0.12
N GLY A 71 -10.24 6.48 -0.18
CA GLY A 71 -11.24 5.48 0.14
C GLY A 71 -12.03 5.06 -1.08
N ASP A 72 -12.49 3.83 -1.09
CA ASP A 72 -13.16 3.25 -2.26
C ASP A 72 -12.25 3.32 -3.49
N SER A 73 -10.94 3.42 -3.23
CA SER A 73 -9.98 3.56 -4.31
C SER A 73 -9.20 2.26 -4.53
N ILE A 74 -8.55 2.19 -5.68
CA ILE A 74 -7.70 1.05 -6.03
C ILE A 74 -6.46 1.55 -6.75
N VAL A 75 -5.28 1.13 -6.29
CA VAL A 75 -4.04 1.60 -6.87
C VAL A 75 -2.95 0.52 -6.76
N GLU A 76 -2.17 0.36 -7.81
CA GLU A 76 -1.15 -0.69 -7.85
C GLU A 76 0.22 -0.14 -7.47
N MET A 77 0.89 -0.83 -6.57
CA MET A 77 2.23 -0.47 -6.13
C MET A 77 3.23 -0.54 -7.28
N THR A 78 3.39 0.57 -7.97
CA THR A 78 4.27 0.67 -9.11
C THR A 78 5.25 1.81 -8.93
N ASP A 79 5.98 2.18 -9.98
CA ASP A 79 6.99 3.23 -9.86
C ASP A 79 6.34 4.60 -9.65
N GLU A 80 5.11 4.76 -10.14
CA GLU A 80 4.37 6.00 -9.94
C GLU A 80 3.97 6.13 -8.47
N ILE A 81 3.92 5.00 -7.81
CA ILE A 81 3.63 4.94 -6.40
C ILE A 81 4.90 5.03 -5.57
N TYR A 82 5.85 4.17 -5.91
CA TYR A 82 7.08 4.09 -5.15
C TYR A 82 8.26 4.55 -6.00
N ASN A 83 8.39 5.86 -6.13
CA ASN A 83 9.56 6.44 -6.75
C ASN A 83 10.69 6.51 -5.74
N THR A 84 11.68 5.65 -5.92
CA THR A 84 12.81 5.60 -5.00
C THR A 84 13.77 6.76 -5.24
N GLY A 85 14.18 7.40 -4.15
CA GLY A 85 15.05 8.57 -4.27
C GLY A 85 16.10 8.60 -3.19
N ASP A 86 16.27 7.46 -2.51
CA ASP A 86 17.27 7.34 -1.45
C ASP A 86 18.69 7.42 -2.03
N ASN A 87 18.80 7.14 -3.33
CA ASN A 87 20.06 7.20 -4.06
C ASN A 87 21.05 6.17 -3.53
N GLY A 12 10.19 -9.35 -5.44
CA GLY A 12 9.00 -9.15 -4.59
C GLY A 12 9.36 -8.88 -3.14
N ASN A 13 10.04 -7.76 -2.91
CA ASN A 13 10.43 -7.36 -1.57
C ASN A 13 9.42 -6.39 -0.99
N ALA A 14 9.45 -6.27 0.33
CA ALA A 14 8.55 -5.36 1.02
C ALA A 14 9.07 -3.94 0.89
N ILE A 15 8.36 -3.14 0.12
CA ILE A 15 8.81 -1.83 -0.31
C ILE A 15 8.34 -0.74 0.64
N GLY A 16 7.42 -1.08 1.53
CA GLY A 16 6.91 -0.11 2.47
C GLY A 16 6.08 -0.77 3.54
N PHE A 17 5.61 0.02 4.49
CA PHE A 17 4.89 -0.51 5.62
C PHE A 17 3.78 0.43 6.05
N ILE A 18 2.73 -0.14 6.63
CA ILE A 18 1.58 0.65 7.06
C ILE A 18 1.88 1.35 8.39
N THR A 19 1.77 2.66 8.41
CA THR A 19 2.00 3.42 9.63
C THR A 19 0.70 4.08 10.08
N LYS A 20 -0.21 4.24 9.14
CA LYS A 20 -1.54 4.72 9.45
C LYS A 20 -2.54 3.98 8.57
N LEU A 21 -3.72 3.72 9.10
CA LEU A 21 -4.73 2.97 8.38
C LEU A 21 -6.11 3.23 8.96
N ASP A 22 -7.09 3.29 8.07
CA ASP A 22 -8.48 3.45 8.48
C ASP A 22 -9.41 2.77 7.50
N GLY A 23 -10.66 2.58 7.91
CA GLY A 23 -11.67 2.02 7.03
C GLY A 23 -11.42 0.57 6.69
N SER A 24 -11.85 0.16 5.51
CA SER A 24 -11.69 -1.20 5.06
C SER A 24 -10.64 -1.24 3.96
N VAL A 25 -9.71 -2.18 4.04
CA VAL A 25 -8.63 -2.25 3.07
C VAL A 25 -8.27 -3.70 2.74
N THR A 26 -7.74 -3.88 1.55
CA THR A 26 -7.28 -5.16 1.05
C THR A 26 -6.15 -4.92 0.07
N VAL A 27 -5.30 -5.91 -0.17
CA VAL A 27 -4.29 -5.77 -1.19
C VAL A 27 -4.28 -7.01 -2.09
N GLN A 28 -4.21 -6.76 -3.38
CA GLN A 28 -4.15 -7.82 -4.37
C GLN A 28 -2.75 -7.94 -4.90
N SER A 29 -2.01 -8.92 -4.40
CA SER A 29 -0.62 -9.09 -4.78
C SER A 29 -0.47 -9.39 -6.28
N ILE A 30 0.75 -9.54 -6.75
CA ILE A 30 1.00 -9.72 -8.18
C ILE A 30 0.25 -10.91 -8.76
N ASN A 31 0.08 -11.96 -7.97
CA ASN A 31 -0.63 -13.15 -8.43
C ASN A 31 -2.14 -12.96 -8.29
N GLY A 32 -2.55 -11.91 -7.58
CA GLY A 32 -3.95 -11.60 -7.47
C GLY A 32 -4.55 -11.96 -6.11
N GLN A 33 -3.70 -12.35 -5.16
CA GLN A 33 -4.16 -12.69 -3.83
C GLN A 33 -4.61 -11.46 -3.06
N GLU A 34 -5.88 -11.43 -2.64
CA GLU A 34 -6.41 -10.31 -1.87
C GLU A 34 -6.23 -10.59 -0.38
N ARG A 35 -5.39 -9.79 0.25
CA ARG A 35 -5.13 -9.92 1.67
C ARG A 35 -5.59 -8.67 2.41
N VAL A 36 -6.22 -8.83 3.57
CA VAL A 36 -6.61 -7.68 4.35
C VAL A 36 -5.36 -7.03 4.93
N LEU A 37 -5.30 -5.72 4.85
CA LEU A 37 -4.13 -5.02 5.32
C LEU A 37 -4.35 -4.45 6.70
N LYS A 38 -3.27 -4.35 7.43
CA LYS A 38 -3.30 -4.00 8.83
C LYS A 38 -2.23 -2.98 9.11
N LEU A 39 -2.19 -2.43 10.30
CA LEU A 39 -1.13 -1.51 10.63
C LEU A 39 0.16 -2.26 10.82
N GLY A 40 1.24 -1.68 10.36
CA GLY A 40 2.52 -2.33 10.50
C GLY A 40 2.72 -3.41 9.46
N ASP A 41 1.73 -3.56 8.58
CA ASP A 41 1.78 -4.57 7.52
C ASP A 41 2.65 -4.10 6.38
N PRO A 42 3.39 -5.05 5.80
CA PRO A 42 4.31 -4.82 4.70
C PRO A 42 3.63 -4.70 3.35
N ILE A 43 4.03 -3.69 2.60
CA ILE A 43 3.60 -3.50 1.23
C ILE A 43 4.69 -4.00 0.30
N PHE A 44 4.30 -4.71 -0.73
CA PHE A 44 5.24 -5.26 -1.67
C PHE A 44 5.01 -4.66 -3.05
N PHE A 45 6.06 -4.65 -3.86
CA PHE A 45 6.00 -4.01 -5.17
C PHE A 45 5.15 -4.82 -6.13
N GLY A 46 4.03 -4.24 -6.55
CA GLY A 46 3.18 -4.91 -7.52
C GLY A 46 1.84 -5.31 -6.95
N GLU A 47 1.53 -4.89 -5.72
CA GLU A 47 0.25 -5.25 -5.12
C GLU A 47 -0.77 -4.16 -5.36
N THR A 48 -2.01 -4.58 -5.49
CA THR A 48 -3.11 -3.69 -5.79
C THR A 48 -3.96 -3.42 -4.54
N VAL A 49 -3.87 -2.22 -4.01
CA VAL A 49 -4.55 -1.92 -2.77
C VAL A 49 -6.01 -1.55 -3.02
N LEU A 50 -6.89 -2.32 -2.40
CA LEU A 50 -8.33 -2.14 -2.51
C LEU A 50 -8.87 -1.57 -1.21
N THR A 51 -9.19 -0.30 -1.21
CA THR A 51 -9.77 0.31 -0.03
C THR A 51 -11.28 0.41 -0.19
N GLY A 52 -11.98 0.48 0.91
CA GLY A 52 -13.42 0.58 0.87
C GLY A 52 -13.97 1.35 2.04
N GLY A 53 -14.67 2.44 1.74
CA GLY A 53 -15.29 3.25 2.77
C GLY A 53 -14.31 3.82 3.76
N SER A 54 -13.79 5.01 3.45
CA SER A 54 -12.89 5.74 4.35
C SER A 54 -11.61 4.94 4.60
N GLY A 55 -11.18 4.20 3.59
CA GLY A 55 -9.95 3.45 3.69
C GLY A 55 -8.73 4.34 3.52
N SER A 56 -8.31 4.98 4.61
CA SER A 56 -7.23 5.94 4.56
C SER A 56 -5.96 5.29 5.09
N VAL A 57 -5.03 5.05 4.22
CA VAL A 57 -3.88 4.23 4.55
C VAL A 57 -2.59 4.95 4.24
N THR A 58 -1.67 4.95 5.18
CA THR A 58 -0.37 5.56 5.01
C THR A 58 0.71 4.49 4.89
N ILE A 59 1.21 4.35 3.68
CA ILE A 59 2.27 3.41 3.41
C ILE A 59 3.61 4.12 3.42
N ALA A 60 4.34 3.96 4.50
CA ALA A 60 5.66 4.54 4.62
C ALA A 60 6.67 3.67 3.90
N PHE A 61 7.02 4.08 2.69
CA PHE A 61 7.96 3.33 1.87
C PHE A 61 9.31 3.24 2.53
N VAL A 62 9.96 2.11 2.33
CA VAL A 62 11.17 1.76 3.03
C VAL A 62 12.36 2.60 2.55
N ASP A 63 12.19 3.29 1.43
CA ASP A 63 13.21 4.18 0.90
C ASP A 63 13.29 5.46 1.73
N GLY A 64 12.24 5.72 2.49
CA GLY A 64 12.18 6.93 3.28
C GLY A 64 11.03 7.81 2.86
N THR A 65 10.38 7.44 1.77
CA THR A 65 9.22 8.16 1.29
C THR A 65 7.94 7.61 1.93
N ASP A 66 6.80 8.21 1.62
CA ASP A 66 5.53 7.76 2.18
C ASP A 66 4.39 8.07 1.23
N VAL A 67 3.30 7.35 1.36
CA VAL A 67 2.15 7.51 0.48
C VAL A 67 0.85 7.33 1.25
N VAL A 68 -0.19 8.01 0.80
CA VAL A 68 -1.49 7.90 1.45
C VAL A 68 -2.57 7.51 0.43
N ILE A 69 -3.39 6.55 0.81
CA ILE A 69 -4.43 6.04 -0.07
C ILE A 69 -5.78 6.61 0.35
N GLY A 70 -6.66 6.81 -0.64
CA GLY A 70 -8.01 7.24 -0.34
C GLY A 70 -8.94 6.06 -0.16
N GLY A 71 -10.21 6.34 0.08
CA GLY A 71 -11.14 5.29 0.42
C GLY A 71 -12.00 4.90 -0.75
N ASP A 72 -12.39 3.64 -0.80
CA ASP A 72 -13.09 3.08 -1.95
C ASP A 72 -12.24 3.23 -3.22
N SER A 73 -10.94 3.33 -3.01
CA SER A 73 -10.00 3.49 -4.12
C SER A 73 -9.24 2.19 -4.37
N ILE A 74 -8.66 2.08 -5.55
CA ILE A 74 -7.88 0.91 -5.93
C ILE A 74 -6.64 1.35 -6.71
N VAL A 75 -5.47 1.05 -6.16
CA VAL A 75 -4.22 1.50 -6.77
C VAL A 75 -3.16 0.40 -6.69
N GLU A 76 -2.35 0.27 -7.75
CA GLU A 76 -1.30 -0.74 -7.77
C GLU A 76 0.03 -0.12 -7.40
N MET A 77 0.69 -0.74 -6.42
CA MET A 77 1.98 -0.26 -5.92
C MET A 77 3.06 -0.41 -6.99
N THR A 78 3.21 0.62 -7.80
CA THR A 78 4.13 0.59 -8.93
C THR A 78 5.27 1.60 -8.75
N ASP A 79 5.99 1.88 -9.82
CA ASP A 79 7.14 2.78 -9.76
C ASP A 79 6.68 4.22 -9.54
N GLU A 80 5.56 4.58 -10.17
CA GLU A 80 4.96 5.89 -9.97
C GLU A 80 4.56 6.08 -8.52
N ILE A 81 4.18 4.99 -7.90
CA ILE A 81 3.80 4.95 -6.51
C ILE A 81 5.02 5.04 -5.60
N TYR A 82 5.97 4.16 -5.84
CA TYR A 82 7.17 4.07 -5.02
C TYR A 82 8.35 4.71 -5.74
N ASN A 83 8.42 6.03 -5.67
CA ASN A 83 9.54 6.77 -6.24
C ASN A 83 10.74 6.65 -5.31
N THR A 84 11.71 5.86 -5.73
CA THR A 84 12.88 5.57 -4.90
C THR A 84 14.01 6.55 -5.18
N GLY A 85 14.75 6.89 -4.13
CA GLY A 85 15.96 7.67 -4.29
C GLY A 85 17.14 6.79 -4.60
N ASP A 86 16.99 5.50 -4.32
CA ASP A 86 18.01 4.51 -4.65
C ASP A 86 17.86 4.06 -6.10
N ASN A 87 16.62 4.10 -6.58
CA ASN A 87 16.26 3.74 -7.95
C ASN A 87 16.58 2.26 -8.21
N GLY A 12 9.40 -10.54 -4.69
CA GLY A 12 8.42 -10.21 -3.63
C GLY A 12 9.08 -9.55 -2.44
N ASN A 13 9.64 -8.36 -2.64
CA ASN A 13 10.32 -7.65 -1.58
C ASN A 13 9.41 -6.60 -0.98
N ALA A 14 9.57 -6.37 0.31
CA ALA A 14 8.79 -5.37 1.01
C ALA A 14 9.35 -3.98 0.77
N ILE A 15 8.57 -3.18 0.08
CA ILE A 15 9.00 -1.88 -0.38
C ILE A 15 8.54 -0.77 0.55
N GLY A 16 7.60 -1.10 1.42
CA GLY A 16 7.08 -0.14 2.37
C GLY A 16 6.26 -0.81 3.43
N PHE A 17 5.80 -0.05 4.41
CA PHE A 17 5.07 -0.61 5.52
C PHE A 17 3.95 0.30 5.97
N ILE A 18 2.90 -0.29 6.52
CA ILE A 18 1.76 0.48 6.99
C ILE A 18 2.06 1.13 8.34
N THR A 19 1.96 2.44 8.39
CA THR A 19 2.20 3.18 9.62
C THR A 19 0.93 3.86 10.10
N LYS A 20 -0.01 4.03 9.18
CA LYS A 20 -1.32 4.54 9.50
C LYS A 20 -2.33 3.84 8.62
N LEU A 21 -3.50 3.56 9.17
CA LEU A 21 -4.53 2.86 8.43
C LEU A 21 -5.89 3.08 9.05
N ASP A 22 -6.88 3.23 8.20
CA ASP A 22 -8.26 3.44 8.62
C ASP A 22 -9.22 2.86 7.60
N GLY A 23 -10.36 2.41 8.07
CA GLY A 23 -11.41 1.93 7.18
C GLY A 23 -11.18 0.51 6.72
N SER A 24 -11.83 0.15 5.61
CA SER A 24 -11.76 -1.19 5.08
C SER A 24 -10.79 -1.24 3.91
N VAL A 25 -9.74 -2.05 4.03
CA VAL A 25 -8.72 -2.12 3.01
C VAL A 25 -8.29 -3.57 2.73
N THR A 26 -7.85 -3.79 1.51
CA THR A 26 -7.37 -5.07 1.04
C THR A 26 -6.22 -4.84 0.08
N VAL A 27 -5.38 -5.84 -0.14
CA VAL A 27 -4.33 -5.71 -1.14
C VAL A 27 -4.30 -6.93 -2.05
N GLN A 28 -4.23 -6.67 -3.33
CA GLN A 28 -4.18 -7.71 -4.34
C GLN A 28 -2.74 -7.90 -4.78
N SER A 29 -2.10 -8.93 -4.23
CA SER A 29 -0.71 -9.20 -4.56
C SER A 29 -0.57 -9.50 -6.06
N ILE A 30 0.65 -9.63 -6.55
CA ILE A 30 0.87 -9.87 -7.99
C ILE A 30 0.21 -11.17 -8.46
N ASN A 31 -0.16 -12.02 -7.52
CA ASN A 31 -0.84 -13.28 -7.84
C ASN A 31 -2.35 -13.04 -7.96
N GLY A 32 -2.78 -11.85 -7.59
CA GLY A 32 -4.20 -11.52 -7.58
C GLY A 32 -4.82 -11.89 -6.25
N GLN A 33 -3.96 -12.30 -5.33
CA GLN A 33 -4.37 -12.67 -3.99
C GLN A 33 -4.78 -11.43 -3.20
N GLU A 34 -6.02 -11.39 -2.78
CA GLU A 34 -6.52 -10.28 -1.99
C GLU A 34 -6.31 -10.57 -0.51
N ARG A 35 -5.40 -9.83 0.09
CA ARG A 35 -5.03 -10.01 1.48
C ARG A 35 -5.42 -8.77 2.27
N VAL A 36 -5.89 -8.96 3.50
CA VAL A 36 -6.28 -7.84 4.34
C VAL A 36 -5.05 -7.13 4.88
N LEU A 37 -5.14 -5.81 4.98
CA LEU A 37 -4.04 -5.03 5.50
C LEU A 37 -4.38 -4.46 6.86
N LYS A 38 -3.49 -4.67 7.81
CA LYS A 38 -3.57 -4.04 9.10
C LYS A 38 -2.33 -3.16 9.29
N LEU A 39 -2.22 -2.50 10.41
CA LEU A 39 -1.04 -1.68 10.65
C LEU A 39 0.20 -2.56 10.74
N GLY A 40 1.33 -2.02 10.31
CA GLY A 40 2.56 -2.75 10.39
C GLY A 40 2.73 -3.76 9.27
N ASP A 41 1.68 -3.93 8.47
CA ASP A 41 1.77 -4.82 7.32
C ASP A 41 2.81 -4.30 6.34
N PRO A 42 3.52 -5.22 5.71
CA PRO A 42 4.52 -4.89 4.72
C PRO A 42 3.94 -4.84 3.32
N ILE A 43 4.25 -3.79 2.60
CA ILE A 43 3.81 -3.66 1.23
C ILE A 43 4.88 -4.17 0.30
N PHE A 44 4.47 -4.95 -0.67
CA PHE A 44 5.38 -5.53 -1.64
C PHE A 44 5.11 -4.92 -3.00
N PHE A 45 6.15 -4.83 -3.82
CA PHE A 45 6.06 -4.16 -5.11
C PHE A 45 5.15 -4.93 -6.04
N GLY A 46 4.05 -4.31 -6.43
CA GLY A 46 3.13 -4.92 -7.37
C GLY A 46 1.77 -5.22 -6.78
N GLU A 47 1.63 -5.09 -5.45
CA GLU A 47 0.34 -5.36 -4.84
C GLU A 47 -0.63 -4.21 -5.08
N THR A 48 -1.87 -4.56 -5.34
CA THR A 48 -2.91 -3.62 -5.69
C THR A 48 -3.81 -3.34 -4.50
N VAL A 49 -3.72 -2.14 -3.94
CA VAL A 49 -4.45 -1.83 -2.73
C VAL A 49 -5.89 -1.45 -3.04
N LEU A 50 -6.80 -2.06 -2.29
CA LEU A 50 -8.23 -1.87 -2.46
C LEU A 50 -8.82 -1.27 -1.19
N THR A 51 -9.23 -0.02 -1.26
CA THR A 51 -9.88 0.59 -0.13
C THR A 51 -11.38 0.71 -0.40
N GLY A 52 -12.15 0.80 0.66
CA GLY A 52 -13.57 0.93 0.53
C GLY A 52 -14.13 1.98 1.46
N GLY A 53 -15.05 2.79 0.94
CA GLY A 53 -15.68 3.83 1.73
C GLY A 53 -14.69 4.74 2.41
N SER A 54 -14.64 4.66 3.74
CA SER A 54 -13.79 5.55 4.52
C SER A 54 -12.39 4.97 4.68
N GLY A 55 -11.96 4.18 3.70
CA GLY A 55 -10.62 3.64 3.71
C GLY A 55 -9.57 4.73 3.56
N SER A 56 -8.57 4.73 4.43
CA SER A 56 -7.46 5.65 4.33
C SER A 56 -6.21 5.01 4.90
N VAL A 57 -5.13 4.97 4.14
CA VAL A 57 -3.94 4.25 4.56
C VAL A 57 -2.68 5.07 4.32
N THR A 58 -1.70 4.90 5.19
CA THR A 58 -0.40 5.53 5.00
C THR A 58 0.67 4.46 4.87
N ILE A 59 1.22 4.34 3.68
CA ILE A 59 2.30 3.41 3.43
C ILE A 59 3.62 4.14 3.47
N ALA A 60 4.39 3.87 4.50
CA ALA A 60 5.71 4.43 4.65
C ALA A 60 6.69 3.60 3.86
N PHE A 61 7.07 4.09 2.70
CA PHE A 61 7.99 3.38 1.84
C PHE A 61 9.38 3.37 2.43
N VAL A 62 10.07 2.27 2.21
CA VAL A 62 11.34 1.98 2.84
C VAL A 62 12.46 2.84 2.26
N ASP A 63 12.11 3.72 1.32
CA ASP A 63 13.06 4.67 0.75
C ASP A 63 13.03 5.99 1.53
N GLY A 64 12.01 6.13 2.38
CA GLY A 64 11.89 7.33 3.17
C GLY A 64 10.69 8.17 2.79
N THR A 65 9.99 7.76 1.74
CA THR A 65 8.80 8.45 1.31
C THR A 65 7.55 7.82 1.92
N ASP A 66 6.45 8.55 1.96
CA ASP A 66 5.20 8.02 2.51
C ASP A 66 4.05 8.37 1.58
N VAL A 67 3.10 7.47 1.45
CA VAL A 67 1.93 7.72 0.63
C VAL A 67 0.66 7.59 1.44
N VAL A 68 -0.41 8.11 0.89
CA VAL A 68 -1.71 8.04 1.52
C VAL A 68 -2.76 7.55 0.52
N ILE A 69 -3.51 6.56 0.90
CA ILE A 69 -4.51 5.99 0.03
C ILE A 69 -5.90 6.47 0.44
N GLY A 70 -6.67 6.94 -0.54
CA GLY A 70 -8.01 7.41 -0.27
C GLY A 70 -9.00 6.28 -0.10
N GLY A 71 -10.29 6.59 -0.18
CA GLY A 71 -11.30 5.61 0.12
C GLY A 71 -12.03 5.18 -1.12
N ASP A 72 -12.42 3.91 -1.16
CA ASP A 72 -13.03 3.31 -2.34
C ASP A 72 -12.08 3.43 -3.54
N SER A 73 -10.79 3.52 -3.25
CA SER A 73 -9.77 3.64 -4.28
C SER A 73 -9.06 2.32 -4.50
N ILE A 74 -8.49 2.16 -5.69
CA ILE A 74 -7.74 0.96 -6.04
C ILE A 74 -6.52 1.35 -6.86
N VAL A 75 -5.33 1.06 -6.33
CA VAL A 75 -4.09 1.43 -6.98
C VAL A 75 -3.01 0.40 -6.70
N GLU A 76 -2.15 0.13 -7.66
CA GLU A 76 -1.14 -0.90 -7.50
C GLU A 76 0.23 -0.29 -7.25
N MET A 77 0.96 -0.91 -6.33
CA MET A 77 2.28 -0.46 -5.93
C MET A 77 3.27 -0.56 -7.08
N THR A 78 3.38 0.51 -7.85
CA THR A 78 4.30 0.58 -8.95
C THR A 78 5.36 1.65 -8.68
N ASP A 79 6.19 1.95 -9.66
CA ASP A 79 7.25 2.93 -9.47
C ASP A 79 6.67 4.34 -9.40
N GLU A 80 5.49 4.52 -9.98
CA GLU A 80 4.78 5.79 -9.89
C GLU A 80 4.27 6.02 -8.47
N ILE A 81 4.11 4.92 -7.76
CA ILE A 81 3.71 4.95 -6.37
C ILE A 81 4.96 5.04 -5.49
N TYR A 82 5.84 4.09 -5.68
CA TYR A 82 7.06 4.00 -4.92
C TYR A 82 8.22 4.54 -5.75
N ASN A 83 8.33 5.86 -5.77
CA ASN A 83 9.44 6.51 -6.46
C ASN A 83 10.67 6.47 -5.58
N THR A 84 11.62 5.62 -5.95
CA THR A 84 12.82 5.43 -5.16
C THR A 84 13.84 6.52 -5.41
N GLY A 85 14.29 7.16 -4.34
CA GLY A 85 15.35 8.13 -4.44
C GLY A 85 16.69 7.45 -4.53
N ASP A 86 16.84 6.36 -3.79
CA ASP A 86 18.03 5.53 -3.88
C ASP A 86 17.77 4.38 -4.83
N ASN A 87 18.32 4.47 -6.02
CA ASN A 87 18.10 3.47 -7.04
C ASN A 87 19.18 2.41 -7.01
N GLY A 12 9.15 -10.91 -5.01
CA GLY A 12 8.88 -9.49 -4.71
C GLY A 12 9.49 -9.06 -3.40
N ASN A 13 9.75 -7.77 -3.26
CA ASN A 13 10.30 -7.23 -2.03
C ASN A 13 9.29 -6.34 -1.35
N ALA A 14 9.34 -6.30 -0.02
CA ALA A 14 8.50 -5.40 0.73
C ALA A 14 9.07 -3.99 0.61
N ILE A 15 8.37 -3.16 -0.14
CA ILE A 15 8.87 -1.86 -0.52
C ILE A 15 8.41 -0.78 0.46
N GLY A 16 7.50 -1.15 1.34
CA GLY A 16 7.01 -0.22 2.32
C GLY A 16 6.21 -0.90 3.38
N PHE A 17 5.77 -0.15 4.38
CA PHE A 17 5.07 -0.73 5.51
C PHE A 17 4.00 0.22 6.00
N ILE A 18 2.94 -0.34 6.55
CA ILE A 18 1.81 0.44 7.02
C ILE A 18 2.12 1.08 8.36
N THR A 19 1.99 2.41 8.43
CA THR A 19 2.24 3.12 9.67
C THR A 19 0.96 3.81 10.15
N LYS A 20 0.06 4.06 9.22
CA LYS A 20 -1.26 4.59 9.55
C LYS A 20 -2.27 3.89 8.67
N LEU A 21 -3.38 3.47 9.22
CA LEU A 21 -4.39 2.78 8.44
C LEU A 21 -5.77 2.99 9.03
N ASP A 22 -6.73 3.22 8.15
CA ASP A 22 -8.09 3.45 8.56
C ASP A 22 -9.07 2.92 7.51
N GLY A 23 -10.28 2.64 7.94
CA GLY A 23 -11.33 2.21 7.03
C GLY A 23 -11.20 0.75 6.63
N SER A 24 -11.80 0.41 5.50
CA SER A 24 -11.77 -0.96 5.01
C SER A 24 -10.78 -1.05 3.86
N VAL A 25 -9.74 -1.86 4.02
CA VAL A 25 -8.69 -1.95 3.01
C VAL A 25 -8.30 -3.40 2.74
N THR A 26 -7.81 -3.62 1.53
CA THR A 26 -7.42 -4.93 1.05
C THR A 26 -6.28 -4.76 0.05
N VAL A 27 -5.50 -5.80 -0.19
CA VAL A 27 -4.48 -5.72 -1.23
C VAL A 27 -4.44 -6.98 -2.06
N GLN A 28 -4.40 -6.80 -3.37
CA GLN A 28 -4.24 -7.88 -4.32
C GLN A 28 -2.79 -7.99 -4.71
N SER A 29 -2.08 -8.94 -4.12
CA SER A 29 -0.65 -9.06 -4.36
C SER A 29 -0.35 -9.36 -5.83
N ILE A 30 0.92 -9.49 -6.17
CA ILE A 30 1.29 -9.85 -7.53
C ILE A 30 0.74 -11.22 -7.91
N ASN A 31 0.43 -12.02 -6.88
CA ASN A 31 -0.16 -13.34 -7.10
C ASN A 31 -1.66 -13.19 -7.35
N GLY A 32 -2.17 -11.99 -7.14
CA GLY A 32 -3.58 -11.70 -7.35
C GLY A 32 -4.40 -12.05 -6.14
N GLN A 33 -3.69 -12.28 -5.05
CA GLN A 33 -4.31 -12.67 -3.80
C GLN A 33 -4.68 -11.44 -2.98
N GLU A 34 -5.96 -11.33 -2.67
CA GLU A 34 -6.46 -10.22 -1.87
C GLU A 34 -6.40 -10.57 -0.38
N ARG A 35 -5.63 -9.82 0.37
CA ARG A 35 -5.56 -9.99 1.81
C ARG A 35 -6.01 -8.73 2.50
N VAL A 36 -6.26 -8.82 3.78
CA VAL A 36 -6.68 -7.65 4.54
C VAL A 36 -5.46 -6.98 5.14
N LEU A 37 -5.34 -5.70 4.90
CA LEU A 37 -4.15 -4.97 5.33
C LEU A 37 -4.34 -4.41 6.71
N LYS A 38 -3.24 -4.28 7.41
CA LYS A 38 -3.25 -3.92 8.81
C LYS A 38 -2.09 -2.99 9.09
N LEU A 39 -1.99 -2.49 10.29
CA LEU A 39 -0.85 -1.66 10.61
C LEU A 39 0.38 -2.52 10.75
N GLY A 40 1.50 -2.02 10.28
CA GLY A 40 2.72 -2.77 10.38
C GLY A 40 2.80 -3.85 9.31
N ASP A 41 1.85 -3.84 8.38
CA ASP A 41 1.84 -4.80 7.29
C ASP A 41 2.72 -4.32 6.15
N PRO A 42 3.45 -5.26 5.55
CA PRO A 42 4.39 -5.00 4.47
C PRO A 42 3.70 -4.82 3.12
N ILE A 43 4.08 -3.76 2.43
CA ILE A 43 3.64 -3.52 1.08
C ILE A 43 4.70 -3.97 0.12
N PHE A 44 4.30 -4.70 -0.90
CA PHE A 44 5.23 -5.23 -1.88
C PHE A 44 4.98 -4.58 -3.24
N PHE A 45 6.03 -4.51 -4.05
CA PHE A 45 5.95 -3.88 -5.36
C PHE A 45 5.07 -4.70 -6.28
N GLY A 46 3.91 -4.16 -6.63
CA GLY A 46 3.03 -4.85 -7.52
C GLY A 46 1.72 -5.26 -6.88
N GLU A 47 1.48 -4.84 -5.64
CA GLU A 47 0.24 -5.19 -4.98
C GLU A 47 -0.83 -4.13 -5.23
N THR A 48 -2.01 -4.60 -5.55
CA THR A 48 -3.13 -3.76 -5.90
C THR A 48 -4.00 -3.48 -4.69
N VAL A 49 -3.92 -2.27 -4.16
CA VAL A 49 -4.63 -1.94 -2.93
C VAL A 49 -6.09 -1.58 -3.23
N LEU A 50 -6.99 -2.22 -2.49
CA LEU A 50 -8.41 -2.03 -2.66
C LEU A 50 -9.00 -1.46 -1.38
N THR A 51 -9.38 -0.19 -1.40
CA THR A 51 -9.98 0.43 -0.24
C THR A 51 -11.47 0.59 -0.45
N GLY A 52 -12.21 0.63 0.63
CA GLY A 52 -13.64 0.79 0.56
C GLY A 52 -14.12 1.90 1.46
N GLY A 53 -15.11 2.65 0.98
CA GLY A 53 -15.70 3.73 1.75
C GLY A 53 -14.68 4.75 2.22
N SER A 54 -14.50 4.84 3.53
CA SER A 54 -13.58 5.79 4.12
C SER A 54 -12.22 5.12 4.39
N GLY A 55 -11.76 4.36 3.40
CA GLY A 55 -10.44 3.76 3.49
C GLY A 55 -9.34 4.80 3.41
N SER A 56 -8.34 4.69 4.26
CA SER A 56 -7.17 5.56 4.19
C SER A 56 -5.96 4.83 4.78
N VAL A 57 -4.84 4.91 4.09
CA VAL A 57 -3.65 4.17 4.51
C VAL A 57 -2.39 4.97 4.25
N THR A 58 -1.55 5.08 5.28
CA THR A 58 -0.23 5.67 5.14
C THR A 58 0.80 4.57 5.00
N ILE A 59 1.30 4.39 3.80
CA ILE A 59 2.34 3.44 3.55
C ILE A 59 3.69 4.12 3.58
N ALA A 60 4.42 3.86 4.63
CA ALA A 60 5.77 4.37 4.75
C ALA A 60 6.71 3.46 4.00
N PHE A 61 7.16 3.92 2.84
CA PHE A 61 8.04 3.14 1.99
C PHE A 61 9.41 3.01 2.61
N VAL A 62 10.07 1.92 2.26
CA VAL A 62 11.30 1.53 2.91
C VAL A 62 12.47 2.43 2.51
N ASP A 63 12.25 3.26 1.49
CA ASP A 63 13.24 4.24 1.06
C ASP A 63 13.20 5.48 1.94
N GLY A 64 12.07 5.69 2.61
CA GLY A 64 11.90 6.87 3.43
C GLY A 64 10.76 7.75 2.95
N THR A 65 10.21 7.41 1.80
CA THR A 65 9.06 8.12 1.27
C THR A 65 7.76 7.57 1.86
N ASP A 66 6.75 8.41 1.98
CA ASP A 66 5.48 7.96 2.54
C ASP A 66 4.34 8.32 1.59
N VAL A 67 3.31 7.49 1.55
CA VAL A 67 2.15 7.74 0.70
C VAL A 67 0.86 7.61 1.49
N VAL A 68 -0.22 8.00 0.84
CA VAL A 68 -1.54 7.89 1.44
C VAL A 68 -2.55 7.37 0.40
N ILE A 69 -3.38 6.42 0.81
CA ILE A 69 -4.38 5.85 -0.08
C ILE A 69 -5.77 6.34 0.32
N GLY A 70 -6.55 6.71 -0.68
CA GLY A 70 -7.91 7.17 -0.42
C GLY A 70 -8.88 6.01 -0.25
N GLY A 71 -10.16 6.33 -0.22
CA GLY A 71 -11.17 5.33 0.08
C GLY A 71 -12.00 5.00 -1.13
N ASP A 72 -12.52 3.78 -1.17
CA ASP A 72 -13.21 3.27 -2.36
C ASP A 72 -12.28 3.33 -3.57
N SER A 73 -10.98 3.37 -3.30
CA SER A 73 -9.99 3.51 -4.34
C SER A 73 -9.25 2.20 -4.58
N ILE A 74 -8.66 2.09 -5.75
CA ILE A 74 -7.89 0.91 -6.13
C ILE A 74 -6.65 1.35 -6.90
N VAL A 75 -5.48 1.02 -6.37
CA VAL A 75 -4.23 1.42 -6.99
C VAL A 75 -3.17 0.35 -6.79
N GLU A 76 -2.40 0.07 -7.83
CA GLU A 76 -1.34 -0.92 -7.76
C GLU A 76 -0.03 -0.24 -7.38
N MET A 77 0.64 -0.82 -6.38
CA MET A 77 1.91 -0.29 -5.89
C MET A 77 2.99 -0.41 -6.96
N THR A 78 3.11 0.63 -7.78
CA THR A 78 4.04 0.62 -8.90
C THR A 78 5.11 1.68 -8.73
N ASP A 79 5.82 1.97 -9.81
CA ASP A 79 6.91 2.95 -9.78
C ASP A 79 6.39 4.35 -9.49
N GLU A 80 5.24 4.67 -10.06
CA GLU A 80 4.60 5.95 -9.85
C GLU A 80 4.20 6.11 -8.39
N ILE A 81 3.92 4.98 -7.77
CA ILE A 81 3.59 4.92 -6.37
C ILE A 81 4.84 5.05 -5.49
N TYR A 82 5.86 4.31 -5.85
CA TYR A 82 7.07 4.24 -5.06
C TYR A 82 8.22 4.93 -5.76
N ASN A 83 8.25 6.25 -5.67
CA ASN A 83 9.35 7.03 -6.19
C ASN A 83 10.50 7.03 -5.18
N THR A 84 11.56 6.31 -5.49
CA THR A 84 12.69 6.18 -4.58
C THR A 84 13.64 7.37 -4.70
N GLY A 85 14.12 7.87 -3.58
CA GLY A 85 15.10 8.94 -3.58
C GLY A 85 14.53 10.26 -3.11
N ASP A 86 14.76 10.57 -1.84
CA ASP A 86 14.39 11.88 -1.29
C ASP A 86 15.46 12.91 -1.60
N ASN A 87 15.14 14.17 -1.38
CA ASN A 87 16.07 15.25 -1.59
C ASN A 87 16.57 15.76 -0.25
N GLY A 12 9.83 -9.17 -5.64
CA GLY A 12 8.65 -9.01 -4.76
C GLY A 12 9.04 -8.72 -3.32
N ASN A 13 9.86 -7.70 -3.13
CA ASN A 13 10.32 -7.33 -1.80
C ASN A 13 9.34 -6.36 -1.15
N ALA A 14 9.45 -6.24 0.16
CA ALA A 14 8.62 -5.32 0.91
C ALA A 14 9.16 -3.91 0.78
N ILE A 15 8.43 -3.10 0.05
CA ILE A 15 8.88 -1.78 -0.35
C ILE A 15 8.43 -0.71 0.62
N GLY A 16 7.50 -1.06 1.50
CA GLY A 16 7.01 -0.10 2.48
C GLY A 16 6.15 -0.77 3.51
N PHE A 17 5.71 -0.01 4.49
CA PHE A 17 4.96 -0.56 5.61
C PHE A 17 3.89 0.40 6.08
N ILE A 18 2.81 -0.15 6.59
CA ILE A 18 1.65 0.64 7.01
C ILE A 18 1.89 1.36 8.35
N THR A 19 1.74 2.67 8.34
CA THR A 19 1.93 3.47 9.56
C THR A 19 0.64 4.16 9.97
N LYS A 20 -0.28 4.30 9.03
CA LYS A 20 -1.61 4.83 9.29
C LYS A 20 -2.61 4.03 8.47
N LEU A 21 -3.72 3.66 9.06
CA LEU A 21 -4.71 2.88 8.34
C LEU A 21 -6.10 3.05 8.94
N ASP A 22 -7.08 3.15 8.05
CA ASP A 22 -8.47 3.19 8.48
C ASP A 22 -9.35 2.47 7.50
N GLY A 23 -10.48 2.02 7.98
CA GLY A 23 -11.53 1.63 7.12
C GLY A 23 -11.38 0.21 6.62
N SER A 24 -12.08 -0.12 5.55
CA SER A 24 -11.99 -1.42 4.94
C SER A 24 -10.93 -1.42 3.84
N VAL A 25 -9.88 -2.19 4.02
CA VAL A 25 -8.79 -2.22 3.03
C VAL A 25 -8.35 -3.65 2.75
N THR A 26 -7.84 -3.83 1.55
CA THR A 26 -7.38 -5.12 1.06
C THR A 26 -6.24 -4.89 0.07
N VAL A 27 -5.40 -5.88 -0.16
CA VAL A 27 -4.40 -5.75 -1.20
C VAL A 27 -4.36 -6.97 -2.11
N GLN A 28 -4.34 -6.71 -3.40
CA GLN A 28 -4.23 -7.74 -4.41
C GLN A 28 -2.79 -7.88 -4.86
N SER A 29 -2.11 -8.86 -4.32
CA SER A 29 -0.71 -9.07 -4.65
C SER A 29 -0.54 -9.42 -6.12
N ILE A 30 0.68 -9.58 -6.59
CA ILE A 30 0.91 -9.87 -8.00
C ILE A 30 0.24 -11.18 -8.42
N ASN A 31 0.06 -12.08 -7.46
CA ASN A 31 -0.64 -13.34 -7.71
C ASN A 31 -2.14 -13.10 -7.89
N GLY A 32 -2.60 -11.93 -7.47
CA GLY A 32 -4.01 -11.61 -7.50
C GLY A 32 -4.67 -11.95 -6.19
N GLN A 33 -3.85 -12.37 -5.24
CA GLN A 33 -4.28 -12.73 -3.91
C GLN A 33 -4.64 -11.49 -3.11
N GLU A 34 -5.82 -11.49 -2.52
CA GLU A 34 -6.32 -10.34 -1.79
C GLU A 34 -6.26 -10.60 -0.28
N ARG A 35 -5.35 -9.93 0.41
CA ARG A 35 -5.27 -10.06 1.85
C ARG A 35 -5.73 -8.78 2.50
N VAL A 36 -5.99 -8.84 3.78
CA VAL A 36 -6.40 -7.67 4.54
C VAL A 36 -5.18 -6.96 5.08
N LEU A 37 -5.20 -5.64 5.03
CA LEU A 37 -4.10 -4.87 5.54
C LEU A 37 -4.46 -4.24 6.88
N LYS A 38 -3.56 -4.41 7.84
CA LYS A 38 -3.65 -3.74 9.12
C LYS A 38 -2.43 -2.84 9.27
N LEU A 39 -2.30 -2.18 10.40
CA LEU A 39 -1.10 -1.40 10.65
C LEU A 39 0.09 -2.33 10.76
N GLY A 40 1.25 -1.87 10.31
CA GLY A 40 2.45 -2.64 10.45
C GLY A 40 2.58 -3.72 9.40
N ASP A 41 1.61 -3.79 8.47
CA ASP A 41 1.69 -4.75 7.39
C ASP A 41 2.63 -4.25 6.31
N PRO A 42 3.35 -5.18 5.68
CA PRO A 42 4.27 -4.88 4.61
C PRO A 42 3.57 -4.67 3.27
N ILE A 43 4.08 -3.73 2.50
CA ILE A 43 3.65 -3.52 1.13
C ILE A 43 4.74 -3.99 0.20
N PHE A 44 4.35 -4.68 -0.84
CA PHE A 44 5.30 -5.23 -1.80
C PHE A 44 5.08 -4.60 -3.16
N PHE A 45 6.14 -4.54 -3.95
CA PHE A 45 6.08 -3.90 -5.26
C PHE A 45 5.24 -4.71 -6.22
N GLY A 46 4.07 -4.17 -6.58
CA GLY A 46 3.22 -4.86 -7.53
C GLY A 46 1.88 -5.24 -6.94
N GLU A 47 1.60 -4.84 -5.70
CA GLU A 47 0.33 -5.20 -5.07
C GLU A 47 -0.69 -4.09 -5.28
N THR A 48 -1.93 -4.51 -5.45
CA THR A 48 -3.02 -3.60 -5.76
C THR A 48 -3.91 -3.36 -4.55
N VAL A 49 -3.85 -2.16 -4.00
CA VAL A 49 -4.58 -1.88 -2.78
C VAL A 49 -6.03 -1.52 -3.08
N LEU A 50 -6.93 -2.21 -2.40
CA LEU A 50 -8.36 -2.04 -2.55
C LEU A 50 -8.95 -1.48 -1.27
N THR A 51 -9.32 -0.23 -1.28
CA THR A 51 -9.92 0.39 -0.12
C THR A 51 -11.41 0.56 -0.35
N GLY A 52 -12.16 0.59 0.74
CA GLY A 52 -13.59 0.80 0.65
C GLY A 52 -14.04 1.89 1.59
N GLY A 53 -14.97 2.71 1.11
CA GLY A 53 -15.51 3.79 1.93
C GLY A 53 -14.45 4.76 2.41
N SER A 54 -14.11 4.66 3.68
CA SER A 54 -13.15 5.58 4.29
C SER A 54 -11.80 4.91 4.47
N GLY A 55 -11.56 3.84 3.71
CA GLY A 55 -10.30 3.13 3.76
C GLY A 55 -9.12 4.00 3.38
N SER A 56 -8.44 4.55 4.39
CA SER A 56 -7.31 5.43 4.15
C SER A 56 -6.08 4.82 4.79
N VAL A 57 -4.99 4.91 4.09
CA VAL A 57 -3.81 4.15 4.48
C VAL A 57 -2.54 4.92 4.16
N THR A 58 -1.60 4.92 5.09
CA THR A 58 -0.31 5.53 4.89
C THR A 58 0.76 4.46 4.80
N ILE A 59 1.33 4.33 3.63
CA ILE A 59 2.38 3.37 3.39
C ILE A 59 3.73 4.07 3.42
N ALA A 60 4.42 3.88 4.53
CA ALA A 60 5.75 4.44 4.68
C ALA A 60 6.75 3.59 3.93
N PHE A 61 7.14 4.08 2.77
CA PHE A 61 8.08 3.35 1.93
C PHE A 61 9.44 3.26 2.59
N VAL A 62 10.07 2.13 2.38
CA VAL A 62 11.30 1.78 3.06
C VAL A 62 12.47 2.66 2.60
N ASP A 63 12.25 3.40 1.51
CA ASP A 63 13.26 4.33 1.00
C ASP A 63 13.34 5.57 1.87
N GLY A 64 12.27 5.83 2.62
CA GLY A 64 12.21 7.02 3.45
C GLY A 64 11.02 7.89 3.11
N THR A 65 10.44 7.66 1.94
CA THR A 65 9.26 8.39 1.50
C THR A 65 7.99 7.74 2.04
N ASP A 66 6.87 8.45 1.99
CA ASP A 66 5.60 7.92 2.48
C ASP A 66 4.49 8.18 1.48
N VAL A 67 3.38 7.48 1.62
CA VAL A 67 2.26 7.59 0.69
C VAL A 67 0.94 7.40 1.42
N VAL A 68 -0.14 7.93 0.85
CA VAL A 68 -1.46 7.80 1.45
C VAL A 68 -2.49 7.37 0.40
N ILE A 69 -3.31 6.40 0.77
CA ILE A 69 -4.33 5.87 -0.11
C ILE A 69 -5.69 6.41 0.31
N GLY A 70 -6.50 6.79 -0.68
CA GLY A 70 -7.84 7.25 -0.38
C GLY A 70 -8.79 6.09 -0.23
N GLY A 71 -10.02 6.39 0.16
CA GLY A 71 -10.98 5.36 0.47
C GLY A 71 -11.88 5.07 -0.70
N ASP A 72 -12.36 3.84 -0.78
CA ASP A 72 -13.13 3.39 -1.94
C ASP A 72 -12.27 3.55 -3.21
N SER A 73 -10.96 3.52 -3.02
CA SER A 73 -10.02 3.67 -4.12
C SER A 73 -9.27 2.36 -4.38
N ILE A 74 -8.66 2.27 -5.56
CA ILE A 74 -7.87 1.10 -5.95
C ILE A 74 -6.63 1.56 -6.71
N VAL A 75 -5.46 1.15 -6.24
CA VAL A 75 -4.21 1.55 -6.87
C VAL A 75 -3.14 0.47 -6.69
N GLU A 76 -2.33 0.26 -7.72
CA GLU A 76 -1.26 -0.71 -7.66
C GLU A 76 0.05 -0.06 -7.25
N MET A 77 0.76 -0.71 -6.35
CA MET A 77 2.04 -0.21 -5.86
C MET A 77 3.11 -0.34 -6.95
N THR A 78 3.22 0.68 -7.77
CA THR A 78 4.15 0.67 -8.88
C THR A 78 5.29 1.67 -8.66
N ASP A 79 6.02 2.00 -9.72
CA ASP A 79 7.14 2.93 -9.60
C ASP A 79 6.65 4.37 -9.50
N GLU A 80 5.49 4.66 -10.08
CA GLU A 80 4.86 5.97 -9.91
C GLU A 80 4.45 6.17 -8.46
N ILE A 81 4.14 5.05 -7.84
CA ILE A 81 3.80 5.01 -6.43
C ILE A 81 5.05 5.12 -5.58
N TYR A 82 5.98 4.23 -5.82
CA TYR A 82 7.23 4.16 -5.07
C TYR A 82 8.38 4.60 -5.95
N ASN A 83 8.48 5.91 -6.14
CA ASN A 83 9.57 6.48 -6.91
C ASN A 83 10.83 6.60 -6.05
N THR A 84 11.70 5.61 -6.15
CA THR A 84 12.92 5.60 -5.36
C THR A 84 13.91 6.64 -5.86
N GLY A 85 14.45 7.42 -4.95
CA GLY A 85 15.41 8.45 -5.33
C GLY A 85 14.72 9.75 -5.67
N ASP A 86 13.56 9.97 -5.07
CA ASP A 86 12.80 11.19 -5.28
C ASP A 86 13.34 12.30 -4.39
N ASN A 87 14.44 12.90 -4.83
CA ASN A 87 15.06 13.98 -4.09
C ASN A 87 14.34 15.29 -4.36
N GLY A 12 8.91 -9.98 -5.21
CA GLY A 12 8.25 -9.92 -3.88
C GLY A 12 9.15 -9.37 -2.80
N ASN A 13 9.35 -8.05 -2.83
CA ASN A 13 10.16 -7.39 -1.80
C ASN A 13 9.31 -6.36 -1.10
N ALA A 14 9.49 -6.24 0.20
CA ALA A 14 8.72 -5.29 0.97
C ALA A 14 9.29 -3.89 0.79
N ILE A 15 8.53 -3.08 0.08
CA ILE A 15 8.98 -1.77 -0.36
C ILE A 15 8.50 -0.67 0.59
N GLY A 16 7.57 -1.01 1.46
CA GLY A 16 7.05 -0.06 2.40
C GLY A 16 6.22 -0.72 3.45
N PHE A 17 5.79 0.02 4.45
CA PHE A 17 5.07 -0.55 5.56
C PHE A 17 3.96 0.37 6.04
N ILE A 18 2.89 -0.22 6.54
CA ILE A 18 1.72 0.52 7.00
C ILE A 18 1.98 1.17 8.36
N THR A 19 1.86 2.49 8.42
CA THR A 19 2.07 3.21 9.66
C THR A 19 0.79 3.91 10.12
N LYS A 20 -0.11 4.13 9.17
CA LYS A 20 -1.44 4.65 9.48
C LYS A 20 -2.45 3.97 8.57
N LEU A 21 -3.58 3.57 9.11
CA LEU A 21 -4.59 2.87 8.33
C LEU A 21 -5.98 3.10 8.90
N ASP A 22 -6.95 3.21 8.00
CA ASP A 22 -8.34 3.37 8.40
C ASP A 22 -9.26 2.66 7.46
N GLY A 23 -10.29 2.08 8.04
CA GLY A 23 -11.41 1.66 7.26
C GLY A 23 -11.29 0.24 6.78
N SER A 24 -11.87 -0.02 5.62
CA SER A 24 -11.83 -1.35 5.04
C SER A 24 -10.83 -1.38 3.89
N VAL A 25 -9.75 -2.12 4.06
CA VAL A 25 -8.71 -2.18 3.05
C VAL A 25 -8.28 -3.63 2.77
N THR A 26 -7.81 -3.83 1.55
CA THR A 26 -7.34 -5.13 1.09
C THR A 26 -6.22 -4.91 0.10
N VAL A 27 -5.39 -5.91 -0.14
CA VAL A 27 -4.37 -5.78 -1.16
C VAL A 27 -4.36 -7.01 -2.07
N GLN A 28 -4.40 -6.75 -3.36
CA GLN A 28 -4.33 -7.80 -4.35
C GLN A 28 -2.89 -7.98 -4.78
N SER A 29 -2.24 -8.97 -4.21
CA SER A 29 -0.84 -9.22 -4.47
C SER A 29 -0.62 -9.61 -5.93
N ILE A 30 0.62 -9.86 -6.32
CA ILE A 30 0.96 -10.09 -7.72
C ILE A 30 0.41 -11.42 -8.25
N ASN A 31 -0.19 -12.22 -7.37
CA ASN A 31 -0.87 -13.44 -7.77
C ASN A 31 -2.36 -13.17 -7.94
N GLY A 32 -2.76 -11.95 -7.58
CA GLY A 32 -4.16 -11.58 -7.63
C GLY A 32 -4.85 -11.94 -6.34
N GLN A 33 -4.05 -12.36 -5.37
CA GLN A 33 -4.55 -12.75 -4.07
C GLN A 33 -4.86 -11.52 -3.22
N GLU A 34 -6.10 -11.40 -2.80
CA GLU A 34 -6.52 -10.26 -2.00
C GLU A 34 -6.33 -10.55 -0.52
N ARG A 35 -5.36 -9.88 0.05
CA ARG A 35 -4.98 -10.08 1.45
C ARG A 35 -5.38 -8.85 2.27
N VAL A 36 -5.78 -9.06 3.52
CA VAL A 36 -6.17 -7.95 4.37
C VAL A 36 -4.94 -7.18 4.83
N LEU A 37 -5.05 -5.87 4.91
CA LEU A 37 -3.96 -5.05 5.38
C LEU A 37 -4.30 -4.45 6.73
N LYS A 38 -3.44 -4.71 7.69
CA LYS A 38 -3.53 -4.09 8.99
C LYS A 38 -2.30 -3.22 9.20
N LEU A 39 -2.22 -2.55 10.33
CA LEU A 39 -1.06 -1.72 10.58
C LEU A 39 0.18 -2.58 10.70
N GLY A 40 1.31 -2.03 10.28
CA GLY A 40 2.55 -2.76 10.39
C GLY A 40 2.75 -3.72 9.22
N ASP A 41 1.73 -3.89 8.40
CA ASP A 41 1.83 -4.79 7.25
C ASP A 41 2.85 -4.28 6.25
N PRO A 42 3.56 -5.20 5.62
CA PRO A 42 4.51 -4.90 4.57
C PRO A 42 3.84 -4.75 3.21
N ILE A 43 4.22 -3.71 2.50
CA ILE A 43 3.76 -3.50 1.15
C ILE A 43 4.82 -3.98 0.19
N PHE A 44 4.41 -4.74 -0.79
CA PHE A 44 5.33 -5.31 -1.75
C PHE A 44 5.07 -4.73 -3.13
N PHE A 45 6.13 -4.62 -3.92
CA PHE A 45 6.05 -3.99 -5.23
C PHE A 45 5.20 -4.81 -6.18
N GLY A 46 4.02 -4.31 -6.50
CA GLY A 46 3.15 -5.01 -7.41
C GLY A 46 1.79 -5.36 -6.82
N GLU A 47 1.56 -5.03 -5.55
CA GLU A 47 0.28 -5.36 -4.94
C GLU A 47 -0.72 -4.25 -5.18
N THR A 48 -1.98 -4.63 -5.32
CA THR A 48 -3.05 -3.69 -5.64
C THR A 48 -3.91 -3.40 -4.43
N VAL A 49 -3.81 -2.22 -3.87
CA VAL A 49 -4.53 -1.89 -2.66
C VAL A 49 -5.97 -1.51 -2.97
N LEU A 50 -6.88 -2.09 -2.21
CA LEU A 50 -8.30 -1.87 -2.37
C LEU A 50 -8.87 -1.26 -1.10
N THR A 51 -9.26 0.00 -1.16
CA THR A 51 -9.88 0.65 -0.03
C THR A 51 -11.37 0.79 -0.29
N GLY A 52 -12.14 0.89 0.78
CA GLY A 52 -13.56 1.06 0.65
C GLY A 52 -14.05 2.29 1.37
N GLY A 53 -14.95 3.03 0.73
CA GLY A 53 -15.53 4.22 1.32
C GLY A 53 -14.50 5.28 1.63
N SER A 54 -14.10 5.37 2.90
CA SER A 54 -13.13 6.36 3.33
C SER A 54 -11.82 5.69 3.73
N GLY A 55 -11.64 4.44 3.31
CA GLY A 55 -10.41 3.70 3.59
C GLY A 55 -9.15 4.51 3.31
N SER A 56 -8.42 4.89 4.34
CA SER A 56 -7.27 5.77 4.19
C SER A 56 -6.05 5.11 4.81
N VAL A 57 -4.96 5.08 4.08
CA VAL A 57 -3.79 4.31 4.49
C VAL A 57 -2.50 5.06 4.19
N THR A 58 -1.63 5.13 5.19
CA THR A 58 -0.31 5.72 5.04
C THR A 58 0.72 4.62 4.92
N ILE A 59 1.26 4.45 3.73
CA ILE A 59 2.32 3.50 3.49
C ILE A 59 3.66 4.19 3.54
N ALA A 60 4.40 3.89 4.59
CA ALA A 60 5.73 4.46 4.76
C ALA A 60 6.74 3.60 4.01
N PHE A 61 7.13 4.07 2.85
CA PHE A 61 8.06 3.34 2.01
C PHE A 61 9.44 3.28 2.64
N VAL A 62 10.13 2.20 2.36
CA VAL A 62 11.37 1.87 3.01
C VAL A 62 12.51 2.77 2.50
N ASP A 63 12.22 3.54 1.45
CA ASP A 63 13.18 4.49 0.91
C ASP A 63 13.20 5.76 1.75
N GLY A 64 12.13 5.99 2.49
CA GLY A 64 12.01 7.18 3.30
C GLY A 64 10.81 8.02 2.92
N THR A 65 10.19 7.67 1.81
CA THR A 65 8.99 8.35 1.34
C THR A 65 7.75 7.77 2.01
N ASP A 66 6.67 8.55 2.07
CA ASP A 66 5.41 8.06 2.63
C ASP A 66 4.27 8.44 1.70
N VAL A 67 3.31 7.55 1.54
CA VAL A 67 2.16 7.81 0.71
C VAL A 67 0.87 7.71 1.48
N VAL A 68 -0.21 8.08 0.83
CA VAL A 68 -1.53 7.99 1.42
C VAL A 68 -2.54 7.51 0.38
N ILE A 69 -3.35 6.55 0.77
CA ILE A 69 -4.36 6.01 -0.11
C ILE A 69 -5.73 6.56 0.26
N GLY A 70 -6.48 7.01 -0.73
CA GLY A 70 -7.83 7.46 -0.49
C GLY A 70 -8.80 6.30 -0.40
N GLY A 71 -10.05 6.60 -0.16
CA GLY A 71 -11.03 5.56 0.11
C GLY A 71 -11.80 5.18 -1.12
N ASP A 72 -12.31 3.95 -1.13
CA ASP A 72 -13.02 3.41 -2.29
C ASP A 72 -12.09 3.41 -3.51
N SER A 73 -10.80 3.53 -3.24
CA SER A 73 -9.81 3.61 -4.29
C SER A 73 -9.08 2.28 -4.47
N ILE A 74 -8.53 2.09 -5.67
CA ILE A 74 -7.81 0.88 -6.01
C ILE A 74 -6.59 1.24 -6.87
N VAL A 75 -5.41 0.88 -6.39
CA VAL A 75 -4.18 1.22 -7.10
C VAL A 75 -3.10 0.17 -6.83
N GLU A 76 -2.30 -0.11 -7.86
CA GLU A 76 -1.20 -1.06 -7.71
C GLU A 76 0.07 -0.34 -7.29
N MET A 77 0.77 -0.93 -6.34
CA MET A 77 2.02 -0.39 -5.83
C MET A 77 3.11 -0.48 -6.89
N THR A 78 3.21 0.54 -7.72
CA THR A 78 4.17 0.56 -8.80
C THR A 78 5.23 1.63 -8.56
N ASP A 79 5.97 1.99 -9.60
CA ASP A 79 7.02 2.99 -9.49
C ASP A 79 6.42 4.39 -9.40
N GLU A 80 5.22 4.55 -9.95
CA GLU A 80 4.47 5.80 -9.79
C GLU A 80 4.10 6.00 -8.35
N ILE A 81 3.92 4.88 -7.67
CA ILE A 81 3.59 4.85 -6.27
C ILE A 81 4.85 4.99 -5.43
N TYR A 82 5.83 4.16 -5.72
CA TYR A 82 7.07 4.13 -4.97
C TYR A 82 8.17 4.81 -5.76
N ASN A 83 8.21 6.14 -5.65
CA ASN A 83 9.27 6.92 -6.26
C ASN A 83 10.55 6.77 -5.43
N THR A 84 11.45 5.93 -5.90
CA THR A 84 12.69 5.64 -5.20
C THR A 84 13.76 6.68 -5.47
N GLY A 85 14.23 7.31 -4.42
CA GLY A 85 15.27 8.30 -4.55
C GLY A 85 15.77 8.76 -3.20
N ASP A 86 14.90 9.47 -2.48
CA ASP A 86 15.18 9.90 -1.11
C ASP A 86 13.95 10.61 -0.55
N ASN A 87 13.29 11.38 -1.41
CA ASN A 87 12.08 12.09 -1.06
C ASN A 87 11.57 12.88 -2.26
N GLY A 12 9.97 -11.06 -4.28
CA GLY A 12 9.04 -10.01 -3.80
C GLY A 12 9.46 -9.43 -2.48
N ASN A 13 10.13 -8.30 -2.50
CA ASN A 13 10.57 -7.64 -1.29
C ASN A 13 9.55 -6.61 -0.83
N ALA A 14 9.56 -6.34 0.46
CA ALA A 14 8.63 -5.39 1.05
C ALA A 14 9.16 -3.98 0.87
N ILE A 15 8.49 -3.23 0.03
CA ILE A 15 8.95 -1.91 -0.39
C ILE A 15 8.47 -0.82 0.56
N GLY A 16 7.50 -1.16 1.40
CA GLY A 16 6.98 -0.19 2.34
C GLY A 16 6.18 -0.85 3.43
N PHE A 17 5.73 -0.06 4.38
CA PHE A 17 5.00 -0.59 5.52
C PHE A 17 3.91 0.38 5.96
N ILE A 18 2.84 -0.17 6.49
CA ILE A 18 1.70 0.63 6.93
C ILE A 18 2.01 1.33 8.25
N THR A 19 1.85 2.64 8.28
CA THR A 19 2.06 3.39 9.51
C THR A 19 0.77 4.06 9.96
N LYS A 20 -0.17 4.15 9.03
CA LYS A 20 -1.50 4.66 9.34
C LYS A 20 -2.50 3.91 8.49
N LEU A 21 -3.67 3.64 9.04
CA LEU A 21 -4.67 2.85 8.36
C LEU A 21 -6.05 3.08 8.95
N ASP A 22 -7.05 3.16 8.08
CA ASP A 22 -8.43 3.33 8.53
C ASP A 22 -9.39 2.59 7.63
N GLY A 23 -10.44 2.08 8.24
CA GLY A 23 -11.56 1.59 7.49
C GLY A 23 -11.35 0.20 6.91
N SER A 24 -11.94 -0.01 5.74
CA SER A 24 -11.93 -1.31 5.08
C SER A 24 -10.90 -1.32 3.96
N VAL A 25 -9.88 -2.16 4.10
CA VAL A 25 -8.79 -2.20 3.15
C VAL A 25 -8.41 -3.63 2.78
N THR A 26 -7.88 -3.77 1.58
CA THR A 26 -7.45 -5.05 1.03
C THR A 26 -6.28 -4.81 0.09
N VAL A 27 -5.48 -5.83 -0.17
CA VAL A 27 -4.46 -5.71 -1.21
C VAL A 27 -4.45 -6.94 -2.10
N GLN A 28 -4.29 -6.70 -3.38
CA GLN A 28 -4.21 -7.74 -4.38
C GLN A 28 -2.79 -7.88 -4.87
N SER A 29 -2.07 -8.85 -4.36
CA SER A 29 -0.67 -9.04 -4.74
C SER A 29 -0.55 -9.37 -6.23
N ILE A 30 0.66 -9.56 -6.71
CA ILE A 30 0.90 -9.79 -8.12
C ILE A 30 0.19 -11.05 -8.61
N ASN A 31 0.05 -12.02 -7.72
CA ASN A 31 -0.65 -13.27 -8.02
C ASN A 31 -2.16 -13.08 -7.92
N GLY A 32 -2.58 -11.91 -7.46
CA GLY A 32 -3.99 -11.59 -7.40
C GLY A 32 -4.60 -11.90 -6.05
N GLN A 33 -3.78 -12.38 -5.14
CA GLN A 33 -4.22 -12.74 -3.80
C GLN A 33 -4.64 -11.50 -3.02
N GLU A 34 -5.89 -11.51 -2.58
CA GLU A 34 -6.42 -10.44 -1.76
C GLU A 34 -6.29 -10.77 -0.28
N ARG A 35 -5.53 -9.96 0.44
CA ARG A 35 -5.42 -10.10 1.88
C ARG A 35 -5.89 -8.82 2.54
N VAL A 36 -6.08 -8.88 3.85
CA VAL A 36 -6.48 -7.70 4.59
C VAL A 36 -5.24 -7.02 5.14
N LEU A 37 -5.21 -5.71 5.03
CA LEU A 37 -4.05 -4.98 5.46
C LEU A 37 -4.24 -4.42 6.85
N LYS A 38 -3.12 -4.23 7.53
CA LYS A 38 -3.13 -3.83 8.93
C LYS A 38 -2.07 -2.78 9.13
N LEU A 39 -1.91 -2.32 10.35
CA LEU A 39 -0.82 -1.41 10.64
C LEU A 39 0.47 -2.20 10.73
N GLY A 40 1.53 -1.64 10.21
CA GLY A 40 2.80 -2.32 10.25
C GLY A 40 2.89 -3.42 9.21
N ASP A 41 1.83 -3.57 8.42
CA ASP A 41 1.81 -4.58 7.37
C ASP A 41 2.68 -4.16 6.21
N PRO A 42 3.44 -5.13 5.71
CA PRO A 42 4.39 -4.93 4.63
C PRO A 42 3.74 -4.83 3.27
N ILE A 43 4.12 -3.79 2.54
CA ILE A 43 3.70 -3.62 1.17
C ILE A 43 4.79 -4.07 0.24
N PHE A 44 4.42 -4.80 -0.78
CA PHE A 44 5.37 -5.35 -1.72
C PHE A 44 5.14 -4.75 -3.11
N PHE A 45 6.20 -4.75 -3.92
CA PHE A 45 6.13 -4.09 -5.23
C PHE A 45 5.25 -4.88 -6.18
N GLY A 46 4.09 -4.33 -6.50
CA GLY A 46 3.20 -4.98 -7.43
C GLY A 46 1.86 -5.36 -6.83
N GLU A 47 1.57 -4.89 -5.62
CA GLU A 47 0.30 -5.21 -5.01
C GLU A 47 -0.72 -4.10 -5.25
N THR A 48 -1.97 -4.51 -5.41
CA THR A 48 -3.04 -3.60 -5.73
C THR A 48 -3.92 -3.35 -4.51
N VAL A 49 -3.85 -2.16 -3.95
CA VAL A 49 -4.57 -1.87 -2.73
C VAL A 49 -6.02 -1.49 -3.04
N LEU A 50 -6.93 -2.09 -2.29
CA LEU A 50 -8.36 -1.89 -2.48
C LEU A 50 -8.99 -1.36 -1.20
N THR A 51 -9.41 -0.11 -1.22
CA THR A 51 -10.09 0.47 -0.09
C THR A 51 -11.57 0.62 -0.41
N GLY A 52 -12.40 0.71 0.61
CA GLY A 52 -13.83 0.81 0.39
C GLY A 52 -14.50 1.85 1.25
N GLY A 53 -14.91 2.95 0.62
CA GLY A 53 -15.57 4.04 1.32
C GLY A 53 -14.69 4.69 2.37
N SER A 54 -14.72 4.13 3.55
CA SER A 54 -13.85 4.54 4.62
C SER A 54 -12.62 3.65 4.59
N GLY A 55 -11.61 4.11 3.90
CA GLY A 55 -10.37 3.38 3.80
C GLY A 55 -9.19 4.29 3.55
N SER A 56 -8.53 4.74 4.62
CA SER A 56 -7.43 5.69 4.50
C SER A 56 -6.15 5.07 5.02
N VAL A 57 -5.20 4.85 4.14
CA VAL A 57 -4.03 4.09 4.48
C VAL A 57 -2.76 4.87 4.17
N THR A 58 -1.76 4.74 5.03
CA THR A 58 -0.48 5.39 4.83
C THR A 58 0.63 4.35 4.74
N ILE A 59 1.16 4.22 3.54
CA ILE A 59 2.25 3.29 3.29
C ILE A 59 3.56 4.02 3.30
N ALA A 60 4.28 3.87 4.38
CA ALA A 60 5.58 4.48 4.52
C ALA A 60 6.62 3.59 3.85
N PHE A 61 7.04 3.99 2.66
CA PHE A 61 7.99 3.21 1.89
C PHE A 61 9.33 3.15 2.59
N VAL A 62 10.01 2.04 2.37
CA VAL A 62 11.24 1.74 3.07
C VAL A 62 12.39 2.65 2.60
N ASP A 63 12.12 3.41 1.55
CA ASP A 63 13.09 4.37 1.01
C ASP A 63 13.12 5.64 1.84
N GLY A 64 12.05 5.89 2.57
CA GLY A 64 11.93 7.13 3.32
C GLY A 64 10.78 7.98 2.81
N THR A 65 10.24 7.59 1.67
CA THR A 65 9.07 8.26 1.11
C THR A 65 7.79 7.65 1.71
N ASP A 66 6.68 8.37 1.61
CA ASP A 66 5.42 7.88 2.16
C ASP A 66 4.30 8.03 1.13
N VAL A 67 3.28 7.22 1.26
CA VAL A 67 2.13 7.28 0.37
C VAL A 67 0.84 7.15 1.15
N VAL A 68 -0.22 7.75 0.64
CA VAL A 68 -1.52 7.69 1.30
C VAL A 68 -2.59 7.25 0.31
N ILE A 69 -3.52 6.44 0.78
CA ILE A 69 -4.57 5.91 -0.06
C ILE A 69 -5.93 6.41 0.41
N GLY A 70 -6.72 6.92 -0.53
CA GLY A 70 -8.06 7.35 -0.22
C GLY A 70 -9.02 6.18 -0.12
N GLY A 71 -10.27 6.47 0.17
CA GLY A 71 -11.24 5.44 0.41
C GLY A 71 -12.03 5.12 -0.83
N ASP A 72 -12.45 3.86 -0.96
CA ASP A 72 -13.10 3.38 -2.19
C ASP A 72 -12.14 3.57 -3.38
N SER A 73 -10.86 3.63 -3.07
CA SER A 73 -9.84 3.77 -4.09
C SER A 73 -9.13 2.46 -4.34
N ILE A 74 -8.51 2.36 -5.49
CA ILE A 74 -7.74 1.19 -5.88
C ILE A 74 -6.48 1.63 -6.59
N VAL A 75 -5.34 1.18 -6.13
CA VAL A 75 -4.06 1.59 -6.71
C VAL A 75 -3.04 0.47 -6.63
N GLU A 76 -2.23 0.34 -7.66
CA GLU A 76 -1.22 -0.69 -7.73
C GLU A 76 0.15 -0.12 -7.39
N MET A 77 0.80 -0.72 -6.40
CA MET A 77 2.10 -0.27 -5.92
C MET A 77 3.16 -0.43 -7.01
N THR A 78 3.32 0.60 -7.82
CA THR A 78 4.24 0.57 -8.94
C THR A 78 5.34 1.62 -8.80
N ASP A 79 6.06 1.88 -9.90
CA ASP A 79 7.21 2.79 -9.87
C ASP A 79 6.81 4.22 -9.56
N GLU A 80 5.74 4.68 -10.20
CA GLU A 80 5.22 6.03 -9.95
C GLU A 80 4.77 6.17 -8.50
N ILE A 81 4.32 5.06 -7.95
CA ILE A 81 3.92 4.99 -6.56
C ILE A 81 5.13 5.06 -5.64
N TYR A 82 6.09 4.20 -5.90
CA TYR A 82 7.27 4.09 -5.06
C TYR A 82 8.46 4.74 -5.75
N ASN A 83 8.52 6.06 -5.66
CA ASN A 83 9.65 6.81 -6.18
C ASN A 83 10.80 6.74 -5.19
N THR A 84 11.81 5.95 -5.52
CA THR A 84 12.94 5.73 -4.63
C THR A 84 13.92 6.90 -4.71
N GLY A 85 14.23 7.49 -3.57
CA GLY A 85 15.21 8.55 -3.51
C GLY A 85 16.57 8.04 -3.09
N ASP A 86 16.66 6.75 -2.82
CA ASP A 86 17.92 6.12 -2.48
C ASP A 86 18.83 6.06 -3.69
N ASN A 87 20.00 6.67 -3.56
CA ASN A 87 20.99 6.68 -4.63
C ASN A 87 21.58 5.28 -4.79
N GLY A 12 10.31 -11.01 -5.01
CA GLY A 12 9.55 -9.86 -4.45
C GLY A 12 10.08 -9.45 -3.10
N ASN A 13 10.07 -8.15 -2.84
CA ASN A 13 10.55 -7.62 -1.57
C ASN A 13 9.58 -6.58 -1.05
N ALA A 14 9.66 -6.32 0.25
CA ALA A 14 8.79 -5.36 0.90
C ALA A 14 9.30 -3.95 0.64
N ILE A 15 8.47 -3.16 -0.03
CA ILE A 15 8.87 -1.85 -0.49
C ILE A 15 8.40 -0.76 0.47
N GLY A 16 7.53 -1.13 1.39
CA GLY A 16 7.01 -0.17 2.36
C GLY A 16 6.22 -0.86 3.44
N PHE A 17 5.73 -0.08 4.39
CA PHE A 17 5.04 -0.64 5.53
C PHE A 17 3.90 0.29 5.97
N ILE A 18 2.88 -0.29 6.57
CA ILE A 18 1.73 0.48 7.03
C ILE A 18 2.00 1.12 8.36
N THR A 19 1.92 2.45 8.40
CA THR A 19 2.15 3.19 9.63
C THR A 19 0.86 3.83 10.09
N LYS A 20 -0.03 4.10 9.15
CA LYS A 20 -1.36 4.56 9.45
C LYS A 20 -2.34 3.81 8.56
N LEU A 21 -3.53 3.57 9.07
CA LEU A 21 -4.52 2.80 8.34
C LEU A 21 -5.91 3.09 8.86
N ASP A 22 -6.86 3.17 7.95
CA ASP A 22 -8.24 3.43 8.30
C ASP A 22 -9.21 2.72 7.40
N GLY A 23 -10.30 2.29 7.99
CA GLY A 23 -11.42 1.87 7.23
C GLY A 23 -11.31 0.45 6.72
N SER A 24 -11.90 0.20 5.56
CA SER A 24 -11.88 -1.13 4.96
C SER A 24 -10.87 -1.17 3.83
N VAL A 25 -9.77 -1.90 4.05
CA VAL A 25 -8.69 -1.94 3.08
C VAL A 25 -8.24 -3.38 2.80
N THR A 26 -7.71 -3.58 1.60
CA THR A 26 -7.22 -4.88 1.15
C THR A 26 -6.08 -4.67 0.17
N VAL A 27 -5.26 -5.69 -0.04
CA VAL A 27 -4.21 -5.59 -1.03
C VAL A 27 -4.19 -6.84 -1.91
N GLN A 28 -4.15 -6.62 -3.20
CA GLN A 28 -4.13 -7.70 -4.17
C GLN A 28 -2.73 -7.88 -4.72
N SER A 29 -2.01 -8.85 -4.19
CA SER A 29 -0.62 -9.06 -4.58
C SER A 29 -0.50 -9.39 -6.07
N ILE A 30 0.71 -9.49 -6.59
CA ILE A 30 0.91 -9.72 -8.02
C ILE A 30 0.17 -10.97 -8.52
N ASN A 31 0.06 -11.96 -7.65
CA ASN A 31 -0.65 -13.20 -7.98
C ASN A 31 -2.17 -13.00 -7.96
N GLY A 32 -2.61 -11.87 -7.42
CA GLY A 32 -4.03 -11.55 -7.38
C GLY A 32 -4.65 -11.93 -6.05
N GLN A 33 -3.81 -12.35 -5.13
CA GLN A 33 -4.27 -12.72 -3.80
C GLN A 33 -4.61 -11.48 -3.00
N GLU A 34 -5.83 -11.44 -2.49
CA GLU A 34 -6.28 -10.30 -1.69
C GLU A 34 -6.02 -10.53 -0.21
N ARG A 35 -5.09 -9.77 0.31
CA ARG A 35 -4.74 -9.81 1.72
C ARG A 35 -5.30 -8.59 2.43
N VAL A 36 -5.83 -8.79 3.62
CA VAL A 36 -6.32 -7.68 4.41
C VAL A 36 -5.14 -6.96 5.06
N LEU A 37 -5.18 -5.65 5.05
CA LEU A 37 -4.10 -4.87 5.61
C LEU A 37 -4.45 -4.33 6.97
N LYS A 38 -3.59 -4.58 7.92
CA LYS A 38 -3.66 -3.99 9.23
C LYS A 38 -2.41 -3.15 9.42
N LEU A 39 -2.28 -2.50 10.55
CA LEU A 39 -1.09 -1.69 10.77
C LEU A 39 0.13 -2.58 10.87
N GLY A 40 1.25 -2.07 10.40
CA GLY A 40 2.48 -2.82 10.49
C GLY A 40 2.61 -3.87 9.42
N ASP A 41 1.62 -3.97 8.55
CA ASP A 41 1.72 -4.87 7.41
C ASP A 41 2.70 -4.30 6.40
N PRO A 42 3.47 -5.18 5.77
CA PRO A 42 4.43 -4.81 4.77
C PRO A 42 3.84 -4.78 3.36
N ILE A 43 4.18 -3.76 2.59
CA ILE A 43 3.74 -3.66 1.22
C ILE A 43 4.83 -4.15 0.29
N PHE A 44 4.43 -4.86 -0.74
CA PHE A 44 5.37 -5.41 -1.70
C PHE A 44 5.09 -4.81 -3.07
N PHE A 45 6.10 -4.79 -3.93
CA PHE A 45 5.98 -4.15 -5.24
C PHE A 45 5.08 -4.97 -6.16
N GLY A 46 3.98 -4.37 -6.59
CA GLY A 46 3.10 -5.04 -7.51
C GLY A 46 1.75 -5.36 -6.92
N GLU A 47 1.52 -5.01 -5.65
CA GLU A 47 0.23 -5.28 -5.04
C GLU A 47 -0.76 -4.16 -5.33
N THR A 48 -2.01 -4.56 -5.43
CA THR A 48 -3.10 -3.66 -5.79
C THR A 48 -3.96 -3.37 -4.57
N VAL A 49 -3.89 -2.18 -4.04
CA VAL A 49 -4.58 -1.85 -2.81
C VAL A 49 -6.05 -1.51 -3.09
N LEU A 50 -6.92 -2.04 -2.25
CA LEU A 50 -8.35 -1.90 -2.42
C LEU A 50 -8.98 -1.33 -1.16
N THR A 51 -9.38 -0.08 -1.22
CA THR A 51 -10.12 0.52 -0.12
C THR A 51 -11.58 0.64 -0.51
N GLY A 52 -12.45 0.84 0.46
CA GLY A 52 -13.87 0.96 0.17
C GLY A 52 -14.55 2.00 1.02
N GLY A 53 -15.13 3.00 0.37
CA GLY A 53 -15.80 4.09 1.07
C GLY A 53 -14.91 4.76 2.08
N SER A 54 -15.02 4.31 3.32
CA SER A 54 -14.20 4.80 4.40
C SER A 54 -12.93 3.97 4.46
N GLY A 55 -11.95 4.39 3.70
CA GLY A 55 -10.65 3.76 3.70
C GLY A 55 -9.53 4.78 3.60
N SER A 56 -8.47 4.59 4.37
CA SER A 56 -7.26 5.38 4.19
C SER A 56 -6.08 4.59 4.70
N VAL A 57 -4.93 4.83 4.13
CA VAL A 57 -3.74 4.07 4.48
C VAL A 57 -2.49 4.91 4.26
N THR A 58 -1.58 4.86 5.19
CA THR A 58 -0.30 5.49 5.04
C THR A 58 0.79 4.44 4.90
N ILE A 59 1.26 4.29 3.67
CA ILE A 59 2.32 3.35 3.38
C ILE A 59 3.66 4.08 3.39
N ALA A 60 4.37 3.95 4.49
CA ALA A 60 5.68 4.53 4.60
C ALA A 60 6.67 3.63 3.89
N PHE A 61 7.07 4.04 2.69
CA PHE A 61 7.96 3.25 1.87
C PHE A 61 9.34 3.14 2.50
N VAL A 62 9.99 2.03 2.20
CA VAL A 62 11.25 1.68 2.82
C VAL A 62 12.41 2.52 2.28
N ASP A 63 12.09 3.45 1.37
CA ASP A 63 13.10 4.35 0.82
C ASP A 63 13.14 5.66 1.60
N GLY A 64 12.07 5.94 2.31
CA GLY A 64 11.97 7.20 3.02
C GLY A 64 10.74 7.98 2.63
N THR A 65 10.19 7.66 1.45
CA THR A 65 8.98 8.29 0.97
C THR A 65 7.74 7.70 1.67
N ASP A 66 6.64 8.42 1.64
CA ASP A 66 5.40 7.94 2.24
C ASP A 66 4.24 8.14 1.27
N VAL A 67 3.28 7.25 1.28
CA VAL A 67 2.13 7.35 0.40
C VAL A 67 0.84 7.17 1.18
N VAL A 68 -0.20 7.85 0.74
CA VAL A 68 -1.50 7.76 1.37
C VAL A 68 -2.54 7.27 0.37
N ILE A 69 -3.41 6.39 0.82
CA ILE A 69 -4.44 5.83 -0.03
C ILE A 69 -5.80 6.35 0.40
N GLY A 70 -6.60 6.77 -0.57
CA GLY A 70 -7.93 7.28 -0.28
C GLY A 70 -8.94 6.17 -0.11
N GLY A 71 -10.21 6.54 -0.06
CA GLY A 71 -11.26 5.58 0.18
C GLY A 71 -11.95 5.17 -1.10
N ASP A 72 -12.32 3.89 -1.19
CA ASP A 72 -12.88 3.33 -2.42
C ASP A 72 -11.88 3.45 -3.56
N SER A 73 -10.61 3.59 -3.20
CA SER A 73 -9.55 3.73 -4.17
C SER A 73 -8.87 2.38 -4.41
N ILE A 74 -8.30 2.24 -5.59
CA ILE A 74 -7.66 1.01 -6.00
C ILE A 74 -6.41 1.34 -6.79
N VAL A 75 -5.25 1.16 -6.18
CA VAL A 75 -4.00 1.54 -6.79
C VAL A 75 -2.96 0.44 -6.68
N GLU A 76 -2.09 0.39 -7.66
CA GLU A 76 -1.10 -0.68 -7.74
C GLU A 76 0.28 -0.14 -7.36
N MET A 77 0.93 -0.84 -6.44
CA MET A 77 2.26 -0.46 -5.97
C MET A 77 3.29 -0.56 -7.09
N THR A 78 3.46 0.54 -7.80
CA THR A 78 4.39 0.60 -8.93
C THR A 78 5.39 1.72 -8.75
N ASP A 79 6.08 2.06 -9.83
CA ASP A 79 7.06 3.15 -9.81
C ASP A 79 6.36 4.49 -9.63
N GLU A 80 5.10 4.54 -10.05
CA GLU A 80 4.28 5.74 -9.95
C GLU A 80 3.85 5.97 -8.51
N ILE A 81 3.91 4.90 -7.74
CA ILE A 81 3.54 4.93 -6.34
C ILE A 81 4.75 5.05 -5.45
N TYR A 82 5.68 4.13 -5.64
CA TYR A 82 6.87 4.04 -4.82
C TYR A 82 8.02 4.78 -5.49
N ASN A 83 8.08 6.07 -5.25
CA ASN A 83 9.19 6.87 -5.70
C ASN A 83 10.42 6.58 -4.83
N THR A 84 11.44 6.02 -5.45
CA THR A 84 12.69 5.76 -4.77
C THR A 84 13.67 6.90 -4.99
N GLY A 85 14.01 7.60 -3.92
CA GLY A 85 14.90 8.73 -4.02
C GLY A 85 14.58 9.82 -3.02
N ASP A 86 14.31 9.42 -1.79
CA ASP A 86 14.05 10.38 -0.72
C ASP A 86 15.36 10.92 -0.17
N ASN A 87 16.18 11.46 -1.05
CA ASN A 87 17.49 11.98 -0.70
C ASN A 87 18.06 12.76 -1.86
N GLY A 12 9.34 -9.45 -5.68
CA GLY A 12 8.22 -9.14 -4.75
C GLY A 12 8.70 -8.91 -3.33
N ASN A 13 9.56 -7.92 -3.14
CA ASN A 13 10.07 -7.59 -1.81
C ASN A 13 9.18 -6.57 -1.15
N ALA A 14 9.34 -6.42 0.16
CA ALA A 14 8.57 -5.45 0.90
C ALA A 14 9.16 -4.06 0.73
N ILE A 15 8.45 -3.23 0.00
CA ILE A 15 8.95 -1.93 -0.42
C ILE A 15 8.51 -0.83 0.52
N GLY A 16 7.58 -1.15 1.40
CA GLY A 16 7.09 -0.19 2.36
C GLY A 16 6.24 -0.84 3.41
N PHE A 17 5.82 -0.08 4.38
CA PHE A 17 5.10 -0.63 5.52
C PHE A 17 4.03 0.34 5.98
N ILE A 18 2.97 -0.20 6.56
CA ILE A 18 1.85 0.61 7.00
C ILE A 18 2.14 1.30 8.32
N THR A 19 2.02 2.62 8.35
CA THR A 19 2.23 3.38 9.58
C THR A 19 0.94 4.04 10.03
N LYS A 20 0.02 4.20 9.08
CA LYS A 20 -1.32 4.68 9.39
C LYS A 20 -2.31 3.91 8.52
N LEU A 21 -3.47 3.60 9.06
CA LEU A 21 -4.45 2.82 8.33
C LEU A 21 -5.82 2.99 8.95
N ASP A 22 -6.83 3.07 8.09
CA ASP A 22 -8.20 3.22 8.53
C ASP A 22 -9.17 2.71 7.48
N GLY A 23 -10.38 2.39 7.91
CA GLY A 23 -11.42 1.98 6.99
C GLY A 23 -11.24 0.56 6.49
N SER A 24 -11.95 0.23 5.43
CA SER A 24 -11.91 -1.10 4.87
C SER A 24 -10.84 -1.19 3.79
N VAL A 25 -9.83 -2.01 4.01
CA VAL A 25 -8.72 -2.09 3.07
C VAL A 25 -8.33 -3.54 2.76
N THR A 26 -7.78 -3.72 1.58
CA THR A 26 -7.35 -5.02 1.08
C THR A 26 -6.18 -4.81 0.12
N VAL A 27 -5.38 -5.83 -0.12
CA VAL A 27 -4.35 -5.73 -1.14
C VAL A 27 -4.34 -6.97 -2.03
N GLN A 28 -4.24 -6.75 -3.33
CA GLN A 28 -4.16 -7.82 -4.31
C GLN A 28 -2.72 -7.98 -4.77
N SER A 29 -2.04 -8.97 -4.24
CA SER A 29 -0.65 -9.21 -4.58
C SER A 29 -0.50 -9.56 -6.06
N ILE A 30 0.74 -9.73 -6.52
CA ILE A 30 1.00 -10.01 -7.93
C ILE A 30 0.46 -11.38 -8.36
N ASN A 31 -0.04 -12.14 -7.38
CA ASN A 31 -0.70 -13.41 -7.66
C ASN A 31 -2.19 -13.19 -7.83
N GLY A 32 -2.62 -11.97 -7.53
CA GLY A 32 -4.02 -11.62 -7.59
C GLY A 32 -4.74 -11.96 -6.30
N GLN A 33 -3.95 -12.37 -5.33
CA GLN A 33 -4.48 -12.73 -4.03
C GLN A 33 -4.75 -11.50 -3.19
N GLU A 34 -5.96 -11.42 -2.67
CA GLU A 34 -6.39 -10.29 -1.87
C GLU A 34 -6.35 -10.61 -0.38
N ARG A 35 -5.52 -9.90 0.36
CA ARG A 35 -5.45 -10.06 1.81
C ARG A 35 -5.89 -8.78 2.48
N VAL A 36 -6.10 -8.86 3.78
CA VAL A 36 -6.45 -7.69 4.56
C VAL A 36 -5.18 -6.98 5.02
N LEU A 37 -5.19 -5.67 4.99
CA LEU A 37 -4.05 -4.91 5.42
C LEU A 37 -4.25 -4.37 6.82
N LYS A 38 -3.14 -4.19 7.52
CA LYS A 38 -3.17 -3.78 8.91
C LYS A 38 -2.04 -2.80 9.15
N LEU A 39 -1.92 -2.30 10.36
CA LEU A 39 -0.81 -1.42 10.66
C LEU A 39 0.45 -2.25 10.78
N GLY A 40 1.54 -1.74 10.24
CA GLY A 40 2.77 -2.45 10.29
C GLY A 40 2.84 -3.55 9.24
N ASP A 41 1.79 -3.64 8.43
CA ASP A 41 1.77 -4.62 7.34
C ASP A 41 2.67 -4.17 6.21
N PRO A 42 3.36 -5.13 5.62
CA PRO A 42 4.37 -4.90 4.59
C PRO A 42 3.78 -4.80 3.17
N ILE A 43 4.10 -3.73 2.48
CA ILE A 43 3.67 -3.56 1.12
C ILE A 43 4.74 -4.07 0.18
N PHE A 44 4.31 -4.83 -0.80
CA PHE A 44 5.22 -5.42 -1.77
C PHE A 44 5.00 -4.78 -3.14
N PHE A 45 6.05 -4.73 -3.95
CA PHE A 45 6.00 -4.07 -5.24
C PHE A 45 5.11 -4.83 -6.20
N GLY A 46 4.00 -4.22 -6.58
CA GLY A 46 3.11 -4.84 -7.55
C GLY A 46 1.76 -5.19 -6.98
N GLU A 47 1.52 -4.90 -5.70
CA GLU A 47 0.24 -5.26 -5.09
C GLU A 47 -0.79 -4.16 -5.33
N THR A 48 -2.01 -4.58 -5.52
CA THR A 48 -3.11 -3.68 -5.81
C THR A 48 -3.95 -3.43 -4.57
N VAL A 49 -3.84 -2.24 -4.00
CA VAL A 49 -4.55 -1.93 -2.76
C VAL A 49 -5.99 -1.55 -3.06
N LEU A 50 -6.89 -2.18 -2.33
CA LEU A 50 -8.31 -1.99 -2.51
C LEU A 50 -8.93 -1.46 -1.23
N THR A 51 -9.23 -0.17 -1.20
CA THR A 51 -9.89 0.41 -0.06
C THR A 51 -11.38 0.57 -0.37
N GLY A 52 -12.18 0.67 0.66
CA GLY A 52 -13.59 0.86 0.48
C GLY A 52 -14.17 1.87 1.45
N GLY A 53 -15.04 2.72 0.95
CA GLY A 53 -15.71 3.72 1.75
C GLY A 53 -14.77 4.60 2.55
N SER A 54 -14.69 4.34 3.85
CA SER A 54 -13.91 5.16 4.76
C SER A 54 -12.46 4.71 4.81
N GLY A 55 -11.99 4.10 3.72
CA GLY A 55 -10.63 3.61 3.66
C GLY A 55 -9.60 4.72 3.56
N SER A 56 -8.53 4.62 4.33
CA SER A 56 -7.40 5.52 4.23
C SER A 56 -6.16 4.82 4.78
N VAL A 57 -5.05 4.90 4.06
CA VAL A 57 -3.85 4.18 4.47
C VAL A 57 -2.61 5.03 4.22
N THR A 58 -1.63 4.89 5.09
CA THR A 58 -0.34 5.54 4.92
C THR A 58 0.76 4.49 4.82
N ILE A 59 1.33 4.37 3.65
CA ILE A 59 2.38 3.42 3.43
C ILE A 59 3.73 4.11 3.45
N ALA A 60 4.44 3.93 4.55
CA ALA A 60 5.77 4.46 4.68
C ALA A 60 6.74 3.57 3.91
N PHE A 61 7.17 4.03 2.76
CA PHE A 61 8.06 3.25 1.92
C PHE A 61 9.44 3.13 2.55
N VAL A 62 10.08 2.02 2.28
CA VAL A 62 11.32 1.65 2.93
C VAL A 62 12.48 2.54 2.45
N ASP A 63 12.18 3.40 1.49
CA ASP A 63 13.15 4.39 1.01
C ASP A 63 13.15 5.60 1.93
N GLY A 64 12.06 5.78 2.67
CA GLY A 64 11.94 6.93 3.55
C GLY A 64 10.79 7.82 3.15
N THR A 65 10.17 7.52 2.01
CA THR A 65 9.02 8.26 1.55
C THR A 65 7.73 7.70 2.15
N ASP A 66 6.60 8.34 1.89
CA ASP A 66 5.32 7.85 2.38
C ASP A 66 4.20 8.22 1.42
N VAL A 67 3.17 7.40 1.39
CA VAL A 67 2.02 7.64 0.53
C VAL A 67 0.73 7.51 1.31
N VAL A 68 -0.35 7.96 0.71
CA VAL A 68 -1.65 7.88 1.33
C VAL A 68 -2.71 7.39 0.34
N ILE A 69 -3.49 6.42 0.77
CA ILE A 69 -4.52 5.86 -0.07
C ILE A 69 -5.89 6.34 0.40
N GLY A 70 -6.72 6.79 -0.55
CA GLY A 70 -8.03 7.30 -0.20
C GLY A 70 -9.05 6.20 -0.01
N GLY A 71 -10.33 6.56 -0.10
CA GLY A 71 -11.40 5.62 0.15
C GLY A 71 -12.05 5.15 -1.13
N ASP A 72 -12.39 3.86 -1.18
CA ASP A 72 -12.85 3.23 -2.42
C ASP A 72 -11.77 3.36 -3.49
N SER A 73 -10.54 3.49 -3.02
CA SER A 73 -9.38 3.65 -3.84
C SER A 73 -8.77 2.30 -4.18
N ILE A 74 -8.48 2.11 -5.46
CA ILE A 74 -7.85 0.89 -5.93
C ILE A 74 -6.64 1.25 -6.78
N VAL A 75 -5.45 1.05 -6.23
CA VAL A 75 -4.23 1.46 -6.89
C VAL A 75 -3.17 0.38 -6.75
N GLU A 76 -2.35 0.21 -7.79
CA GLU A 76 -1.31 -0.80 -7.78
C GLU A 76 0.02 -0.17 -7.39
N MET A 77 0.70 -0.80 -6.45
CA MET A 77 1.98 -0.31 -5.94
C MET A 77 3.06 -0.41 -7.00
N THR A 78 3.19 0.64 -7.80
CA THR A 78 4.14 0.65 -8.91
C THR A 78 5.28 1.63 -8.66
N ASP A 79 6.01 1.96 -9.71
CA ASP A 79 7.12 2.91 -9.62
C ASP A 79 6.60 4.33 -9.45
N GLU A 80 5.38 4.57 -9.91
CA GLU A 80 4.73 5.86 -9.73
C GLU A 80 4.36 6.04 -8.28
N ILE A 81 4.06 4.90 -7.67
CA ILE A 81 3.71 4.84 -6.27
C ILE A 81 4.95 4.92 -5.39
N TYR A 82 5.95 4.14 -5.76
CA TYR A 82 7.19 4.07 -5.00
C TYR A 82 8.31 4.71 -5.80
N ASN A 83 8.35 6.03 -5.79
CA ASN A 83 9.43 6.77 -6.41
C ASN A 83 10.56 6.96 -5.40
N THR A 84 11.60 6.15 -5.54
CA THR A 84 12.72 6.17 -4.60
C THR A 84 13.47 7.48 -4.66
N GLY A 85 13.78 8.03 -3.50
CA GLY A 85 14.54 9.25 -3.43
C GLY A 85 15.89 9.04 -2.79
N ASP A 86 15.93 8.19 -1.77
CA ASP A 86 17.16 7.91 -1.04
C ASP A 86 18.02 6.91 -1.81
N ASN A 87 17.37 5.87 -2.35
CA ASN A 87 18.06 4.91 -3.19
C ASN A 87 18.46 5.54 -4.52
#